data_1ZND
# 
_entry.id   1ZND 
# 
_audit_conform.dict_name       mmcif_pdbx.dic 
_audit_conform.dict_version    5.399 
_audit_conform.dict_location   http://mmcif.pdb.org/dictionaries/ascii/mmcif_pdbx.dic 
# 
loop_
_database_2.database_id 
_database_2.database_code 
_database_2.pdbx_database_accession 
_database_2.pdbx_DOI 
PDB   1ZND         pdb_00001znd 10.2210/pdb1znd/pdb 
RCSB  RCSB032921   ?            ?                   
WWPDB D_1000032921 ?            ?                   
# 
loop_
_pdbx_audit_revision_history.ordinal 
_pdbx_audit_revision_history.data_content_type 
_pdbx_audit_revision_history.major_revision 
_pdbx_audit_revision_history.minor_revision 
_pdbx_audit_revision_history.revision_date 
1 'Structure model' 1 0 2005-12-20 
2 'Structure model' 1 1 2008-04-30 
3 'Structure model' 1 2 2011-07-13 
4 'Structure model' 1 3 2023-08-23 
5 'Structure model' 1 4 2024-11-20 
# 
_pdbx_audit_revision_details.ordinal             1 
_pdbx_audit_revision_details.revision_ordinal    1 
_pdbx_audit_revision_details.data_content_type   'Structure model' 
_pdbx_audit_revision_details.provider            repository 
_pdbx_audit_revision_details.type                'Initial release' 
_pdbx_audit_revision_details.description         ? 
_pdbx_audit_revision_details.details             ? 
# 
loop_
_pdbx_audit_revision_group.ordinal 
_pdbx_audit_revision_group.revision_ordinal 
_pdbx_audit_revision_group.data_content_type 
_pdbx_audit_revision_group.group 
1 2 'Structure model' 'Version format compliance' 
2 3 'Structure model' 'Version format compliance' 
3 4 'Structure model' 'Data collection'           
4 4 'Structure model' 'Database references'       
5 4 'Structure model' 'Derived calculations'      
6 4 'Structure model' 'Refinement description'    
7 5 'Structure model' 'Structure summary'         
# 
loop_
_pdbx_audit_revision_category.ordinal 
_pdbx_audit_revision_category.revision_ordinal 
_pdbx_audit_revision_category.data_content_type 
_pdbx_audit_revision_category.category 
1  4 'Structure model' chem_comp_atom                
2  4 'Structure model' chem_comp_bond                
3  4 'Structure model' database_2                    
4  4 'Structure model' pdbx_initial_refinement_model 
5  4 'Structure model' pdbx_struct_conn_angle        
6  4 'Structure model' struct_conn                   
7  4 'Structure model' struct_ref_seq_dif            
8  4 'Structure model' struct_site                   
9  5 'Structure model' pdbx_entry_details            
10 5 'Structure model' pdbx_modification_feature     
# 
loop_
_pdbx_audit_revision_item.ordinal 
_pdbx_audit_revision_item.revision_ordinal 
_pdbx_audit_revision_item.data_content_type 
_pdbx_audit_revision_item.item 
1  4 'Structure model' '_database_2.pdbx_DOI'                        
2  4 'Structure model' '_database_2.pdbx_database_accession'         
3  4 'Structure model' '_pdbx_struct_conn_angle.ptnr1_auth_comp_id'  
4  4 'Structure model' '_pdbx_struct_conn_angle.ptnr1_auth_seq_id'   
5  4 'Structure model' '_pdbx_struct_conn_angle.ptnr1_label_asym_id' 
6  4 'Structure model' '_pdbx_struct_conn_angle.ptnr1_label_atom_id' 
7  4 'Structure model' '_pdbx_struct_conn_angle.ptnr1_label_comp_id' 
8  4 'Structure model' '_pdbx_struct_conn_angle.ptnr1_label_seq_id'  
9  4 'Structure model' '_pdbx_struct_conn_angle.ptnr1_symmetry'      
10 4 'Structure model' '_pdbx_struct_conn_angle.ptnr2_auth_seq_id'   
11 4 'Structure model' '_pdbx_struct_conn_angle.ptnr2_label_asym_id' 
12 4 'Structure model' '_pdbx_struct_conn_angle.ptnr3_auth_comp_id'  
13 4 'Structure model' '_pdbx_struct_conn_angle.ptnr3_auth_seq_id'   
14 4 'Structure model' '_pdbx_struct_conn_angle.ptnr3_label_asym_id' 
15 4 'Structure model' '_pdbx_struct_conn_angle.ptnr3_label_atom_id' 
16 4 'Structure model' '_pdbx_struct_conn_angle.ptnr3_label_comp_id' 
17 4 'Structure model' '_pdbx_struct_conn_angle.ptnr3_label_seq_id'  
18 4 'Structure model' '_pdbx_struct_conn_angle.ptnr3_symmetry'      
19 4 'Structure model' '_pdbx_struct_conn_angle.value'               
20 4 'Structure model' '_struct_conn.pdbx_dist_value'                
21 4 'Structure model' '_struct_conn.ptnr1_auth_comp_id'             
22 4 'Structure model' '_struct_conn.ptnr1_auth_seq_id'              
23 4 'Structure model' '_struct_conn.ptnr1_label_asym_id'            
24 4 'Structure model' '_struct_conn.ptnr1_label_atom_id'            
25 4 'Structure model' '_struct_conn.ptnr1_label_comp_id'            
26 4 'Structure model' '_struct_conn.ptnr1_label_seq_id'             
27 4 'Structure model' '_struct_conn.ptnr1_symmetry'                 
28 4 'Structure model' '_struct_conn.ptnr2_auth_comp_id'             
29 4 'Structure model' '_struct_conn.ptnr2_auth_seq_id'              
30 4 'Structure model' '_struct_conn.ptnr2_label_asym_id'            
31 4 'Structure model' '_struct_conn.ptnr2_label_atom_id'            
32 4 'Structure model' '_struct_conn.ptnr2_label_comp_id'            
33 4 'Structure model' '_struct_conn.ptnr2_label_seq_id'             
34 4 'Structure model' '_struct_conn.ptnr2_symmetry'                 
35 4 'Structure model' '_struct_ref_seq_dif.details'                 
36 4 'Structure model' '_struct_site.pdbx_auth_asym_id'              
37 4 'Structure model' '_struct_site.pdbx_auth_comp_id'              
38 4 'Structure model' '_struct_site.pdbx_auth_seq_id'               
# 
_pdbx_database_status.status_code                     REL 
_pdbx_database_status.entry_id                        1ZND 
_pdbx_database_status.recvd_initial_deposition_date   2005-05-11 
_pdbx_database_status.deposit_site                    RCSB 
_pdbx_database_status.process_site                    RCSB 
_pdbx_database_status.status_code_sf                  REL 
_pdbx_database_status.status_code_mr                  ? 
_pdbx_database_status.SG_entry                        ? 
_pdbx_database_status.pdb_format_compatible           Y 
_pdbx_database_status.status_code_cs                  ? 
_pdbx_database_status.status_code_nmr_data            ? 
_pdbx_database_status.methods_development_category    ? 
# 
loop_
_pdbx_database_related.db_name 
_pdbx_database_related.db_id 
_pdbx_database_related.details 
_pdbx_database_related.content_type 
PDB 1ZNE . unspecified 
PDB 1ZNG . unspecified 
PDB 1ZNH . unspecified 
PDB 1ZNK . unspecified 
PDB 1ZNL . unspecified 
# 
loop_
_audit_author.name 
_audit_author.pdbx_ordinal 
'Malham, R.'     1 
'Johnstone, S.'  2 
'Bingham, R.J.'  3 
'Barratt, E.'    4 
'Phillips, S.E.' 5 
'Laughton, C.A.' 6 
'Homans, S.W.'   7 
# 
_citation.id                        primary 
_citation.title                     'Strong Solute-Solute Dispersive Interactions in a Protein-Ligand Complex.' 
_citation.journal_abbrev            J.Am.Chem.Soc. 
_citation.journal_volume            127 
_citation.page_first                17061 
_citation.page_last                 17067 
_citation.year                      2005 
_citation.journal_id_ASTM           JACSAT 
_citation.country                   US 
_citation.journal_id_ISSN           0002-7863 
_citation.journal_id_CSD            0004 
_citation.book_publisher            ? 
_citation.pdbx_database_id_PubMed   16316253 
_citation.pdbx_database_id_DOI      10.1021/ja055454g 
# 
loop_
_citation_author.citation_id 
_citation_author.name 
_citation_author.ordinal 
_citation_author.identifier_ORCID 
primary 'Malham, R.'     1 ? 
primary 'Johnstone, S.'  2 ? 
primary 'Bingham, R.J.'  3 ? 
primary 'Barratt, E.'    4 ? 
primary 'Phillips, S.E.' 5 ? 
primary 'Laughton, C.A.' 6 ? 
primary 'Homans, S.W.'   7 ? 
# 
loop_
_entity.id 
_entity.type 
_entity.src_method 
_entity.pdbx_description 
_entity.formula_weight 
_entity.pdbx_number_of_molecules 
_entity.pdbx_ec 
_entity.pdbx_mutation 
_entity.pdbx_fragment 
_entity.details 
1 polymer     man 'Major Urinary Protein' 20139.400 1   ? ? ? ? 
2 non-polymer syn 'CADMIUM ION'           112.411   2   ? ? ? ? 
3 non-polymer syn PENTAN-1-OL             88.148    2   ? ? ? ? 
4 water       nat water                   18.015    206 ? ? ? ? 
# 
_entity_poly.entity_id                      1 
_entity_poly.type                           'polypeptide(L)' 
_entity_poly.nstd_linkage                   no 
_entity_poly.nstd_monomer                   no 
_entity_poly.pdbx_seq_one_letter_code       
;MRGSHHHHHHGSEEASSTGRNFNVEKINGEWHTIILASDKREKIEDNGNFRLFLEQIHVLEKSLVLKFHTVRDEECSELS
MVADKTEKAGEYSVTYDGFNTFTIPKTDYDNFLMAHLINEKDGETFQLMGLYGREPDLSSDIKERFAQLCEEHGILRENI
IDLSNANRCLQARE
;
_entity_poly.pdbx_seq_one_letter_code_can   
;MRGSHHHHHHGSEEASSTGRNFNVEKINGEWHTIILASDKREKIEDNGNFRLFLEQIHVLEKSLVLKFHTVRDEECSELS
MVADKTEKAGEYSVTYDGFNTFTIPKTDYDNFLMAHLINEKDGETFQLMGLYGREPDLSSDIKERFAQLCEEHGILRENI
IDLSNANRCLQARE
;
_entity_poly.pdbx_strand_id                 A 
_entity_poly.pdbx_target_identifier         ? 
# 
loop_
_pdbx_entity_nonpoly.entity_id 
_pdbx_entity_nonpoly.name 
_pdbx_entity_nonpoly.comp_id 
2 'CADMIUM ION' CD  
3 PENTAN-1-OL   PE9 
4 water         HOH 
# 
loop_
_entity_poly_seq.entity_id 
_entity_poly_seq.num 
_entity_poly_seq.mon_id 
_entity_poly_seq.hetero 
1 1   MET n 
1 2   ARG n 
1 3   GLY n 
1 4   SER n 
1 5   HIS n 
1 6   HIS n 
1 7   HIS n 
1 8   HIS n 
1 9   HIS n 
1 10  HIS n 
1 11  GLY n 
1 12  SER n 
1 13  GLU n 
1 14  GLU n 
1 15  ALA n 
1 16  SER n 
1 17  SER n 
1 18  THR n 
1 19  GLY n 
1 20  ARG n 
1 21  ASN n 
1 22  PHE n 
1 23  ASN n 
1 24  VAL n 
1 25  GLU n 
1 26  LYS n 
1 27  ILE n 
1 28  ASN n 
1 29  GLY n 
1 30  GLU n 
1 31  TRP n 
1 32  HIS n 
1 33  THR n 
1 34  ILE n 
1 35  ILE n 
1 36  LEU n 
1 37  ALA n 
1 38  SER n 
1 39  ASP n 
1 40  LYS n 
1 41  ARG n 
1 42  GLU n 
1 43  LYS n 
1 44  ILE n 
1 45  GLU n 
1 46  ASP n 
1 47  ASN n 
1 48  GLY n 
1 49  ASN n 
1 50  PHE n 
1 51  ARG n 
1 52  LEU n 
1 53  PHE n 
1 54  LEU n 
1 55  GLU n 
1 56  GLN n 
1 57  ILE n 
1 58  HIS n 
1 59  VAL n 
1 60  LEU n 
1 61  GLU n 
1 62  LYS n 
1 63  SER n 
1 64  LEU n 
1 65  VAL n 
1 66  LEU n 
1 67  LYS n 
1 68  PHE n 
1 69  HIS n 
1 70  THR n 
1 71  VAL n 
1 72  ARG n 
1 73  ASP n 
1 74  GLU n 
1 75  GLU n 
1 76  CYS n 
1 77  SER n 
1 78  GLU n 
1 79  LEU n 
1 80  SER n 
1 81  MET n 
1 82  VAL n 
1 83  ALA n 
1 84  ASP n 
1 85  LYS n 
1 86  THR n 
1 87  GLU n 
1 88  LYS n 
1 89  ALA n 
1 90  GLY n 
1 91  GLU n 
1 92  TYR n 
1 93  SER n 
1 94  VAL n 
1 95  THR n 
1 96  TYR n 
1 97  ASP n 
1 98  GLY n 
1 99  PHE n 
1 100 ASN n 
1 101 THR n 
1 102 PHE n 
1 103 THR n 
1 104 ILE n 
1 105 PRO n 
1 106 LYS n 
1 107 THR n 
1 108 ASP n 
1 109 TYR n 
1 110 ASP n 
1 111 ASN n 
1 112 PHE n 
1 113 LEU n 
1 114 MET n 
1 115 ALA n 
1 116 HIS n 
1 117 LEU n 
1 118 ILE n 
1 119 ASN n 
1 120 GLU n 
1 121 LYS n 
1 122 ASP n 
1 123 GLY n 
1 124 GLU n 
1 125 THR n 
1 126 PHE n 
1 127 GLN n 
1 128 LEU n 
1 129 MET n 
1 130 GLY n 
1 131 LEU n 
1 132 TYR n 
1 133 GLY n 
1 134 ARG n 
1 135 GLU n 
1 136 PRO n 
1 137 ASP n 
1 138 LEU n 
1 139 SER n 
1 140 SER n 
1 141 ASP n 
1 142 ILE n 
1 143 LYS n 
1 144 GLU n 
1 145 ARG n 
1 146 PHE n 
1 147 ALA n 
1 148 GLN n 
1 149 LEU n 
1 150 CYS n 
1 151 GLU n 
1 152 GLU n 
1 153 HIS n 
1 154 GLY n 
1 155 ILE n 
1 156 LEU n 
1 157 ARG n 
1 158 GLU n 
1 159 ASN n 
1 160 ILE n 
1 161 ILE n 
1 162 ASP n 
1 163 LEU n 
1 164 SER n 
1 165 ASN n 
1 166 ALA n 
1 167 ASN n 
1 168 ARG n 
1 169 CYS n 
1 170 LEU n 
1 171 GLN n 
1 172 ALA n 
1 173 ARG n 
1 174 GLU n 
# 
_entity_src_gen.entity_id                          1 
_entity_src_gen.pdbx_src_id                        1 
_entity_src_gen.pdbx_alt_source_flag               sample 
_entity_src_gen.pdbx_seq_type                      ? 
_entity_src_gen.pdbx_beg_seq_num                   ? 
_entity_src_gen.pdbx_end_seq_num                   ? 
_entity_src_gen.gene_src_common_name               'house mouse' 
_entity_src_gen.gene_src_genus                     Mus 
_entity_src_gen.pdbx_gene_src_gene                 MUP1 
_entity_src_gen.gene_src_species                   ? 
_entity_src_gen.gene_src_strain                    ? 
_entity_src_gen.gene_src_tissue                    ? 
_entity_src_gen.gene_src_tissue_fraction           ? 
_entity_src_gen.gene_src_details                   ? 
_entity_src_gen.pdbx_gene_src_fragment             ? 
_entity_src_gen.pdbx_gene_src_scientific_name      'Mus musculus' 
_entity_src_gen.pdbx_gene_src_ncbi_taxonomy_id     10090 
_entity_src_gen.pdbx_gene_src_variant              ? 
_entity_src_gen.pdbx_gene_src_cell_line            ? 
_entity_src_gen.pdbx_gene_src_atcc                 ? 
_entity_src_gen.pdbx_gene_src_organ                ? 
_entity_src_gen.pdbx_gene_src_organelle            ? 
_entity_src_gen.pdbx_gene_src_cell                 ? 
_entity_src_gen.pdbx_gene_src_cellular_location    ? 
_entity_src_gen.host_org_common_name               ? 
_entity_src_gen.pdbx_host_org_scientific_name      'Escherichia coli' 
_entity_src_gen.pdbx_host_org_ncbi_taxonomy_id     562 
_entity_src_gen.host_org_genus                     Escherichia 
_entity_src_gen.pdbx_host_org_gene                 ? 
_entity_src_gen.pdbx_host_org_organ                ? 
_entity_src_gen.host_org_species                   ? 
_entity_src_gen.pdbx_host_org_tissue               ? 
_entity_src_gen.pdbx_host_org_tissue_fraction      ? 
_entity_src_gen.pdbx_host_org_strain               SG13009 
_entity_src_gen.pdbx_host_org_variant              ? 
_entity_src_gen.pdbx_host_org_cell_line            ? 
_entity_src_gen.pdbx_host_org_atcc                 ? 
_entity_src_gen.pdbx_host_org_culture_collection   ? 
_entity_src_gen.pdbx_host_org_cell                 ? 
_entity_src_gen.pdbx_host_org_organelle            ? 
_entity_src_gen.pdbx_host_org_cellular_location    ? 
_entity_src_gen.pdbx_host_org_vector_type          PLASMID 
_entity_src_gen.pdbx_host_org_vector               ? 
_entity_src_gen.host_org_details                   ? 
_entity_src_gen.expression_system_id               ? 
_entity_src_gen.plasmid_name                       pQE30 
_entity_src_gen.plasmid_details                    ? 
_entity_src_gen.pdbx_description                   ? 
# 
loop_
_chem_comp.id 
_chem_comp.type 
_chem_comp.mon_nstd_flag 
_chem_comp.name 
_chem_comp.pdbx_synonyms 
_chem_comp.formula 
_chem_comp.formula_weight 
ALA 'L-peptide linking' y ALANINE         ? 'C3 H7 N O2'     89.093  
ARG 'L-peptide linking' y ARGININE        ? 'C6 H15 N4 O2 1' 175.209 
ASN 'L-peptide linking' y ASPARAGINE      ? 'C4 H8 N2 O3'    132.118 
ASP 'L-peptide linking' y 'ASPARTIC ACID' ? 'C4 H7 N O4'     133.103 
CD  non-polymer         . 'CADMIUM ION'   ? 'Cd 2'           112.411 
CYS 'L-peptide linking' y CYSTEINE        ? 'C3 H7 N O2 S'   121.158 
GLN 'L-peptide linking' y GLUTAMINE       ? 'C5 H10 N2 O3'   146.144 
GLU 'L-peptide linking' y 'GLUTAMIC ACID' ? 'C5 H9 N O4'     147.129 
GLY 'peptide linking'   y GLYCINE         ? 'C2 H5 N O2'     75.067  
HIS 'L-peptide linking' y HISTIDINE       ? 'C6 H10 N3 O2 1' 156.162 
HOH non-polymer         . WATER           ? 'H2 O'           18.015  
ILE 'L-peptide linking' y ISOLEUCINE      ? 'C6 H13 N O2'    131.173 
LEU 'L-peptide linking' y LEUCINE         ? 'C6 H13 N O2'    131.173 
LYS 'L-peptide linking' y LYSINE          ? 'C6 H15 N2 O2 1' 147.195 
MET 'L-peptide linking' y METHIONINE      ? 'C5 H11 N O2 S'  149.211 
PE9 non-polymer         . PENTAN-1-OL     ? 'C5 H12 O'       88.148  
PHE 'L-peptide linking' y PHENYLALANINE   ? 'C9 H11 N O2'    165.189 
PRO 'L-peptide linking' y PROLINE         ? 'C5 H9 N O2'     115.130 
SER 'L-peptide linking' y SERINE          ? 'C3 H7 N O3'     105.093 
THR 'L-peptide linking' y THREONINE       ? 'C4 H9 N O3'     119.119 
TRP 'L-peptide linking' y TRYPTOPHAN      ? 'C11 H12 N2 O2'  204.225 
TYR 'L-peptide linking' y TYROSINE        ? 'C9 H11 N O3'    181.189 
VAL 'L-peptide linking' y VALINE          ? 'C5 H11 N O2'    117.146 
# 
loop_
_pdbx_poly_seq_scheme.asym_id 
_pdbx_poly_seq_scheme.entity_id 
_pdbx_poly_seq_scheme.seq_id 
_pdbx_poly_seq_scheme.mon_id 
_pdbx_poly_seq_scheme.ndb_seq_num 
_pdbx_poly_seq_scheme.pdb_seq_num 
_pdbx_poly_seq_scheme.auth_seq_num 
_pdbx_poly_seq_scheme.pdb_mon_id 
_pdbx_poly_seq_scheme.auth_mon_id 
_pdbx_poly_seq_scheme.pdb_strand_id 
_pdbx_poly_seq_scheme.pdb_ins_code 
_pdbx_poly_seq_scheme.hetero 
A 1 1   MET 1   -11 ?   ?   ?   A . n 
A 1 2   ARG 2   -10 ?   ?   ?   A . n 
A 1 3   GLY 3   -9  ?   ?   ?   A . n 
A 1 4   SER 4   -8  ?   ?   ?   A . n 
A 1 5   HIS 5   -7  ?   ?   ?   A . n 
A 1 6   HIS 6   -6  ?   ?   ?   A . n 
A 1 7   HIS 7   -5  ?   ?   ?   A . n 
A 1 8   HIS 8   -4  ?   ?   ?   A . n 
A 1 9   HIS 9   -3  ?   ?   ?   A . n 
A 1 10  HIS 10  -2  ?   ?   ?   A . n 
A 1 11  GLY 11  -1  ?   ?   ?   A . n 
A 1 12  SER 12  0   ?   ?   ?   A . n 
A 1 13  GLU 13  1   1   GLU GLU A . n 
A 1 14  GLU 14  2   2   GLU GLU A . n 
A 1 15  ALA 15  3   3   ALA ALA A . n 
A 1 16  SER 16  4   4   SER SER A . n 
A 1 17  SER 17  5   5   SER SER A . n 
A 1 18  THR 18  6   6   THR THR A . n 
A 1 19  GLY 19  7   7   GLY GLY A . n 
A 1 20  ARG 20  8   8   ARG ARG A . n 
A 1 21  ASN 21  9   9   ASN ASN A . n 
A 1 22  PHE 22  10  10  PHE PHE A . n 
A 1 23  ASN 23  11  11  ASN ASN A . n 
A 1 24  VAL 24  12  12  VAL VAL A . n 
A 1 25  GLU 25  13  13  GLU GLU A . n 
A 1 26  LYS 26  14  14  LYS LYS A . n 
A 1 27  ILE 27  15  15  ILE ILE A . n 
A 1 28  ASN 28  16  16  ASN ASN A . n 
A 1 29  GLY 29  17  17  GLY GLY A . n 
A 1 30  GLU 30  18  18  GLU GLU A . n 
A 1 31  TRP 31  19  19  TRP TRP A . n 
A 1 32  HIS 32  20  20  HIS HIS A . n 
A 1 33  THR 33  21  21  THR THR A . n 
A 1 34  ILE 34  22  22  ILE ILE A . n 
A 1 35  ILE 35  23  23  ILE ILE A . n 
A 1 36  LEU 36  24  24  LEU LEU A . n 
A 1 37  ALA 37  25  25  ALA ALA A . n 
A 1 38  SER 38  26  26  SER SER A . n 
A 1 39  ASP 39  27  27  ASP ASP A . n 
A 1 40  LYS 40  28  28  LYS LYS A . n 
A 1 41  ARG 41  29  29  ARG ARG A . n 
A 1 42  GLU 42  30  30  GLU GLU A . n 
A 1 43  LYS 43  31  31  LYS LYS A . n 
A 1 44  ILE 44  32  32  ILE ILE A . n 
A 1 45  GLU 45  33  33  GLU GLU A . n 
A 1 46  ASP 46  34  34  ASP ASP A . n 
A 1 47  ASN 47  35  35  ASN ASN A . n 
A 1 48  GLY 48  36  36  GLY GLY A . n 
A 1 49  ASN 49  37  37  ASN ASN A . n 
A 1 50  PHE 50  38  38  PHE PHE A . n 
A 1 51  ARG 51  39  39  ARG ARG A . n 
A 1 52  LEU 52  40  40  LEU LEU A . n 
A 1 53  PHE 53  41  41  PHE PHE A . n 
A 1 54  LEU 54  42  42  LEU LEU A . n 
A 1 55  GLU 55  43  43  GLU GLU A . n 
A 1 56  GLN 56  44  44  GLN GLN A . n 
A 1 57  ILE 57  45  45  ILE ILE A . n 
A 1 58  HIS 58  46  46  HIS HIS A . n 
A 1 59  VAL 59  47  47  VAL VAL A . n 
A 1 60  LEU 60  48  48  LEU LEU A . n 
A 1 61  GLU 61  49  49  GLU GLU A . n 
A 1 62  LYS 62  50  50  LYS LYS A . n 
A 1 63  SER 63  51  51  SER SER A . n 
A 1 64  LEU 64  52  52  LEU LEU A . n 
A 1 65  VAL 65  53  53  VAL VAL A . n 
A 1 66  LEU 66  54  54  LEU LEU A . n 
A 1 67  LYS 67  55  55  LYS LYS A . n 
A 1 68  PHE 68  56  56  PHE PHE A . n 
A 1 69  HIS 69  57  57  HIS HIS A . n 
A 1 70  THR 70  58  58  THR THR A . n 
A 1 71  VAL 71  59  59  VAL VAL A . n 
A 1 72  ARG 72  60  60  ARG ARG A . n 
A 1 73  ASP 73  61  61  ASP ASP A . n 
A 1 74  GLU 74  62  62  GLU GLU A . n 
A 1 75  GLU 75  63  63  GLU GLU A . n 
A 1 76  CYS 76  64  64  CYS CYS A . n 
A 1 77  SER 77  65  65  SER SER A . n 
A 1 78  GLU 78  66  66  GLU GLU A . n 
A 1 79  LEU 79  67  67  LEU LEU A . n 
A 1 80  SER 80  68  68  SER SER A . n 
A 1 81  MET 81  69  69  MET MET A . n 
A 1 82  VAL 82  70  70  VAL VAL A . n 
A 1 83  ALA 83  71  71  ALA ALA A . n 
A 1 84  ASP 84  72  72  ASP ASP A . n 
A 1 85  LYS 85  73  73  LYS LYS A . n 
A 1 86  THR 86  74  74  THR THR A . n 
A 1 87  GLU 87  75  75  GLU GLU A . n 
A 1 88  LYS 88  76  76  LYS LYS A . n 
A 1 89  ALA 89  77  77  ALA ALA A . n 
A 1 90  GLY 90  78  78  GLY GLY A . n 
A 1 91  GLU 91  79  79  GLU GLU A . n 
A 1 92  TYR 92  80  80  TYR TYR A . n 
A 1 93  SER 93  81  81  SER SER A . n 
A 1 94  VAL 94  82  82  VAL VAL A . n 
A 1 95  THR 95  83  83  THR THR A . n 
A 1 96  TYR 96  84  84  TYR TYR A . n 
A 1 97  ASP 97  85  85  ASP ASP A . n 
A 1 98  GLY 98  86  86  GLY GLY A . n 
A 1 99  PHE 99  87  87  PHE PHE A . n 
A 1 100 ASN 100 88  88  ASN ASN A . n 
A 1 101 THR 101 89  89  THR THR A . n 
A 1 102 PHE 102 90  90  PHE PHE A . n 
A 1 103 THR 103 91  91  THR THR A . n 
A 1 104 ILE 104 92  92  ILE ILE A . n 
A 1 105 PRO 105 93  93  PRO PRO A . n 
A 1 106 LYS 106 94  94  LYS LYS A . n 
A 1 107 THR 107 95  95  THR THR A . n 
A 1 108 ASP 108 96  96  ASP ASP A . n 
A 1 109 TYR 109 97  97  TYR TYR A . n 
A 1 110 ASP 110 98  98  ASP ASP A . n 
A 1 111 ASN 111 99  99  ASN ASN A . n 
A 1 112 PHE 112 100 100 PHE PHE A . n 
A 1 113 LEU 113 101 101 LEU LEU A . n 
A 1 114 MET 114 102 102 MET MET A . n 
A 1 115 ALA 115 103 103 ALA ALA A . n 
A 1 116 HIS 116 104 104 HIS HIS A . n 
A 1 117 LEU 117 105 105 LEU LEU A . n 
A 1 118 ILE 118 106 106 ILE ILE A . n 
A 1 119 ASN 119 107 107 ASN ASN A . n 
A 1 120 GLU 120 108 108 GLU GLU A . n 
A 1 121 LYS 121 109 109 LYS LYS A . n 
A 1 122 ASP 122 110 110 ASP ASP A . n 
A 1 123 GLY 123 111 111 GLY GLY A . n 
A 1 124 GLU 124 112 112 GLU GLU A . n 
A 1 125 THR 125 113 113 THR THR A . n 
A 1 126 PHE 126 114 114 PHE PHE A . n 
A 1 127 GLN 127 115 115 GLN GLN A . n 
A 1 128 LEU 128 116 116 LEU LEU A . n 
A 1 129 MET 129 117 117 MET MET A . n 
A 1 130 GLY 130 118 118 GLY GLY A . n 
A 1 131 LEU 131 119 119 LEU LEU A . n 
A 1 132 TYR 132 120 120 TYR TYR A . n 
A 1 133 GLY 133 121 121 GLY GLY A . n 
A 1 134 ARG 134 122 122 ARG ARG A . n 
A 1 135 GLU 135 123 123 GLU GLU A . n 
A 1 136 PRO 136 124 124 PRO PRO A . n 
A 1 137 ASP 137 125 125 ASP ASP A . n 
A 1 138 LEU 138 126 126 LEU LEU A . n 
A 1 139 SER 139 127 127 SER SER A . n 
A 1 140 SER 140 128 128 SER SER A . n 
A 1 141 ASP 141 129 129 ASP ASP A . n 
A 1 142 ILE 142 130 130 ILE ILE A . n 
A 1 143 LYS 143 131 131 LYS LYS A . n 
A 1 144 GLU 144 132 132 GLU GLU A . n 
A 1 145 ARG 145 133 133 ARG ARG A . n 
A 1 146 PHE 146 134 134 PHE PHE A . n 
A 1 147 ALA 147 135 135 ALA ALA A . n 
A 1 148 GLN 148 136 136 GLN GLN A . n 
A 1 149 LEU 149 137 137 LEU LEU A . n 
A 1 150 CYS 150 138 138 CYS CYS A . n 
A 1 151 GLU 151 139 139 GLU GLU A . n 
A 1 152 GLU 152 140 140 GLU GLU A . n 
A 1 153 HIS 153 141 141 HIS HIS A . n 
A 1 154 GLY 154 142 142 GLY GLY A . n 
A 1 155 ILE 155 143 143 ILE ILE A . n 
A 1 156 LEU 156 144 144 LEU LEU A . n 
A 1 157 ARG 157 145 145 ARG ARG A . n 
A 1 158 GLU 158 146 146 GLU GLU A . n 
A 1 159 ASN 159 147 147 ASN ASN A . n 
A 1 160 ILE 160 148 148 ILE ILE A . n 
A 1 161 ILE 161 149 149 ILE ILE A . n 
A 1 162 ASP 162 150 150 ASP ASP A . n 
A 1 163 LEU 163 151 151 LEU LEU A . n 
A 1 164 SER 164 152 152 SER SER A . n 
A 1 165 ASN 165 153 153 ASN ASN A . n 
A 1 166 ALA 166 154 154 ALA ALA A . n 
A 1 167 ASN 167 155 155 ASN ASN A . n 
A 1 168 ARG 168 156 156 ARG ARG A . n 
A 1 169 CYS 169 157 157 CYS CYS A . n 
A 1 170 LEU 170 158 ?   ?   ?   A . n 
A 1 171 GLN 171 159 ?   ?   ?   A . n 
A 1 172 ALA 172 160 ?   ?   ?   A . n 
A 1 173 ARG 173 161 ?   ?   ?   A . n 
A 1 174 GLU 174 162 ?   ?   ?   A . n 
# 
loop_
_pdbx_nonpoly_scheme.asym_id 
_pdbx_nonpoly_scheme.entity_id 
_pdbx_nonpoly_scheme.mon_id 
_pdbx_nonpoly_scheme.ndb_seq_num 
_pdbx_nonpoly_scheme.pdb_seq_num 
_pdbx_nonpoly_scheme.auth_seq_num 
_pdbx_nonpoly_scheme.pdb_mon_id 
_pdbx_nonpoly_scheme.auth_mon_id 
_pdbx_nonpoly_scheme.pdb_strand_id 
_pdbx_nonpoly_scheme.pdb_ins_code 
B 2 CD  1   200 200 CD  CD  A . 
C 2 CD  1   201 201 CD  CD  A . 
D 3 PE9 1   202 1   PE9 PEN A . 
E 3 PE9 1   203 2   PE9 PEN A . 
F 4 HOH 1   204 202 HOH WAT A . 
F 4 HOH 2   205 203 HOH WAT A . 
F 4 HOH 3   206 204 HOH WAT A . 
F 4 HOH 4   207 205 HOH WAT A . 
F 4 HOH 5   208 206 HOH WAT A . 
F 4 HOH 6   209 207 HOH WAT A . 
F 4 HOH 7   210 208 HOH WAT A . 
F 4 HOH 8   211 209 HOH WAT A . 
F 4 HOH 9   212 210 HOH WAT A . 
F 4 HOH 10  213 211 HOH WAT A . 
F 4 HOH 11  214 212 HOH WAT A . 
F 4 HOH 12  215 213 HOH WAT A . 
F 4 HOH 13  216 214 HOH WAT A . 
F 4 HOH 14  217 215 HOH WAT A . 
F 4 HOH 15  218 216 HOH WAT A . 
F 4 HOH 16  219 217 HOH WAT A . 
F 4 HOH 17  220 218 HOH WAT A . 
F 4 HOH 18  221 219 HOH WAT A . 
F 4 HOH 19  222 220 HOH WAT A . 
F 4 HOH 20  223 222 HOH WAT A . 
F 4 HOH 21  224 223 HOH WAT A . 
F 4 HOH 22  225 224 HOH WAT A . 
F 4 HOH 23  226 225 HOH WAT A . 
F 4 HOH 24  227 226 HOH WAT A . 
F 4 HOH 25  228 227 HOH WAT A . 
F 4 HOH 26  229 228 HOH WAT A . 
F 4 HOH 27  230 229 HOH WAT A . 
F 4 HOH 28  231 230 HOH WAT A . 
F 4 HOH 29  232 231 HOH WAT A . 
F 4 HOH 30  233 232 HOH WAT A . 
F 4 HOH 31  234 233 HOH WAT A . 
F 4 HOH 32  235 234 HOH WAT A . 
F 4 HOH 33  236 235 HOH WAT A . 
F 4 HOH 34  237 236 HOH WAT A . 
F 4 HOH 35  238 237 HOH WAT A . 
F 4 HOH 36  239 238 HOH WAT A . 
F 4 HOH 37  240 239 HOH WAT A . 
F 4 HOH 38  241 240 HOH WAT A . 
F 4 HOH 39  242 241 HOH WAT A . 
F 4 HOH 40  243 242 HOH WAT A . 
F 4 HOH 41  244 243 HOH WAT A . 
F 4 HOH 42  245 244 HOH WAT A . 
F 4 HOH 43  246 245 HOH WAT A . 
F 4 HOH 44  247 246 HOH WAT A . 
F 4 HOH 45  248 247 HOH WAT A . 
F 4 HOH 46  249 248 HOH WAT A . 
F 4 HOH 47  250 249 HOH WAT A . 
F 4 HOH 48  251 250 HOH WAT A . 
F 4 HOH 49  252 251 HOH WAT A . 
F 4 HOH 50  253 252 HOH WAT A . 
F 4 HOH 51  254 253 HOH WAT A . 
F 4 HOH 52  255 254 HOH WAT A . 
F 4 HOH 53  256 255 HOH WAT A . 
F 4 HOH 54  257 256 HOH WAT A . 
F 4 HOH 55  258 257 HOH WAT A . 
F 4 HOH 56  259 258 HOH WAT A . 
F 4 HOH 57  260 259 HOH WAT A . 
F 4 HOH 58  261 260 HOH WAT A . 
F 4 HOH 59  262 261 HOH WAT A . 
F 4 HOH 60  263 262 HOH WAT A . 
F 4 HOH 61  264 263 HOH WAT A . 
F 4 HOH 62  265 264 HOH WAT A . 
F 4 HOH 63  266 265 HOH WAT A . 
F 4 HOH 64  267 266 HOH WAT A . 
F 4 HOH 65  268 267 HOH WAT A . 
F 4 HOH 66  269 268 HOH WAT A . 
F 4 HOH 67  270 269 HOH WAT A . 
F 4 HOH 68  271 270 HOH WAT A . 
F 4 HOH 69  272 271 HOH WAT A . 
F 4 HOH 70  273 272 HOH WAT A . 
F 4 HOH 71  274 273 HOH WAT A . 
F 4 HOH 72  275 274 HOH WAT A . 
F 4 HOH 73  276 275 HOH WAT A . 
F 4 HOH 74  277 276 HOH WAT A . 
F 4 HOH 75  278 277 HOH WAT A . 
F 4 HOH 76  279 278 HOH WAT A . 
F 4 HOH 77  280 279 HOH WAT A . 
F 4 HOH 78  281 280 HOH WAT A . 
F 4 HOH 79  282 281 HOH WAT A . 
F 4 HOH 80  283 282 HOH WAT A . 
F 4 HOH 81  284 283 HOH WAT A . 
F 4 HOH 82  285 284 HOH WAT A . 
F 4 HOH 83  286 285 HOH WAT A . 
F 4 HOH 84  287 286 HOH WAT A . 
F 4 HOH 85  288 287 HOH WAT A . 
F 4 HOH 86  289 288 HOH WAT A . 
F 4 HOH 87  290 289 HOH WAT A . 
F 4 HOH 88  291 290 HOH WAT A . 
F 4 HOH 89  292 291 HOH WAT A . 
F 4 HOH 90  293 292 HOH WAT A . 
F 4 HOH 91  294 293 HOH WAT A . 
F 4 HOH 92  295 294 HOH WAT A . 
F 4 HOH 93  296 295 HOH WAT A . 
F 4 HOH 94  297 296 HOH WAT A . 
F 4 HOH 95  298 297 HOH WAT A . 
F 4 HOH 96  299 298 HOH WAT A . 
F 4 HOH 97  300 299 HOH WAT A . 
F 4 HOH 98  301 300 HOH WAT A . 
F 4 HOH 99  302 301 HOH WAT A . 
F 4 HOH 100 303 302 HOH WAT A . 
F 4 HOH 101 304 303 HOH WAT A . 
F 4 HOH 102 305 304 HOH WAT A . 
F 4 HOH 103 306 305 HOH WAT A . 
F 4 HOH 104 307 306 HOH WAT A . 
F 4 HOH 105 308 307 HOH WAT A . 
F 4 HOH 106 309 308 HOH WAT A . 
F 4 HOH 107 310 309 HOH WAT A . 
F 4 HOH 108 311 310 HOH WAT A . 
F 4 HOH 109 312 311 HOH WAT A . 
F 4 HOH 110 313 312 HOH WAT A . 
F 4 HOH 111 314 313 HOH WAT A . 
F 4 HOH 112 315 314 HOH WAT A . 
F 4 HOH 113 316 315 HOH WAT A . 
F 4 HOH 114 317 316 HOH WAT A . 
F 4 HOH 115 318 317 HOH WAT A . 
F 4 HOH 116 319 318 HOH WAT A . 
F 4 HOH 117 320 319 HOH WAT A . 
F 4 HOH 118 321 320 HOH WAT A . 
F 4 HOH 119 322 321 HOH WAT A . 
F 4 HOH 120 323 322 HOH WAT A . 
F 4 HOH 121 324 323 HOH WAT A . 
F 4 HOH 122 325 324 HOH WAT A . 
F 4 HOH 123 326 325 HOH WAT A . 
F 4 HOH 124 327 326 HOH WAT A . 
F 4 HOH 125 328 327 HOH WAT A . 
F 4 HOH 126 329 328 HOH WAT A . 
F 4 HOH 127 330 329 HOH WAT A . 
F 4 HOH 128 331 330 HOH WAT A . 
F 4 HOH 129 332 331 HOH WAT A . 
F 4 HOH 130 333 332 HOH WAT A . 
F 4 HOH 131 334 333 HOH WAT A . 
F 4 HOH 132 335 334 HOH WAT A . 
F 4 HOH 133 336 335 HOH WAT A . 
F 4 HOH 134 337 336 HOH WAT A . 
F 4 HOH 135 338 337 HOH WAT A . 
F 4 HOH 136 339 338 HOH WAT A . 
F 4 HOH 137 340 339 HOH WAT A . 
F 4 HOH 138 341 340 HOH WAT A . 
F 4 HOH 139 342 342 HOH WAT A . 
F 4 HOH 140 343 343 HOH WAT A . 
F 4 HOH 141 344 344 HOH WAT A . 
F 4 HOH 142 345 345 HOH WAT A . 
F 4 HOH 143 346 346 HOH WAT A . 
F 4 HOH 144 347 347 HOH WAT A . 
F 4 HOH 145 348 348 HOH WAT A . 
F 4 HOH 146 349 349 HOH WAT A . 
F 4 HOH 147 350 350 HOH WAT A . 
F 4 HOH 148 351 351 HOH WAT A . 
F 4 HOH 149 352 352 HOH WAT A . 
F 4 HOH 150 353 353 HOH WAT A . 
F 4 HOH 151 354 354 HOH WAT A . 
F 4 HOH 152 355 355 HOH WAT A . 
F 4 HOH 153 356 356 HOH WAT A . 
F 4 HOH 154 357 357 HOH WAT A . 
F 4 HOH 155 358 358 HOH WAT A . 
F 4 HOH 156 359 359 HOH WAT A . 
F 4 HOH 157 360 360 HOH WAT A . 
F 4 HOH 158 361 361 HOH WAT A . 
F 4 HOH 159 362 362 HOH WAT A . 
F 4 HOH 160 363 363 HOH WAT A . 
F 4 HOH 161 364 364 HOH WAT A . 
F 4 HOH 162 365 365 HOH WAT A . 
F 4 HOH 163 366 366 HOH WAT A . 
F 4 HOH 164 367 367 HOH WAT A . 
F 4 HOH 165 368 368 HOH WAT A . 
F 4 HOH 166 369 369 HOH WAT A . 
F 4 HOH 167 370 370 HOH WAT A . 
F 4 HOH 168 371 371 HOH WAT A . 
F 4 HOH 169 372 372 HOH WAT A . 
F 4 HOH 170 373 373 HOH WAT A . 
F 4 HOH 171 374 374 HOH WAT A . 
F 4 HOH 172 375 375 HOH WAT A . 
F 4 HOH 173 376 376 HOH WAT A . 
F 4 HOH 174 377 377 HOH WAT A . 
F 4 HOH 175 378 378 HOH WAT A . 
F 4 HOH 176 379 379 HOH WAT A . 
F 4 HOH 177 380 380 HOH WAT A . 
F 4 HOH 178 381 381 HOH WAT A . 
F 4 HOH 179 382 382 HOH WAT A . 
F 4 HOH 180 383 383 HOH WAT A . 
F 4 HOH 181 384 384 HOH WAT A . 
F 4 HOH 182 385 385 HOH WAT A . 
F 4 HOH 183 386 386 HOH WAT A . 
F 4 HOH 184 387 387 HOH WAT A . 
F 4 HOH 185 388 388 HOH WAT A . 
F 4 HOH 186 389 389 HOH WAT A . 
F 4 HOH 187 390 390 HOH WAT A . 
F 4 HOH 188 391 391 HOH WAT A . 
F 4 HOH 189 392 392 HOH WAT A . 
F 4 HOH 190 393 393 HOH WAT A . 
F 4 HOH 191 394 394 HOH WAT A . 
F 4 HOH 192 395 395 HOH WAT A . 
F 4 HOH 193 396 396 HOH WAT A . 
F 4 HOH 194 397 397 HOH WAT A . 
F 4 HOH 195 398 398 HOH WAT A . 
F 4 HOH 196 399 399 HOH WAT A . 
F 4 HOH 197 400 400 HOH WAT A . 
F 4 HOH 198 401 401 HOH WAT A . 
F 4 HOH 199 402 402 HOH WAT A . 
F 4 HOH 200 403 403 HOH WAT A . 
F 4 HOH 201 404 404 HOH WAT A . 
F 4 HOH 202 405 405 HOH WAT A . 
F 4 HOH 203 406 406 HOH WAT A . 
F 4 HOH 204 407 407 HOH WAT A . 
F 4 HOH 205 408 408 HOH WAT A . 
F 4 HOH 206 409 409 HOH WAT A . 
# 
loop_
_software.name 
_software.classification 
_software.version 
_software.citation_id 
_software.pdbx_ordinal 
MOSFLM 'data reduction' .         ? 1 
SCALA  'data scaling'   .         ? 2 
CNS    refinement       .         ? 3 
CCP4   'data scaling'   '(SCALA)' ? 4 
CNS    phasing          .         ? 5 
# 
_cell.entry_id           1ZND 
_cell.length_a           53.511 
_cell.length_b           53.511 
_cell.length_c           136.974 
_cell.angle_alpha        90.00 
_cell.angle_beta         90.00 
_cell.angle_gamma        90.00 
_cell.Z_PDB              8 
_cell.pdbx_unique_axis   ? 
# 
_symmetry.entry_id                         1ZND 
_symmetry.space_group_name_H-M             'P 43 21 2' 
_symmetry.pdbx_full_space_group_name_H-M   ? 
_symmetry.cell_setting                     ? 
_symmetry.Int_Tables_number                96 
_symmetry.space_group_name_Hall            ? 
# 
_exptl.entry_id          1ZND 
_exptl.method            'X-RAY DIFFRACTION' 
_exptl.crystals_number   1 
# 
_exptl_crystal.id                    1 
_exptl_crystal.density_meas          ? 
_exptl_crystal.density_Matthews      2.72 
_exptl_crystal.density_percent_sol   54.44 
_exptl_crystal.description           ? 
_exptl_crystal.F_000                 ? 
_exptl_crystal.preparation           ? 
# 
_exptl_crystal_grow.crystal_id      1 
_exptl_crystal_grow.method          'VAPOR DIFFUSION, HANGING DROP' 
_exptl_crystal_grow.temp            291 
_exptl_crystal_grow.temp_details    ? 
_exptl_crystal_grow.pH              4.9 
_exptl_crystal_grow.pdbx_details    'CdCl, malate, HCl, pH 4.9, VAPOR DIFFUSION, HANGING DROP, temperature 291K' 
_exptl_crystal_grow.pdbx_pH_range   . 
# 
_diffrn.id                     1 
_diffrn.ambient_temp           100 
_diffrn.ambient_temp_details   ? 
_diffrn.crystal_id             1 
# 
_diffrn_detector.diffrn_id              1 
_diffrn_detector.detector               'IMAGE PLATE' 
_diffrn_detector.type                   'RIGAKU RAXIS IV' 
_diffrn_detector.pdbx_collection_date   2005-04-12 
_diffrn_detector.details                'confocal max flux (osmic)' 
# 
_diffrn_radiation.diffrn_id                        1 
_diffrn_radiation.wavelength_id                    1 
_diffrn_radiation.pdbx_monochromatic_or_laue_m_l   M 
_diffrn_radiation.monochromator                    'Ni filter' 
_diffrn_radiation.pdbx_diffrn_protocol             'SINGLE WAVELENGTH' 
_diffrn_radiation.pdbx_scattering_type             x-ray 
# 
_diffrn_radiation_wavelength.id           1 
_diffrn_radiation_wavelength.wavelength   1.5418 
_diffrn_radiation_wavelength.wt           1.0 
# 
_diffrn_source.diffrn_id                   1 
_diffrn_source.source                      'ROTATING ANODE' 
_diffrn_source.type                        RIGAKU 
_diffrn_source.pdbx_synchrotron_site       ? 
_diffrn_source.pdbx_synchrotron_beamline   ? 
_diffrn_source.pdbx_wavelength             ? 
_diffrn_source.pdbx_wavelength_list        1.5418 
# 
_reflns.entry_id                     1ZND 
_reflns.observed_criterion_sigma_F   0 
_reflns.observed_criterion_sigma_I   0 
_reflns.d_resolution_high            1.6 
_reflns.d_resolution_low             19.5 
_reflns.number_all                   26264 
_reflns.number_obs                   26264 
_reflns.percent_possible_obs         96.6 
_reflns.pdbx_Rmerge_I_obs            ? 
_reflns.pdbx_Rsym_value              0.052 
_reflns.pdbx_netI_over_sigmaI        9.5 
_reflns.B_iso_Wilson_estimate        21.4 
_reflns.pdbx_redundancy              7.1 
_reflns.R_free_details               ? 
_reflns.limit_h_max                  ? 
_reflns.limit_h_min                  ? 
_reflns.limit_k_max                  ? 
_reflns.limit_k_min                  ? 
_reflns.limit_l_max                  ? 
_reflns.limit_l_min                  ? 
_reflns.observed_criterion_F_max     ? 
_reflns.observed_criterion_F_min     ? 
_reflns.pdbx_chi_squared             ? 
_reflns.pdbx_scaling_rejects         ? 
_reflns.pdbx_diffrn_id               1 
_reflns.pdbx_ordinal                 1 
# 
_reflns_shell.d_res_high             1.6 
_reflns_shell.d_res_low              1.69 
_reflns_shell.percent_possible_all   95.0 
_reflns_shell.Rmerge_I_obs           ? 
_reflns_shell.pdbx_Rsym_value        0.273 
_reflns_shell.meanI_over_sigI_obs    2.8 
_reflns_shell.pdbx_redundancy        7.1 
_reflns_shell.percent_possible_obs   ? 
_reflns_shell.number_unique_all      3678 
_reflns_shell.number_measured_all    ? 
_reflns_shell.number_measured_obs    ? 
_reflns_shell.number_unique_obs      ? 
_reflns_shell.pdbx_chi_squared       ? 
_reflns_shell.pdbx_diffrn_id         ? 
_reflns_shell.pdbx_ordinal           1 
# 
_refine.entry_id                                 1ZND 
_refine.ls_d_res_high                            1.6 
_refine.ls_d_res_low                             19.5 
_refine.pdbx_ls_sigma_F                          0 
_refine.pdbx_ls_sigma_I                          0 
_refine.ls_number_reflns_all                     26264 
_refine.ls_number_reflns_obs                     26264 
_refine.ls_number_reflns_R_free                  1315 
_refine.ls_percent_reflns_obs                    96.6 
_refine.ls_R_factor_all                          0.1891 
_refine.ls_R_factor_obs                          0.1891 
_refine.ls_R_factor_R_work                       0.1883 
_refine.ls_R_factor_R_free                       0.2044 
_refine.ls_redundancy_reflns_obs                 ? 
_refine.pdbx_data_cutoff_high_absF               ? 
_refine.pdbx_data_cutoff_low_absF                ? 
_refine.ls_number_parameters                     ? 
_refine.ls_number_restraints                     ? 
_refine.ls_percent_reflns_R_free                 ? 
_refine.ls_R_factor_R_free_error                 ? 
_refine.ls_R_factor_R_free_error_details         ? 
_refine.pdbx_method_to_determine_struct          'MOLECULAR REPLACEMENT' 
_refine.pdbx_starting_model                      1QY0 
_refine.pdbx_ls_cross_valid_method               THROUGHOUT 
_refine.pdbx_R_Free_selection_details            random 
_refine.pdbx_stereochem_target_val_spec_case     ? 
_refine.pdbx_stereochemistry_target_values       'Engh & Huber' 
_refine.solvent_model_details                    ? 
_refine.solvent_model_param_bsol                 ? 
_refine.solvent_model_param_ksol                 ? 
_refine.occupancy_max                            ? 
_refine.occupancy_min                            ? 
_refine.pdbx_isotropic_thermal_model             isotropic 
_refine.B_iso_mean                               25.4 
_refine.aniso_B[1][1]                            -1.592 
_refine.aniso_B[1][2]                            0 
_refine.aniso_B[1][3]                            0 
_refine.aniso_B[2][2]                            -1.592 
_refine.aniso_B[2][3]                            0 
_refine.aniso_B[3][3]                            3.184 
_refine.details                                  ? 
_refine.B_iso_min                                ? 
_refine.B_iso_max                                ? 
_refine.correlation_coeff_Fo_to_Fc               ? 
_refine.correlation_coeff_Fo_to_Fc_free          ? 
_refine.pdbx_solvent_vdw_probe_radii             ? 
_refine.pdbx_solvent_ion_probe_radii             ? 
_refine.pdbx_solvent_shrinkage_radii             ? 
_refine.overall_SU_R_Cruickshank_DPI             ? 
_refine.overall_SU_R_free                        ? 
_refine.overall_SU_ML                            ? 
_refine.overall_SU_B                             ? 
_refine.pdbx_overall_ESU_R_Free                  ? 
_refine.pdbx_data_cutoff_high_rms_absF           ? 
_refine.pdbx_overall_ESU_R                       ? 
_refine.ls_wR_factor_R_free                      ? 
_refine.ls_wR_factor_R_work                      ? 
_refine.overall_FOM_free_R_set                   ? 
_refine.overall_FOM_work_R_set                   ? 
_refine.pdbx_refine_id                           'X-RAY DIFFRACTION' 
_refine.pdbx_diffrn_id                           1 
_refine.pdbx_TLS_residual_ADP_flag               ? 
_refine.pdbx_overall_phase_error                 ? 
_refine.pdbx_overall_SU_R_free_Cruickshank_DPI   ? 
_refine.pdbx_overall_SU_R_Blow_DPI               ? 
_refine.pdbx_overall_SU_R_free_Blow_DPI          ? 
# 
_refine_analyze.entry_id                        1ZND 
_refine_analyze.Luzzati_coordinate_error_obs    0.17 
_refine_analyze.Luzzati_sigma_a_obs             0.07 
_refine_analyze.Luzzati_d_res_low_obs           5 
_refine_analyze.Luzzati_coordinate_error_free   0.2 
_refine_analyze.Luzzati_sigma_a_free            0.1 
_refine_analyze.Luzzati_d_res_low_free          ? 
_refine_analyze.number_disordered_residues      ? 
_refine_analyze.occupancy_sum_non_hydrogen      ? 
_refine_analyze.occupancy_sum_hydrogen          ? 
_refine_analyze.pdbx_Luzzati_d_res_high_obs     ? 
_refine_analyze.pdbx_refine_id                  'X-RAY DIFFRACTION' 
# 
_refine_hist.pdbx_refine_id                   'X-RAY DIFFRACTION' 
_refine_hist.cycle_id                         LAST 
_refine_hist.pdbx_number_atoms_protein        1272 
_refine_hist.pdbx_number_atoms_nucleic_acid   0 
_refine_hist.pdbx_number_atoms_ligand         14 
_refine_hist.number_atoms_solvent             206 
_refine_hist.number_atoms_total               1492 
_refine_hist.d_res_high                       1.6 
_refine_hist.d_res_low                        19.5 
# 
loop_
_refine_ls_restr.type 
_refine_ls_restr.dev_ideal 
_refine_ls_restr.dev_ideal_target 
_refine_ls_restr.weight 
_refine_ls_restr.number 
_refine_ls_restr.pdbx_refine_id 
_refine_ls_restr.pdbx_restraint_function 
c_bond_d    0.011 ? ? ? 'X-RAY DIFFRACTION' ? 
c_angle_deg 1.58  ? ? ? 'X-RAY DIFFRACTION' ? 
# 
_refine_ls_shell.pdbx_total_number_of_bins_used   ? 
_refine_ls_shell.d_res_high                       1.6 
_refine_ls_shell.d_res_low                        1.66 
_refine_ls_shell.number_reflns_R_work             ? 
_refine_ls_shell.R_factor_R_work                  0.353 
_refine_ls_shell.percent_reflns_obs               94.3 
_refine_ls_shell.R_factor_R_free                  0.394 
_refine_ls_shell.R_factor_R_free_error            0.037 
_refine_ls_shell.percent_reflns_R_free            ? 
_refine_ls_shell.number_reflns_R_free             113 
_refine_ls_shell.number_reflns_obs                2496 
_refine_ls_shell.redundancy_reflns_obs            ? 
_refine_ls_shell.number_reflns_all                ? 
_refine_ls_shell.pdbx_refine_id                   'X-RAY DIFFRACTION' 
_refine_ls_shell.R_factor_all                     ? 
# 
_struct.entry_id                  1ZND 
_struct.title                     'Strong Solute-Solute Dispersive Interactions in a Protein-Ligand Complex' 
_struct.pdbx_model_details        ? 
_struct.pdbx_CASP_flag            ? 
_struct.pdbx_model_type_details   ? 
# 
_struct_keywords.entry_id        1ZND 
_struct_keywords.pdbx_keywords   'TRANSPORT PROTEIN' 
_struct_keywords.text            'LIPOCALIN, BETA-BARREL, TRANSPORT PROTEIN' 
# 
loop_
_struct_asym.id 
_struct_asym.pdbx_blank_PDB_chainid_flag 
_struct_asym.pdbx_modified 
_struct_asym.entity_id 
_struct_asym.details 
A N N 1 ? 
B N N 2 ? 
C N N 2 ? 
D N N 3 ? 
E N N 3 ? 
F N N 4 ? 
# 
_struct_ref.id                         1 
_struct_ref.db_name                    UNP 
_struct_ref.db_code                    MUP2_MOUSE 
_struct_ref.pdbx_db_accession          P11589 
_struct_ref.entity_id                  1 
_struct_ref.pdbx_seq_one_letter_code   
;EEASSTGRNFNVEKINGEWHTIILASDKREKIEDNGNFRLFLEQIHVLEKSLVLKFHTVRDEECSELSMVADKTEKAGEY
SVTYDGFNTFTIPKTDYDNFLMAHLINEKDGETFQLMGLYGREPDLSSDIKERFAQLCEEHGILRENIIDLSNANRCLQA
RE
;
_struct_ref.pdbx_align_begin           19 
_struct_ref.pdbx_db_isoform            ? 
# 
_struct_ref_seq.align_id                      1 
_struct_ref_seq.ref_id                        1 
_struct_ref_seq.pdbx_PDB_id_code              1ZND 
_struct_ref_seq.pdbx_strand_id                A 
_struct_ref_seq.seq_align_beg                 13 
_struct_ref_seq.pdbx_seq_align_beg_ins_code   ? 
_struct_ref_seq.seq_align_end                 174 
_struct_ref_seq.pdbx_seq_align_end_ins_code   ? 
_struct_ref_seq.pdbx_db_accession             P11589 
_struct_ref_seq.db_align_beg                  19 
_struct_ref_seq.pdbx_db_align_beg_ins_code    ? 
_struct_ref_seq.db_align_end                  180 
_struct_ref_seq.pdbx_db_align_end_ins_code    ? 
_struct_ref_seq.pdbx_auth_seq_align_beg       1 
_struct_ref_seq.pdbx_auth_seq_align_end       162 
# 
loop_
_struct_ref_seq_dif.align_id 
_struct_ref_seq_dif.pdbx_pdb_id_code 
_struct_ref_seq_dif.mon_id 
_struct_ref_seq_dif.pdbx_pdb_strand_id 
_struct_ref_seq_dif.seq_num 
_struct_ref_seq_dif.pdbx_pdb_ins_code 
_struct_ref_seq_dif.pdbx_seq_db_name 
_struct_ref_seq_dif.pdbx_seq_db_accession_code 
_struct_ref_seq_dif.db_mon_id 
_struct_ref_seq_dif.pdbx_seq_db_seq_num 
_struct_ref_seq_dif.details 
_struct_ref_seq_dif.pdbx_auth_seq_num 
_struct_ref_seq_dif.pdbx_ordinal 
1 1ZND MET A 1  ? UNP P11589 ? ? 'cloning artifact' -11 1  
1 1ZND ARG A 2  ? UNP P11589 ? ? 'cloning artifact' -10 2  
1 1ZND GLY A 3  ? UNP P11589 ? ? 'cloning artifact' -9  3  
1 1ZND SER A 4  ? UNP P11589 ? ? 'cloning artifact' -8  4  
1 1ZND HIS A 5  ? UNP P11589 ? ? 'expression tag'   -7  5  
1 1ZND HIS A 6  ? UNP P11589 ? ? 'expression tag'   -6  6  
1 1ZND HIS A 7  ? UNP P11589 ? ? 'expression tag'   -5  7  
1 1ZND HIS A 8  ? UNP P11589 ? ? 'expression tag'   -4  8  
1 1ZND HIS A 9  ? UNP P11589 ? ? 'expression tag'   -3  9  
1 1ZND HIS A 10 ? UNP P11589 ? ? 'expression tag'   -2  10 
1 1ZND GLY A 11 ? UNP P11589 ? ? 'cloning artifact' -1  11 
1 1ZND SER A 12 ? UNP P11589 ? ? 'cloning artifact' 0   12 
# 
_pdbx_struct_assembly.id                   1 
_pdbx_struct_assembly.details              author_defined_assembly 
_pdbx_struct_assembly.method_details       ? 
_pdbx_struct_assembly.oligomeric_details   monomeric 
_pdbx_struct_assembly.oligomeric_count     1 
# 
_pdbx_struct_assembly_gen.assembly_id       1 
_pdbx_struct_assembly_gen.oper_expression   1 
_pdbx_struct_assembly_gen.asym_id_list      A,B,C,D,E,F 
# 
_pdbx_struct_oper_list.id                   1 
_pdbx_struct_oper_list.type                 'identity operation' 
_pdbx_struct_oper_list.name                 1_555 
_pdbx_struct_oper_list.symmetry_operation   x,y,z 
_pdbx_struct_oper_list.matrix[1][1]         1.0000000000 
_pdbx_struct_oper_list.matrix[1][2]         0.0000000000 
_pdbx_struct_oper_list.matrix[1][3]         0.0000000000 
_pdbx_struct_oper_list.vector[1]            0.0000000000 
_pdbx_struct_oper_list.matrix[2][1]         0.0000000000 
_pdbx_struct_oper_list.matrix[2][2]         1.0000000000 
_pdbx_struct_oper_list.matrix[2][3]         0.0000000000 
_pdbx_struct_oper_list.vector[2]            0.0000000000 
_pdbx_struct_oper_list.matrix[3][1]         0.0000000000 
_pdbx_struct_oper_list.matrix[3][2]         0.0000000000 
_pdbx_struct_oper_list.matrix[3][3]         1.0000000000 
_pdbx_struct_oper_list.vector[3]            0.0000000000 
# 
_struct_biol.id                    1 
_struct_biol.pdbx_parent_biol_id   ? 
_struct_biol.details               ? 
# 
loop_
_struct_conf.conf_type_id 
_struct_conf.id 
_struct_conf.pdbx_PDB_helix_id 
_struct_conf.beg_label_comp_id 
_struct_conf.beg_label_asym_id 
_struct_conf.beg_label_seq_id 
_struct_conf.pdbx_beg_PDB_ins_code 
_struct_conf.end_label_comp_id 
_struct_conf.end_label_asym_id 
_struct_conf.end_label_seq_id 
_struct_conf.pdbx_end_PDB_ins_code 
_struct_conf.beg_auth_comp_id 
_struct_conf.beg_auth_asym_id 
_struct_conf.beg_auth_seq_id 
_struct_conf.end_auth_comp_id 
_struct_conf.end_auth_asym_id 
_struct_conf.end_auth_seq_id 
_struct_conf.pdbx_PDB_helix_class 
_struct_conf.details 
_struct_conf.pdbx_PDB_helix_length 
HELX_P HELX_P1 1 ASN A 23  ? ASN A 28  ? ASN A 11  ASN A 16  5 ? 6  
HELX_P HELX_P2 2 LYS A 40  ? GLU A 45  ? LYS A 28  GLU A 33  5 ? 6  
HELX_P HELX_P3 3 SER A 139 ? HIS A 153 ? SER A 127 HIS A 141 1 ? 15 
HELX_P HELX_P4 4 LEU A 156 ? GLU A 158 ? LEU A 144 GLU A 146 5 ? 3  
# 
_struct_conf_type.id          HELX_P 
_struct_conf_type.criteria    ? 
_struct_conf_type.reference   ? 
# 
loop_
_struct_conn.id 
_struct_conn.conn_type_id 
_struct_conn.pdbx_leaving_atom_flag 
_struct_conn.pdbx_PDB_id 
_struct_conn.ptnr1_label_asym_id 
_struct_conn.ptnr1_label_comp_id 
_struct_conn.ptnr1_label_seq_id 
_struct_conn.ptnr1_label_atom_id 
_struct_conn.pdbx_ptnr1_label_alt_id 
_struct_conn.pdbx_ptnr1_PDB_ins_code 
_struct_conn.pdbx_ptnr1_standard_comp_id 
_struct_conn.ptnr1_symmetry 
_struct_conn.ptnr2_label_asym_id 
_struct_conn.ptnr2_label_comp_id 
_struct_conn.ptnr2_label_seq_id 
_struct_conn.ptnr2_label_atom_id 
_struct_conn.pdbx_ptnr2_label_alt_id 
_struct_conn.pdbx_ptnr2_PDB_ins_code 
_struct_conn.ptnr1_auth_asym_id 
_struct_conn.ptnr1_auth_comp_id 
_struct_conn.ptnr1_auth_seq_id 
_struct_conn.ptnr2_auth_asym_id 
_struct_conn.ptnr2_auth_comp_id 
_struct_conn.ptnr2_auth_seq_id 
_struct_conn.ptnr2_symmetry 
_struct_conn.pdbx_ptnr3_label_atom_id 
_struct_conn.pdbx_ptnr3_label_seq_id 
_struct_conn.pdbx_ptnr3_label_comp_id 
_struct_conn.pdbx_ptnr3_label_asym_id 
_struct_conn.pdbx_ptnr3_label_alt_id 
_struct_conn.pdbx_ptnr3_PDB_ins_code 
_struct_conn.details 
_struct_conn.pdbx_dist_value 
_struct_conn.pdbx_value_order 
_struct_conn.pdbx_role 
disulf1  disulf ? ? A CYS 76  SG  ? ? ? 1_555 A CYS 169 SG ? ? A CYS 64  A CYS 157 1_555 ? ? ? ? ? ? ? 2.036 ? ? 
metalc1  metalc ? ? A GLU 25  OE2 ? ? ? 1_555 C CD  .   CD ? ? A GLU 13  A CD  201 1_555 ? ? ? ? ? ? ? 2.583 ? ? 
metalc2  metalc ? ? A GLU 25  OE1 ? ? ? 1_555 C CD  .   CD ? ? A GLU 13  A CD  201 1_555 ? ? ? ? ? ? ? 2.262 ? ? 
metalc3  metalc ? ? A GLU 30  OE2 ? ? ? 5_645 B CD  .   CD ? ? A GLU 18  A CD  200 1_555 ? ? ? ? ? ? ? 2.335 ? ? 
metalc4  metalc ? ? A GLU 30  OE1 ? ? ? 5_645 B CD  .   CD ? ? A GLU 18  A CD  200 1_555 ? ? ? ? ? ? ? 2.441 ? ? 
metalc5  metalc ? ? A ASP 122 OD2 ? ? ? 8_675 C CD  .   CD ? ? A ASP 110 A CD  201 1_555 ? ? ? ? ? ? ? 2.231 ? ? 
metalc6  metalc ? ? A GLU 151 OE1 ? ? ? 1_555 B CD  .   CD ? ? A GLU 139 A CD  200 1_555 ? ? ? ? ? ? ? 2.309 ? ? 
metalc7  metalc ? ? A GLU 151 OE2 ? ? ? 1_555 B CD  .   CD ? ? A GLU 139 A CD  200 1_555 ? ? ? ? ? ? ? 2.428 ? ? 
metalc8  metalc ? ? B CD  .   CD  ? ? ? 1_555 F HOH .   O  ? ? A CD  200 A HOH 335 1_555 ? ? ? ? ? ? ? 2.313 ? ? 
metalc9  metalc ? ? B CD  .   CD  ? ? ? 1_555 F HOH .   O  ? ? A CD  200 A HOH 407 1_555 ? ? ? ? ? ? ? 2.361 ? ? 
metalc10 metalc ? ? B CD  .   CD  ? ? ? 1_555 F HOH .   O  ? ? A CD  200 A HOH 408 1_555 ? ? ? ? ? ? ? 2.276 ? ? 
metalc11 metalc ? ? C CD  .   CD  ? ? ? 1_555 F HOH .   O  ? ? A CD  201 A HOH 217 1_555 ? ? ? ? ? ? ? 2.311 ? ? 
metalc12 metalc ? ? C CD  .   CD  ? ? ? 1_555 F HOH .   O  ? ? A CD  201 A HOH 409 1_555 ? ? ? ? ? ? ? 2.294 ? ? 
# 
loop_
_struct_conn_type.id 
_struct_conn_type.criteria 
_struct_conn_type.reference 
disulf ? ? 
metalc ? ? 
# 
loop_
_pdbx_struct_conn_angle.id 
_pdbx_struct_conn_angle.ptnr1_label_atom_id 
_pdbx_struct_conn_angle.ptnr1_label_alt_id 
_pdbx_struct_conn_angle.ptnr1_label_asym_id 
_pdbx_struct_conn_angle.ptnr1_label_comp_id 
_pdbx_struct_conn_angle.ptnr1_label_seq_id 
_pdbx_struct_conn_angle.ptnr1_auth_atom_id 
_pdbx_struct_conn_angle.ptnr1_auth_asym_id 
_pdbx_struct_conn_angle.ptnr1_auth_comp_id 
_pdbx_struct_conn_angle.ptnr1_auth_seq_id 
_pdbx_struct_conn_angle.ptnr1_PDB_ins_code 
_pdbx_struct_conn_angle.ptnr1_symmetry 
_pdbx_struct_conn_angle.ptnr2_label_atom_id 
_pdbx_struct_conn_angle.ptnr2_label_alt_id 
_pdbx_struct_conn_angle.ptnr2_label_asym_id 
_pdbx_struct_conn_angle.ptnr2_label_comp_id 
_pdbx_struct_conn_angle.ptnr2_label_seq_id 
_pdbx_struct_conn_angle.ptnr2_auth_atom_id 
_pdbx_struct_conn_angle.ptnr2_auth_asym_id 
_pdbx_struct_conn_angle.ptnr2_auth_comp_id 
_pdbx_struct_conn_angle.ptnr2_auth_seq_id 
_pdbx_struct_conn_angle.ptnr2_PDB_ins_code 
_pdbx_struct_conn_angle.ptnr2_symmetry 
_pdbx_struct_conn_angle.ptnr3_label_atom_id 
_pdbx_struct_conn_angle.ptnr3_label_alt_id 
_pdbx_struct_conn_angle.ptnr3_label_asym_id 
_pdbx_struct_conn_angle.ptnr3_label_comp_id 
_pdbx_struct_conn_angle.ptnr3_label_seq_id 
_pdbx_struct_conn_angle.ptnr3_auth_atom_id 
_pdbx_struct_conn_angle.ptnr3_auth_asym_id 
_pdbx_struct_conn_angle.ptnr3_auth_comp_id 
_pdbx_struct_conn_angle.ptnr3_auth_seq_id 
_pdbx_struct_conn_angle.ptnr3_PDB_ins_code 
_pdbx_struct_conn_angle.ptnr3_symmetry 
_pdbx_struct_conn_angle.value 
_pdbx_struct_conn_angle.value_esd 
1  OE2 ? A GLU 25  ? A GLU 13  ? 1_555 CD ? C CD . ? A CD 201 ? 1_555 OE1 ? A GLU 25  ? A GLU 13  ? 1_555 53.8  ? 
2  OE2 ? A GLU 25  ? A GLU 13  ? 1_555 CD ? C CD . ? A CD 201 ? 1_555 OD2 ? A ASP 122 ? A ASP 110 ? 8_675 82.7  ? 
3  OE1 ? A GLU 25  ? A GLU 13  ? 1_555 CD ? C CD . ? A CD 201 ? 1_555 OD2 ? A ASP 122 ? A ASP 110 ? 8_675 122.3 ? 
4  OE2 ? A GLU 25  ? A GLU 13  ? 1_555 CD ? C CD . ? A CD 201 ? 1_555 O   ? F HOH .   ? A HOH 217 ? 1_555 112.7 ? 
5  OE1 ? A GLU 25  ? A GLU 13  ? 1_555 CD ? C CD . ? A CD 201 ? 1_555 O   ? F HOH .   ? A HOH 217 ? 1_555 88.4  ? 
6  OD2 ? A ASP 122 ? A ASP 110 ? 8_675 CD ? C CD . ? A CD 201 ? 1_555 O   ? F HOH .   ? A HOH 217 ? 1_555 74.5  ? 
7  OE2 ? A GLU 25  ? A GLU 13  ? 1_555 CD ? C CD . ? A CD 201 ? 1_555 O   ? F HOH .   ? A HOH 409 ? 1_555 148.7 ? 
8  OE1 ? A GLU 25  ? A GLU 13  ? 1_555 CD ? C CD . ? A CD 201 ? 1_555 O   ? F HOH .   ? A HOH 409 ? 1_555 150.3 ? 
9  OD2 ? A ASP 122 ? A ASP 110 ? 8_675 CD ? C CD . ? A CD 201 ? 1_555 O   ? F HOH .   ? A HOH 409 ? 1_555 86.2  ? 
10 O   ? F HOH .   ? A HOH 217 ? 1_555 CD ? C CD . ? A CD 201 ? 1_555 O   ? F HOH .   ? A HOH 409 ? 1_555 92.1  ? 
11 OE2 ? A GLU 30  ? A GLU 18  ? 5_645 CD ? B CD . ? A CD 200 ? 1_555 OE1 ? A GLU 30  ? A GLU 18  ? 5_645 54.9  ? 
12 OE2 ? A GLU 30  ? A GLU 18  ? 5_645 CD ? B CD . ? A CD 200 ? 1_555 OE1 ? A GLU 151 ? A GLU 139 ? 1_555 161.1 ? 
13 OE1 ? A GLU 30  ? A GLU 18  ? 5_645 CD ? B CD . ? A CD 200 ? 1_555 OE1 ? A GLU 151 ? A GLU 139 ? 1_555 143.6 ? 
14 OE2 ? A GLU 30  ? A GLU 18  ? 5_645 CD ? B CD . ? A CD 200 ? 1_555 OE2 ? A GLU 151 ? A GLU 139 ? 1_555 143.6 ? 
15 OE1 ? A GLU 30  ? A GLU 18  ? 5_645 CD ? B CD . ? A CD 200 ? 1_555 OE2 ? A GLU 151 ? A GLU 139 ? 1_555 88.7  ? 
16 OE1 ? A GLU 151 ? A GLU 139 ? 1_555 CD ? B CD . ? A CD 200 ? 1_555 OE2 ? A GLU 151 ? A GLU 139 ? 1_555 55.0  ? 
17 OE2 ? A GLU 30  ? A GLU 18  ? 5_645 CD ? B CD . ? A CD 200 ? 1_555 O   ? F HOH .   ? A HOH 335 ? 1_555 90.6  ? 
18 OE1 ? A GLU 30  ? A GLU 18  ? 5_645 CD ? B CD . ? A CD 200 ? 1_555 O   ? F HOH .   ? A HOH 335 ? 1_555 87.0  ? 
19 OE1 ? A GLU 151 ? A GLU 139 ? 1_555 CD ? B CD . ? A CD 200 ? 1_555 O   ? F HOH .   ? A HOH 335 ? 1_555 87.4  ? 
20 OE2 ? A GLU 151 ? A GLU 139 ? 1_555 CD ? B CD . ? A CD 200 ? 1_555 O   ? F HOH .   ? A HOH 335 ? 1_555 84.7  ? 
21 OE2 ? A GLU 30  ? A GLU 18  ? 5_645 CD ? B CD . ? A CD 200 ? 1_555 O   ? F HOH .   ? A HOH 407 ? 1_555 93.1  ? 
22 OE1 ? A GLU 30  ? A GLU 18  ? 5_645 CD ? B CD . ? A CD 200 ? 1_555 O   ? F HOH .   ? A HOH 407 ? 1_555 82.4  ? 
23 OE1 ? A GLU 151 ? A GLU 139 ? 1_555 CD ? B CD . ? A CD 200 ? 1_555 O   ? F HOH .   ? A HOH 407 ? 1_555 94.0  ? 
24 OE2 ? A GLU 151 ? A GLU 139 ? 1_555 CD ? B CD . ? A CD 200 ? 1_555 O   ? F HOH .   ? A HOH 407 ? 1_555 83.1  ? 
25 O   ? F HOH .   ? A HOH 335 ? 1_555 CD ? B CD . ? A CD 200 ? 1_555 O   ? F HOH .   ? A HOH 407 ? 1_555 164.0 ? 
26 OE2 ? A GLU 30  ? A GLU 18  ? 5_645 CD ? B CD . ? A CD 200 ? 1_555 O   ? F HOH .   ? A HOH 408 ? 1_555 80.4  ? 
27 OE1 ? A GLU 30  ? A GLU 18  ? 5_645 CD ? B CD . ? A CD 200 ? 1_555 O   ? F HOH .   ? A HOH 408 ? 1_555 135.3 ? 
28 OE1 ? A GLU 151 ? A GLU 139 ? 1_555 CD ? B CD . ? A CD 200 ? 1_555 O   ? F HOH .   ? A HOH 408 ? 1_555 80.9  ? 
29 OE2 ? A GLU 151 ? A GLU 139 ? 1_555 CD ? B CD . ? A CD 200 ? 1_555 O   ? F HOH .   ? A HOH 408 ? 1_555 135.9 ? 
30 O   ? F HOH .   ? A HOH 335 ? 1_555 CD ? B CD . ? A CD 200 ? 1_555 O   ? F HOH .   ? A HOH 408 ? 1_555 92.9  ? 
31 O   ? F HOH .   ? A HOH 407 ? 1_555 CD ? B CD . ? A CD 200 ? 1_555 O   ? F HOH .   ? A HOH 408 ? 1_555 103.1 ? 
# 
_pdbx_modification_feature.ordinal                            1 
_pdbx_modification_feature.label_comp_id                      CYS 
_pdbx_modification_feature.label_asym_id                      A 
_pdbx_modification_feature.label_seq_id                       76 
_pdbx_modification_feature.label_alt_id                       ? 
_pdbx_modification_feature.modified_residue_label_comp_id     CYS 
_pdbx_modification_feature.modified_residue_label_asym_id     A 
_pdbx_modification_feature.modified_residue_label_seq_id      169 
_pdbx_modification_feature.modified_residue_label_alt_id      ? 
_pdbx_modification_feature.auth_comp_id                       CYS 
_pdbx_modification_feature.auth_asym_id                       A 
_pdbx_modification_feature.auth_seq_id                        64 
_pdbx_modification_feature.PDB_ins_code                       ? 
_pdbx_modification_feature.symmetry                           1_555 
_pdbx_modification_feature.modified_residue_auth_comp_id      CYS 
_pdbx_modification_feature.modified_residue_auth_asym_id      A 
_pdbx_modification_feature.modified_residue_auth_seq_id       157 
_pdbx_modification_feature.modified_residue_PDB_ins_code      ? 
_pdbx_modification_feature.modified_residue_symmetry          1_555 
_pdbx_modification_feature.comp_id_linking_atom               SG 
_pdbx_modification_feature.modified_residue_id_linking_atom   SG 
_pdbx_modification_feature.modified_residue_id                . 
_pdbx_modification_feature.ref_pcm_id                         . 
_pdbx_modification_feature.ref_comp_id                        . 
_pdbx_modification_feature.type                               None 
_pdbx_modification_feature.category                           'Disulfide bridge' 
# 
_struct_sheet.id               A 
_struct_sheet.type             ? 
_struct_sheet.number_strands   10 
_struct_sheet.details          ? 
# 
loop_
_struct_sheet_order.sheet_id 
_struct_sheet_order.range_id_1 
_struct_sheet_order.range_id_2 
_struct_sheet_order.offset 
_struct_sheet_order.sense 
A 1 2  ? anti-parallel 
A 2 3  ? anti-parallel 
A 3 4  ? anti-parallel 
A 4 5  ? anti-parallel 
A 5 6  ? anti-parallel 
A 6 7  ? anti-parallel 
A 7 8  ? anti-parallel 
A 8 9  ? anti-parallel 
A 9 10 ? anti-parallel 
# 
loop_
_struct_sheet_range.sheet_id 
_struct_sheet_range.id 
_struct_sheet_range.beg_label_comp_id 
_struct_sheet_range.beg_label_asym_id 
_struct_sheet_range.beg_label_seq_id 
_struct_sheet_range.pdbx_beg_PDB_ins_code 
_struct_sheet_range.end_label_comp_id 
_struct_sheet_range.end_label_asym_id 
_struct_sheet_range.end_label_seq_id 
_struct_sheet_range.pdbx_end_PDB_ins_code 
_struct_sheet_range.beg_auth_comp_id 
_struct_sheet_range.beg_auth_asym_id 
_struct_sheet_range.beg_auth_seq_id 
_struct_sheet_range.end_auth_comp_id 
_struct_sheet_range.end_auth_asym_id 
_struct_sheet_range.end_auth_seq_id 
A 1  GLY A 29  ? GLU A 30  ? GLY A 17  GLU A 18  
A 2  PHE A 53  ? VAL A 59  ? PHE A 41  VAL A 47  
A 3  SER A 63  ? ARG A 72  ? SER A 51  ARG A 60  
A 4  GLU A 75  ? LYS A 85  ? GLU A 63  LYS A 73  
A 5  TYR A 92  ? THR A 95  ? TYR A 80  THR A 83  
A 6  PHE A 99  ? THR A 107 ? PHE A 87  THR A 95  
A 7  PHE A 112 ? LYS A 121 ? PHE A 100 LYS A 109 
A 8  GLU A 124 ? GLY A 133 ? GLU A 112 GLY A 121 
A 9  HIS A 32  ? SER A 38  ? HIS A 20  SER A 26  
A 10 ILE A 160 ? ASP A 162 ? ILE A 148 ASP A 150 
# 
loop_
_pdbx_struct_sheet_hbond.sheet_id 
_pdbx_struct_sheet_hbond.range_id_1 
_pdbx_struct_sheet_hbond.range_id_2 
_pdbx_struct_sheet_hbond.range_1_label_atom_id 
_pdbx_struct_sheet_hbond.range_1_label_comp_id 
_pdbx_struct_sheet_hbond.range_1_label_asym_id 
_pdbx_struct_sheet_hbond.range_1_label_seq_id 
_pdbx_struct_sheet_hbond.range_1_PDB_ins_code 
_pdbx_struct_sheet_hbond.range_1_auth_atom_id 
_pdbx_struct_sheet_hbond.range_1_auth_comp_id 
_pdbx_struct_sheet_hbond.range_1_auth_asym_id 
_pdbx_struct_sheet_hbond.range_1_auth_seq_id 
_pdbx_struct_sheet_hbond.range_2_label_atom_id 
_pdbx_struct_sheet_hbond.range_2_label_comp_id 
_pdbx_struct_sheet_hbond.range_2_label_asym_id 
_pdbx_struct_sheet_hbond.range_2_label_seq_id 
_pdbx_struct_sheet_hbond.range_2_PDB_ins_code 
_pdbx_struct_sheet_hbond.range_2_auth_atom_id 
_pdbx_struct_sheet_hbond.range_2_auth_comp_id 
_pdbx_struct_sheet_hbond.range_2_auth_asym_id 
_pdbx_struct_sheet_hbond.range_2_auth_seq_id 
A 1 2  N GLY A 29  ? N GLY A 17  O ILE A 57  ? O ILE A 45  
A 2 3  N GLU A 55  ? N GLU A 43  O LYS A 67  ? O LYS A 55  
A 3 4  N PHE A 68  ? N PHE A 56  O LEU A 79  ? O LEU A 67  
A 4 5  N ASP A 84  ? N ASP A 72  O SER A 93  ? O SER A 81  
A 5 6  N TYR A 92  ? N TYR A 80  O PHE A 102 ? O PHE A 90  
A 6 7  N PHE A 99  ? N PHE A 87  O GLU A 120 ? O GLU A 108 
A 7 8  N LEU A 117 ? N LEU A 105 O LEU A 128 ? O LEU A 116 
A 8 9  O LEU A 131 ? O LEU A 119 N ILE A 34  ? N ILE A 22  
A 9 10 N LEU A 36  ? N LEU A 24  O ILE A 161 ? O ILE A 149 
# 
loop_
_struct_site.id 
_struct_site.pdbx_evidence_code 
_struct_site.pdbx_auth_asym_id 
_struct_site.pdbx_auth_comp_id 
_struct_site.pdbx_auth_seq_id 
_struct_site.pdbx_auth_ins_code 
_struct_site.pdbx_num_residues 
_struct_site.details 
AC1 Software A CD  200 ? 5 'BINDING SITE FOR RESIDUE CD A 200'  
AC2 Software A CD  201 ? 4 'BINDING SITE FOR RESIDUE CD A 201'  
AC3 Software A PE9 202 ? 3 'BINDING SITE FOR RESIDUE PE9 A 202' 
AC4 Software A PE9 203 ? 5 'BINDING SITE FOR RESIDUE PE9 A 203' 
# 
loop_
_struct_site_gen.id 
_struct_site_gen.site_id 
_struct_site_gen.pdbx_num_res 
_struct_site_gen.label_comp_id 
_struct_site_gen.label_asym_id 
_struct_site_gen.label_seq_id 
_struct_site_gen.pdbx_auth_ins_code 
_struct_site_gen.auth_comp_id 
_struct_site_gen.auth_asym_id 
_struct_site_gen.auth_seq_id 
_struct_site_gen.label_atom_id 
_struct_site_gen.label_alt_id 
_struct_site_gen.symmetry 
_struct_site_gen.details 
1  AC1 5 GLU A 30  ? GLU A 18  . ? 5_645 ? 
2  AC1 5 GLU A 151 ? GLU A 139 . ? 1_555 ? 
3  AC1 5 HOH F .   ? HOH A 335 . ? 1_555 ? 
4  AC1 5 HOH F .   ? HOH A 407 . ? 1_555 ? 
5  AC1 5 HOH F .   ? HOH A 408 . ? 1_555 ? 
6  AC2 4 GLU A 25  ? GLU A 13  . ? 1_555 ? 
7  AC2 4 ASP A 122 ? ASP A 110 . ? 8_675 ? 
8  AC2 4 HOH F .   ? HOH A 217 . ? 1_555 ? 
9  AC2 4 HOH F .   ? HOH A 409 . ? 1_555 ? 
10 AC3 3 ALA A 115 ? ALA A 103 . ? 1_555 ? 
11 AC3 3 LEU A 128 ? LEU A 116 . ? 1_555 ? 
12 AC3 3 TYR A 132 ? TYR A 120 . ? 1_555 ? 
13 AC4 5 PHE A 50  ? PHE A 38  . ? 1_555 ? 
14 AC4 5 MET A 81  ? MET A 69  . ? 1_555 ? 
15 AC4 5 VAL A 94  ? VAL A 82  . ? 1_555 ? 
16 AC4 5 LEU A 128 ? LEU A 116 . ? 1_555 ? 
17 AC4 5 HOH F .   ? HOH A 209 . ? 1_555 ? 
# 
_pdbx_entry_details.entry_id                   1ZND 
_pdbx_entry_details.compound_details           ? 
_pdbx_entry_details.source_details             ? 
_pdbx_entry_details.nonpolymer_details         ? 
_pdbx_entry_details.sequence_details           ? 
_pdbx_entry_details.has_ligand_of_interest     ? 
_pdbx_entry_details.has_protein_modification   Y 
# 
loop_
_pdbx_validate_close_contact.id 
_pdbx_validate_close_contact.PDB_model_num 
_pdbx_validate_close_contact.auth_atom_id_1 
_pdbx_validate_close_contact.auth_asym_id_1 
_pdbx_validate_close_contact.auth_comp_id_1 
_pdbx_validate_close_contact.auth_seq_id_1 
_pdbx_validate_close_contact.PDB_ins_code_1 
_pdbx_validate_close_contact.label_alt_id_1 
_pdbx_validate_close_contact.auth_atom_id_2 
_pdbx_validate_close_contact.auth_asym_id_2 
_pdbx_validate_close_contact.auth_comp_id_2 
_pdbx_validate_close_contact.auth_seq_id_2 
_pdbx_validate_close_contact.PDB_ins_code_2 
_pdbx_validate_close_contact.label_alt_id_2 
_pdbx_validate_close_contact.dist 
1 1 O A HOH 206 ? ? O A HOH 222 ? ? 2.19 
2 1 O A HOH 207 ? ? O A HOH 278 ? ? 2.19 
# 
_pdbx_validate_symm_contact.id                1 
_pdbx_validate_symm_contact.PDB_model_num     1 
_pdbx_validate_symm_contact.auth_atom_id_1    O 
_pdbx_validate_symm_contact.auth_asym_id_1    A 
_pdbx_validate_symm_contact.auth_comp_id_1    HOH 
_pdbx_validate_symm_contact.auth_seq_id_1     368 
_pdbx_validate_symm_contact.PDB_ins_code_1    ? 
_pdbx_validate_symm_contact.label_alt_id_1    ? 
_pdbx_validate_symm_contact.site_symmetry_1   1_555 
_pdbx_validate_symm_contact.auth_atom_id_2    O 
_pdbx_validate_symm_contact.auth_asym_id_2    A 
_pdbx_validate_symm_contact.auth_comp_id_2    HOH 
_pdbx_validate_symm_contact.auth_seq_id_2     368 
_pdbx_validate_symm_contact.PDB_ins_code_2    ? 
_pdbx_validate_symm_contact.label_alt_id_2    ? 
_pdbx_validate_symm_contact.site_symmetry_2   8_665 
_pdbx_validate_symm_contact.dist              2.17 
# 
loop_
_pdbx_validate_torsion.id 
_pdbx_validate_torsion.PDB_model_num 
_pdbx_validate_torsion.auth_comp_id 
_pdbx_validate_torsion.auth_asym_id 
_pdbx_validate_torsion.auth_seq_id 
_pdbx_validate_torsion.PDB_ins_code 
_pdbx_validate_torsion.label_alt_id 
_pdbx_validate_torsion.phi 
_pdbx_validate_torsion.psi 
1 1 TYR A 84  ? ? -166.96 114.01 
2 1 TYR A 97  ? ? 65.82   -42.12 
3 1 ASN A 99  ? ? -128.21 -55.48 
4 1 ALA A 154 ? ? -152.02 22.66  
# 
loop_
_pdbx_unobs_or_zero_occ_residues.id 
_pdbx_unobs_or_zero_occ_residues.PDB_model_num 
_pdbx_unobs_or_zero_occ_residues.polymer_flag 
_pdbx_unobs_or_zero_occ_residues.occupancy_flag 
_pdbx_unobs_or_zero_occ_residues.auth_asym_id 
_pdbx_unobs_or_zero_occ_residues.auth_comp_id 
_pdbx_unobs_or_zero_occ_residues.auth_seq_id 
_pdbx_unobs_or_zero_occ_residues.PDB_ins_code 
_pdbx_unobs_or_zero_occ_residues.label_asym_id 
_pdbx_unobs_or_zero_occ_residues.label_comp_id 
_pdbx_unobs_or_zero_occ_residues.label_seq_id 
1  1 Y 1 A MET -11 ? A MET 1   
2  1 Y 1 A ARG -10 ? A ARG 2   
3  1 Y 1 A GLY -9  ? A GLY 3   
4  1 Y 1 A SER -8  ? A SER 4   
5  1 Y 1 A HIS -7  ? A HIS 5   
6  1 Y 1 A HIS -6  ? A HIS 6   
7  1 Y 1 A HIS -5  ? A HIS 7   
8  1 Y 1 A HIS -4  ? A HIS 8   
9  1 Y 1 A HIS -3  ? A HIS 9   
10 1 Y 1 A HIS -2  ? A HIS 10  
11 1 Y 1 A GLY -1  ? A GLY 11  
12 1 Y 1 A SER 0   ? A SER 12  
13 1 Y 1 A LEU 158 ? A LEU 170 
14 1 Y 1 A GLN 159 ? A GLN 171 
15 1 Y 1 A ALA 160 ? A ALA 172 
16 1 Y 1 A ARG 161 ? A ARG 173 
17 1 Y 1 A GLU 162 ? A GLU 174 
# 
loop_
_chem_comp_atom.comp_id 
_chem_comp_atom.atom_id 
_chem_comp_atom.type_symbol 
_chem_comp_atom.pdbx_aromatic_flag 
_chem_comp_atom.pdbx_stereo_config 
_chem_comp_atom.pdbx_ordinal 
ALA N    N  N N 1   
ALA CA   C  N S 2   
ALA C    C  N N 3   
ALA O    O  N N 4   
ALA CB   C  N N 5   
ALA OXT  O  N N 6   
ALA H    H  N N 7   
ALA H2   H  N N 8   
ALA HA   H  N N 9   
ALA HB1  H  N N 10  
ALA HB2  H  N N 11  
ALA HB3  H  N N 12  
ALA HXT  H  N N 13  
ARG N    N  N N 14  
ARG CA   C  N S 15  
ARG C    C  N N 16  
ARG O    O  N N 17  
ARG CB   C  N N 18  
ARG CG   C  N N 19  
ARG CD   C  N N 20  
ARG NE   N  N N 21  
ARG CZ   C  N N 22  
ARG NH1  N  N N 23  
ARG NH2  N  N N 24  
ARG OXT  O  N N 25  
ARG H    H  N N 26  
ARG H2   H  N N 27  
ARG HA   H  N N 28  
ARG HB2  H  N N 29  
ARG HB3  H  N N 30  
ARG HG2  H  N N 31  
ARG HG3  H  N N 32  
ARG HD2  H  N N 33  
ARG HD3  H  N N 34  
ARG HE   H  N N 35  
ARG HH11 H  N N 36  
ARG HH12 H  N N 37  
ARG HH21 H  N N 38  
ARG HH22 H  N N 39  
ARG HXT  H  N N 40  
ASN N    N  N N 41  
ASN CA   C  N S 42  
ASN C    C  N N 43  
ASN O    O  N N 44  
ASN CB   C  N N 45  
ASN CG   C  N N 46  
ASN OD1  O  N N 47  
ASN ND2  N  N N 48  
ASN OXT  O  N N 49  
ASN H    H  N N 50  
ASN H2   H  N N 51  
ASN HA   H  N N 52  
ASN HB2  H  N N 53  
ASN HB3  H  N N 54  
ASN HD21 H  N N 55  
ASN HD22 H  N N 56  
ASN HXT  H  N N 57  
ASP N    N  N N 58  
ASP CA   C  N S 59  
ASP C    C  N N 60  
ASP O    O  N N 61  
ASP CB   C  N N 62  
ASP CG   C  N N 63  
ASP OD1  O  N N 64  
ASP OD2  O  N N 65  
ASP OXT  O  N N 66  
ASP H    H  N N 67  
ASP H2   H  N N 68  
ASP HA   H  N N 69  
ASP HB2  H  N N 70  
ASP HB3  H  N N 71  
ASP HD2  H  N N 72  
ASP HXT  H  N N 73  
CD  CD   CD N N 74  
CYS N    N  N N 75  
CYS CA   C  N R 76  
CYS C    C  N N 77  
CYS O    O  N N 78  
CYS CB   C  N N 79  
CYS SG   S  N N 80  
CYS OXT  O  N N 81  
CYS H    H  N N 82  
CYS H2   H  N N 83  
CYS HA   H  N N 84  
CYS HB2  H  N N 85  
CYS HB3  H  N N 86  
CYS HG   H  N N 87  
CYS HXT  H  N N 88  
GLN N    N  N N 89  
GLN CA   C  N S 90  
GLN C    C  N N 91  
GLN O    O  N N 92  
GLN CB   C  N N 93  
GLN CG   C  N N 94  
GLN CD   C  N N 95  
GLN OE1  O  N N 96  
GLN NE2  N  N N 97  
GLN OXT  O  N N 98  
GLN H    H  N N 99  
GLN H2   H  N N 100 
GLN HA   H  N N 101 
GLN HB2  H  N N 102 
GLN HB3  H  N N 103 
GLN HG2  H  N N 104 
GLN HG3  H  N N 105 
GLN HE21 H  N N 106 
GLN HE22 H  N N 107 
GLN HXT  H  N N 108 
GLU N    N  N N 109 
GLU CA   C  N S 110 
GLU C    C  N N 111 
GLU O    O  N N 112 
GLU CB   C  N N 113 
GLU CG   C  N N 114 
GLU CD   C  N N 115 
GLU OE1  O  N N 116 
GLU OE2  O  N N 117 
GLU OXT  O  N N 118 
GLU H    H  N N 119 
GLU H2   H  N N 120 
GLU HA   H  N N 121 
GLU HB2  H  N N 122 
GLU HB3  H  N N 123 
GLU HG2  H  N N 124 
GLU HG3  H  N N 125 
GLU HE2  H  N N 126 
GLU HXT  H  N N 127 
GLY N    N  N N 128 
GLY CA   C  N N 129 
GLY C    C  N N 130 
GLY O    O  N N 131 
GLY OXT  O  N N 132 
GLY H    H  N N 133 
GLY H2   H  N N 134 
GLY HA2  H  N N 135 
GLY HA3  H  N N 136 
GLY HXT  H  N N 137 
HIS N    N  N N 138 
HIS CA   C  N S 139 
HIS C    C  N N 140 
HIS O    O  N N 141 
HIS CB   C  N N 142 
HIS CG   C  Y N 143 
HIS ND1  N  Y N 144 
HIS CD2  C  Y N 145 
HIS CE1  C  Y N 146 
HIS NE2  N  Y N 147 
HIS OXT  O  N N 148 
HIS H    H  N N 149 
HIS H2   H  N N 150 
HIS HA   H  N N 151 
HIS HB2  H  N N 152 
HIS HB3  H  N N 153 
HIS HD1  H  N N 154 
HIS HD2  H  N N 155 
HIS HE1  H  N N 156 
HIS HE2  H  N N 157 
HIS HXT  H  N N 158 
HOH O    O  N N 159 
HOH H1   H  N N 160 
HOH H2   H  N N 161 
ILE N    N  N N 162 
ILE CA   C  N S 163 
ILE C    C  N N 164 
ILE O    O  N N 165 
ILE CB   C  N S 166 
ILE CG1  C  N N 167 
ILE CG2  C  N N 168 
ILE CD1  C  N N 169 
ILE OXT  O  N N 170 
ILE H    H  N N 171 
ILE H2   H  N N 172 
ILE HA   H  N N 173 
ILE HB   H  N N 174 
ILE HG12 H  N N 175 
ILE HG13 H  N N 176 
ILE HG21 H  N N 177 
ILE HG22 H  N N 178 
ILE HG23 H  N N 179 
ILE HD11 H  N N 180 
ILE HD12 H  N N 181 
ILE HD13 H  N N 182 
ILE HXT  H  N N 183 
LEU N    N  N N 184 
LEU CA   C  N S 185 
LEU C    C  N N 186 
LEU O    O  N N 187 
LEU CB   C  N N 188 
LEU CG   C  N N 189 
LEU CD1  C  N N 190 
LEU CD2  C  N N 191 
LEU OXT  O  N N 192 
LEU H    H  N N 193 
LEU H2   H  N N 194 
LEU HA   H  N N 195 
LEU HB2  H  N N 196 
LEU HB3  H  N N 197 
LEU HG   H  N N 198 
LEU HD11 H  N N 199 
LEU HD12 H  N N 200 
LEU HD13 H  N N 201 
LEU HD21 H  N N 202 
LEU HD22 H  N N 203 
LEU HD23 H  N N 204 
LEU HXT  H  N N 205 
LYS N    N  N N 206 
LYS CA   C  N S 207 
LYS C    C  N N 208 
LYS O    O  N N 209 
LYS CB   C  N N 210 
LYS CG   C  N N 211 
LYS CD   C  N N 212 
LYS CE   C  N N 213 
LYS NZ   N  N N 214 
LYS OXT  O  N N 215 
LYS H    H  N N 216 
LYS H2   H  N N 217 
LYS HA   H  N N 218 
LYS HB2  H  N N 219 
LYS HB3  H  N N 220 
LYS HG2  H  N N 221 
LYS HG3  H  N N 222 
LYS HD2  H  N N 223 
LYS HD3  H  N N 224 
LYS HE2  H  N N 225 
LYS HE3  H  N N 226 
LYS HZ1  H  N N 227 
LYS HZ2  H  N N 228 
LYS HZ3  H  N N 229 
LYS HXT  H  N N 230 
MET N    N  N N 231 
MET CA   C  N S 232 
MET C    C  N N 233 
MET O    O  N N 234 
MET CB   C  N N 235 
MET CG   C  N N 236 
MET SD   S  N N 237 
MET CE   C  N N 238 
MET OXT  O  N N 239 
MET H    H  N N 240 
MET H2   H  N N 241 
MET HA   H  N N 242 
MET HB2  H  N N 243 
MET HB3  H  N N 244 
MET HG2  H  N N 245 
MET HG3  H  N N 246 
MET HE1  H  N N 247 
MET HE2  H  N N 248 
MET HE3  H  N N 249 
MET HXT  H  N N 250 
PE9 CAA  C  N N 251 
PE9 CAC  C  N N 252 
PE9 CAE  C  N N 253 
PE9 CAF  C  N N 254 
PE9 CAD  C  N N 255 
PE9 OAB  O  N N 256 
PE9 HAA1 H  N N 257 
PE9 HAA2 H  N N 258 
PE9 HAA3 H  N N 259 
PE9 HAC1 H  N N 260 
PE9 HAC2 H  N N 261 
PE9 HAE1 H  N N 262 
PE9 HAE2 H  N N 263 
PE9 HAF1 H  N N 264 
PE9 HAF2 H  N N 265 
PE9 HAD1 H  N N 266 
PE9 HAD2 H  N N 267 
PE9 HAB  H  N N 268 
PHE N    N  N N 269 
PHE CA   C  N S 270 
PHE C    C  N N 271 
PHE O    O  N N 272 
PHE CB   C  N N 273 
PHE CG   C  Y N 274 
PHE CD1  C  Y N 275 
PHE CD2  C  Y N 276 
PHE CE1  C  Y N 277 
PHE CE2  C  Y N 278 
PHE CZ   C  Y N 279 
PHE OXT  O  N N 280 
PHE H    H  N N 281 
PHE H2   H  N N 282 
PHE HA   H  N N 283 
PHE HB2  H  N N 284 
PHE HB3  H  N N 285 
PHE HD1  H  N N 286 
PHE HD2  H  N N 287 
PHE HE1  H  N N 288 
PHE HE2  H  N N 289 
PHE HZ   H  N N 290 
PHE HXT  H  N N 291 
PRO N    N  N N 292 
PRO CA   C  N S 293 
PRO C    C  N N 294 
PRO O    O  N N 295 
PRO CB   C  N N 296 
PRO CG   C  N N 297 
PRO CD   C  N N 298 
PRO OXT  O  N N 299 
PRO H    H  N N 300 
PRO HA   H  N N 301 
PRO HB2  H  N N 302 
PRO HB3  H  N N 303 
PRO HG2  H  N N 304 
PRO HG3  H  N N 305 
PRO HD2  H  N N 306 
PRO HD3  H  N N 307 
PRO HXT  H  N N 308 
SER N    N  N N 309 
SER CA   C  N S 310 
SER C    C  N N 311 
SER O    O  N N 312 
SER CB   C  N N 313 
SER OG   O  N N 314 
SER OXT  O  N N 315 
SER H    H  N N 316 
SER H2   H  N N 317 
SER HA   H  N N 318 
SER HB2  H  N N 319 
SER HB3  H  N N 320 
SER HG   H  N N 321 
SER HXT  H  N N 322 
THR N    N  N N 323 
THR CA   C  N S 324 
THR C    C  N N 325 
THR O    O  N N 326 
THR CB   C  N R 327 
THR OG1  O  N N 328 
THR CG2  C  N N 329 
THR OXT  O  N N 330 
THR H    H  N N 331 
THR H2   H  N N 332 
THR HA   H  N N 333 
THR HB   H  N N 334 
THR HG1  H  N N 335 
THR HG21 H  N N 336 
THR HG22 H  N N 337 
THR HG23 H  N N 338 
THR HXT  H  N N 339 
TRP N    N  N N 340 
TRP CA   C  N S 341 
TRP C    C  N N 342 
TRP O    O  N N 343 
TRP CB   C  N N 344 
TRP CG   C  Y N 345 
TRP CD1  C  Y N 346 
TRP CD2  C  Y N 347 
TRP NE1  N  Y N 348 
TRP CE2  C  Y N 349 
TRP CE3  C  Y N 350 
TRP CZ2  C  Y N 351 
TRP CZ3  C  Y N 352 
TRP CH2  C  Y N 353 
TRP OXT  O  N N 354 
TRP H    H  N N 355 
TRP H2   H  N N 356 
TRP HA   H  N N 357 
TRP HB2  H  N N 358 
TRP HB3  H  N N 359 
TRP HD1  H  N N 360 
TRP HE1  H  N N 361 
TRP HE3  H  N N 362 
TRP HZ2  H  N N 363 
TRP HZ3  H  N N 364 
TRP HH2  H  N N 365 
TRP HXT  H  N N 366 
TYR N    N  N N 367 
TYR CA   C  N S 368 
TYR C    C  N N 369 
TYR O    O  N N 370 
TYR CB   C  N N 371 
TYR CG   C  Y N 372 
TYR CD1  C  Y N 373 
TYR CD2  C  Y N 374 
TYR CE1  C  Y N 375 
TYR CE2  C  Y N 376 
TYR CZ   C  Y N 377 
TYR OH   O  N N 378 
TYR OXT  O  N N 379 
TYR H    H  N N 380 
TYR H2   H  N N 381 
TYR HA   H  N N 382 
TYR HB2  H  N N 383 
TYR HB3  H  N N 384 
TYR HD1  H  N N 385 
TYR HD2  H  N N 386 
TYR HE1  H  N N 387 
TYR HE2  H  N N 388 
TYR HH   H  N N 389 
TYR HXT  H  N N 390 
VAL N    N  N N 391 
VAL CA   C  N S 392 
VAL C    C  N N 393 
VAL O    O  N N 394 
VAL CB   C  N N 395 
VAL CG1  C  N N 396 
VAL CG2  C  N N 397 
VAL OXT  O  N N 398 
VAL H    H  N N 399 
VAL H2   H  N N 400 
VAL HA   H  N N 401 
VAL HB   H  N N 402 
VAL HG11 H  N N 403 
VAL HG12 H  N N 404 
VAL HG13 H  N N 405 
VAL HG21 H  N N 406 
VAL HG22 H  N N 407 
VAL HG23 H  N N 408 
VAL HXT  H  N N 409 
# 
loop_
_chem_comp_bond.comp_id 
_chem_comp_bond.atom_id_1 
_chem_comp_bond.atom_id_2 
_chem_comp_bond.value_order 
_chem_comp_bond.pdbx_aromatic_flag 
_chem_comp_bond.pdbx_stereo_config 
_chem_comp_bond.pdbx_ordinal 
ALA N   CA   sing N N 1   
ALA N   H    sing N N 2   
ALA N   H2   sing N N 3   
ALA CA  C    sing N N 4   
ALA CA  CB   sing N N 5   
ALA CA  HA   sing N N 6   
ALA C   O    doub N N 7   
ALA C   OXT  sing N N 8   
ALA CB  HB1  sing N N 9   
ALA CB  HB2  sing N N 10  
ALA CB  HB3  sing N N 11  
ALA OXT HXT  sing N N 12  
ARG N   CA   sing N N 13  
ARG N   H    sing N N 14  
ARG N   H2   sing N N 15  
ARG CA  C    sing N N 16  
ARG CA  CB   sing N N 17  
ARG CA  HA   sing N N 18  
ARG C   O    doub N N 19  
ARG C   OXT  sing N N 20  
ARG CB  CG   sing N N 21  
ARG CB  HB2  sing N N 22  
ARG CB  HB3  sing N N 23  
ARG CG  CD   sing N N 24  
ARG CG  HG2  sing N N 25  
ARG CG  HG3  sing N N 26  
ARG CD  NE   sing N N 27  
ARG CD  HD2  sing N N 28  
ARG CD  HD3  sing N N 29  
ARG NE  CZ   sing N N 30  
ARG NE  HE   sing N N 31  
ARG CZ  NH1  sing N N 32  
ARG CZ  NH2  doub N N 33  
ARG NH1 HH11 sing N N 34  
ARG NH1 HH12 sing N N 35  
ARG NH2 HH21 sing N N 36  
ARG NH2 HH22 sing N N 37  
ARG OXT HXT  sing N N 38  
ASN N   CA   sing N N 39  
ASN N   H    sing N N 40  
ASN N   H2   sing N N 41  
ASN CA  C    sing N N 42  
ASN CA  CB   sing N N 43  
ASN CA  HA   sing N N 44  
ASN C   O    doub N N 45  
ASN C   OXT  sing N N 46  
ASN CB  CG   sing N N 47  
ASN CB  HB2  sing N N 48  
ASN CB  HB3  sing N N 49  
ASN CG  OD1  doub N N 50  
ASN CG  ND2  sing N N 51  
ASN ND2 HD21 sing N N 52  
ASN ND2 HD22 sing N N 53  
ASN OXT HXT  sing N N 54  
ASP N   CA   sing N N 55  
ASP N   H    sing N N 56  
ASP N   H2   sing N N 57  
ASP CA  C    sing N N 58  
ASP CA  CB   sing N N 59  
ASP CA  HA   sing N N 60  
ASP C   O    doub N N 61  
ASP C   OXT  sing N N 62  
ASP CB  CG   sing N N 63  
ASP CB  HB2  sing N N 64  
ASP CB  HB3  sing N N 65  
ASP CG  OD1  doub N N 66  
ASP CG  OD2  sing N N 67  
ASP OD2 HD2  sing N N 68  
ASP OXT HXT  sing N N 69  
CYS N   CA   sing N N 70  
CYS N   H    sing N N 71  
CYS N   H2   sing N N 72  
CYS CA  C    sing N N 73  
CYS CA  CB   sing N N 74  
CYS CA  HA   sing N N 75  
CYS C   O    doub N N 76  
CYS C   OXT  sing N N 77  
CYS CB  SG   sing N N 78  
CYS CB  HB2  sing N N 79  
CYS CB  HB3  sing N N 80  
CYS SG  HG   sing N N 81  
CYS OXT HXT  sing N N 82  
GLN N   CA   sing N N 83  
GLN N   H    sing N N 84  
GLN N   H2   sing N N 85  
GLN CA  C    sing N N 86  
GLN CA  CB   sing N N 87  
GLN CA  HA   sing N N 88  
GLN C   O    doub N N 89  
GLN C   OXT  sing N N 90  
GLN CB  CG   sing N N 91  
GLN CB  HB2  sing N N 92  
GLN CB  HB3  sing N N 93  
GLN CG  CD   sing N N 94  
GLN CG  HG2  sing N N 95  
GLN CG  HG3  sing N N 96  
GLN CD  OE1  doub N N 97  
GLN CD  NE2  sing N N 98  
GLN NE2 HE21 sing N N 99  
GLN NE2 HE22 sing N N 100 
GLN OXT HXT  sing N N 101 
GLU N   CA   sing N N 102 
GLU N   H    sing N N 103 
GLU N   H2   sing N N 104 
GLU CA  C    sing N N 105 
GLU CA  CB   sing N N 106 
GLU CA  HA   sing N N 107 
GLU C   O    doub N N 108 
GLU C   OXT  sing N N 109 
GLU CB  CG   sing N N 110 
GLU CB  HB2  sing N N 111 
GLU CB  HB3  sing N N 112 
GLU CG  CD   sing N N 113 
GLU CG  HG2  sing N N 114 
GLU CG  HG3  sing N N 115 
GLU CD  OE1  doub N N 116 
GLU CD  OE2  sing N N 117 
GLU OE2 HE2  sing N N 118 
GLU OXT HXT  sing N N 119 
GLY N   CA   sing N N 120 
GLY N   H    sing N N 121 
GLY N   H2   sing N N 122 
GLY CA  C    sing N N 123 
GLY CA  HA2  sing N N 124 
GLY CA  HA3  sing N N 125 
GLY C   O    doub N N 126 
GLY C   OXT  sing N N 127 
GLY OXT HXT  sing N N 128 
HIS N   CA   sing N N 129 
HIS N   H    sing N N 130 
HIS N   H2   sing N N 131 
HIS CA  C    sing N N 132 
HIS CA  CB   sing N N 133 
HIS CA  HA   sing N N 134 
HIS C   O    doub N N 135 
HIS C   OXT  sing N N 136 
HIS CB  CG   sing N N 137 
HIS CB  HB2  sing N N 138 
HIS CB  HB3  sing N N 139 
HIS CG  ND1  sing Y N 140 
HIS CG  CD2  doub Y N 141 
HIS ND1 CE1  doub Y N 142 
HIS ND1 HD1  sing N N 143 
HIS CD2 NE2  sing Y N 144 
HIS CD2 HD2  sing N N 145 
HIS CE1 NE2  sing Y N 146 
HIS CE1 HE1  sing N N 147 
HIS NE2 HE2  sing N N 148 
HIS OXT HXT  sing N N 149 
HOH O   H1   sing N N 150 
HOH O   H2   sing N N 151 
ILE N   CA   sing N N 152 
ILE N   H    sing N N 153 
ILE N   H2   sing N N 154 
ILE CA  C    sing N N 155 
ILE CA  CB   sing N N 156 
ILE CA  HA   sing N N 157 
ILE C   O    doub N N 158 
ILE C   OXT  sing N N 159 
ILE CB  CG1  sing N N 160 
ILE CB  CG2  sing N N 161 
ILE CB  HB   sing N N 162 
ILE CG1 CD1  sing N N 163 
ILE CG1 HG12 sing N N 164 
ILE CG1 HG13 sing N N 165 
ILE CG2 HG21 sing N N 166 
ILE CG2 HG22 sing N N 167 
ILE CG2 HG23 sing N N 168 
ILE CD1 HD11 sing N N 169 
ILE CD1 HD12 sing N N 170 
ILE CD1 HD13 sing N N 171 
ILE OXT HXT  sing N N 172 
LEU N   CA   sing N N 173 
LEU N   H    sing N N 174 
LEU N   H2   sing N N 175 
LEU CA  C    sing N N 176 
LEU CA  CB   sing N N 177 
LEU CA  HA   sing N N 178 
LEU C   O    doub N N 179 
LEU C   OXT  sing N N 180 
LEU CB  CG   sing N N 181 
LEU CB  HB2  sing N N 182 
LEU CB  HB3  sing N N 183 
LEU CG  CD1  sing N N 184 
LEU CG  CD2  sing N N 185 
LEU CG  HG   sing N N 186 
LEU CD1 HD11 sing N N 187 
LEU CD1 HD12 sing N N 188 
LEU CD1 HD13 sing N N 189 
LEU CD2 HD21 sing N N 190 
LEU CD2 HD22 sing N N 191 
LEU CD2 HD23 sing N N 192 
LEU OXT HXT  sing N N 193 
LYS N   CA   sing N N 194 
LYS N   H    sing N N 195 
LYS N   H2   sing N N 196 
LYS CA  C    sing N N 197 
LYS CA  CB   sing N N 198 
LYS CA  HA   sing N N 199 
LYS C   O    doub N N 200 
LYS C   OXT  sing N N 201 
LYS CB  CG   sing N N 202 
LYS CB  HB2  sing N N 203 
LYS CB  HB3  sing N N 204 
LYS CG  CD   sing N N 205 
LYS CG  HG2  sing N N 206 
LYS CG  HG3  sing N N 207 
LYS CD  CE   sing N N 208 
LYS CD  HD2  sing N N 209 
LYS CD  HD3  sing N N 210 
LYS CE  NZ   sing N N 211 
LYS CE  HE2  sing N N 212 
LYS CE  HE3  sing N N 213 
LYS NZ  HZ1  sing N N 214 
LYS NZ  HZ2  sing N N 215 
LYS NZ  HZ3  sing N N 216 
LYS OXT HXT  sing N N 217 
MET N   CA   sing N N 218 
MET N   H    sing N N 219 
MET N   H2   sing N N 220 
MET CA  C    sing N N 221 
MET CA  CB   sing N N 222 
MET CA  HA   sing N N 223 
MET C   O    doub N N 224 
MET C   OXT  sing N N 225 
MET CB  CG   sing N N 226 
MET CB  HB2  sing N N 227 
MET CB  HB3  sing N N 228 
MET CG  SD   sing N N 229 
MET CG  HG2  sing N N 230 
MET CG  HG3  sing N N 231 
MET SD  CE   sing N N 232 
MET CE  HE1  sing N N 233 
MET CE  HE2  sing N N 234 
MET CE  HE3  sing N N 235 
MET OXT HXT  sing N N 236 
PE9 CAA CAC  sing N N 237 
PE9 CAA HAA1 sing N N 238 
PE9 CAA HAA2 sing N N 239 
PE9 CAA HAA3 sing N N 240 
PE9 CAC CAE  sing N N 241 
PE9 CAC HAC1 sing N N 242 
PE9 CAC HAC2 sing N N 243 
PE9 CAE CAF  sing N N 244 
PE9 CAE HAE1 sing N N 245 
PE9 CAE HAE2 sing N N 246 
PE9 CAF CAD  sing N N 247 
PE9 CAF HAF1 sing N N 248 
PE9 CAF HAF2 sing N N 249 
PE9 CAD OAB  sing N N 250 
PE9 CAD HAD1 sing N N 251 
PE9 CAD HAD2 sing N N 252 
PE9 OAB HAB  sing N N 253 
PHE N   CA   sing N N 254 
PHE N   H    sing N N 255 
PHE N   H2   sing N N 256 
PHE CA  C    sing N N 257 
PHE CA  CB   sing N N 258 
PHE CA  HA   sing N N 259 
PHE C   O    doub N N 260 
PHE C   OXT  sing N N 261 
PHE CB  CG   sing N N 262 
PHE CB  HB2  sing N N 263 
PHE CB  HB3  sing N N 264 
PHE CG  CD1  doub Y N 265 
PHE CG  CD2  sing Y N 266 
PHE CD1 CE1  sing Y N 267 
PHE CD1 HD1  sing N N 268 
PHE CD2 CE2  doub Y N 269 
PHE CD2 HD2  sing N N 270 
PHE CE1 CZ   doub Y N 271 
PHE CE1 HE1  sing N N 272 
PHE CE2 CZ   sing Y N 273 
PHE CE2 HE2  sing N N 274 
PHE CZ  HZ   sing N N 275 
PHE OXT HXT  sing N N 276 
PRO N   CA   sing N N 277 
PRO N   CD   sing N N 278 
PRO N   H    sing N N 279 
PRO CA  C    sing N N 280 
PRO CA  CB   sing N N 281 
PRO CA  HA   sing N N 282 
PRO C   O    doub N N 283 
PRO C   OXT  sing N N 284 
PRO CB  CG   sing N N 285 
PRO CB  HB2  sing N N 286 
PRO CB  HB3  sing N N 287 
PRO CG  CD   sing N N 288 
PRO CG  HG2  sing N N 289 
PRO CG  HG3  sing N N 290 
PRO CD  HD2  sing N N 291 
PRO CD  HD3  sing N N 292 
PRO OXT HXT  sing N N 293 
SER N   CA   sing N N 294 
SER N   H    sing N N 295 
SER N   H2   sing N N 296 
SER CA  C    sing N N 297 
SER CA  CB   sing N N 298 
SER CA  HA   sing N N 299 
SER C   O    doub N N 300 
SER C   OXT  sing N N 301 
SER CB  OG   sing N N 302 
SER CB  HB2  sing N N 303 
SER CB  HB3  sing N N 304 
SER OG  HG   sing N N 305 
SER OXT HXT  sing N N 306 
THR N   CA   sing N N 307 
THR N   H    sing N N 308 
THR N   H2   sing N N 309 
THR CA  C    sing N N 310 
THR CA  CB   sing N N 311 
THR CA  HA   sing N N 312 
THR C   O    doub N N 313 
THR C   OXT  sing N N 314 
THR CB  OG1  sing N N 315 
THR CB  CG2  sing N N 316 
THR CB  HB   sing N N 317 
THR OG1 HG1  sing N N 318 
THR CG2 HG21 sing N N 319 
THR CG2 HG22 sing N N 320 
THR CG2 HG23 sing N N 321 
THR OXT HXT  sing N N 322 
TRP N   CA   sing N N 323 
TRP N   H    sing N N 324 
TRP N   H2   sing N N 325 
TRP CA  C    sing N N 326 
TRP CA  CB   sing N N 327 
TRP CA  HA   sing N N 328 
TRP C   O    doub N N 329 
TRP C   OXT  sing N N 330 
TRP CB  CG   sing N N 331 
TRP CB  HB2  sing N N 332 
TRP CB  HB3  sing N N 333 
TRP CG  CD1  doub Y N 334 
TRP CG  CD2  sing Y N 335 
TRP CD1 NE1  sing Y N 336 
TRP CD1 HD1  sing N N 337 
TRP CD2 CE2  doub Y N 338 
TRP CD2 CE3  sing Y N 339 
TRP NE1 CE2  sing Y N 340 
TRP NE1 HE1  sing N N 341 
TRP CE2 CZ2  sing Y N 342 
TRP CE3 CZ3  doub Y N 343 
TRP CE3 HE3  sing N N 344 
TRP CZ2 CH2  doub Y N 345 
TRP CZ2 HZ2  sing N N 346 
TRP CZ3 CH2  sing Y N 347 
TRP CZ3 HZ3  sing N N 348 
TRP CH2 HH2  sing N N 349 
TRP OXT HXT  sing N N 350 
TYR N   CA   sing N N 351 
TYR N   H    sing N N 352 
TYR N   H2   sing N N 353 
TYR CA  C    sing N N 354 
TYR CA  CB   sing N N 355 
TYR CA  HA   sing N N 356 
TYR C   O    doub N N 357 
TYR C   OXT  sing N N 358 
TYR CB  CG   sing N N 359 
TYR CB  HB2  sing N N 360 
TYR CB  HB3  sing N N 361 
TYR CG  CD1  doub Y N 362 
TYR CG  CD2  sing Y N 363 
TYR CD1 CE1  sing Y N 364 
TYR CD1 HD1  sing N N 365 
TYR CD2 CE2  doub Y N 366 
TYR CD2 HD2  sing N N 367 
TYR CE1 CZ   doub Y N 368 
TYR CE1 HE1  sing N N 369 
TYR CE2 CZ   sing Y N 370 
TYR CE2 HE2  sing N N 371 
TYR CZ  OH   sing N N 372 
TYR OH  HH   sing N N 373 
TYR OXT HXT  sing N N 374 
VAL N   CA   sing N N 375 
VAL N   H    sing N N 376 
VAL N   H2   sing N N 377 
VAL CA  C    sing N N 378 
VAL CA  CB   sing N N 379 
VAL CA  HA   sing N N 380 
VAL C   O    doub N N 381 
VAL C   OXT  sing N N 382 
VAL CB  CG1  sing N N 383 
VAL CB  CG2  sing N N 384 
VAL CB  HB   sing N N 385 
VAL CG1 HG11 sing N N 386 
VAL CG1 HG12 sing N N 387 
VAL CG1 HG13 sing N N 388 
VAL CG2 HG21 sing N N 389 
VAL CG2 HG22 sing N N 390 
VAL CG2 HG23 sing N N 391 
VAL OXT HXT  sing N N 392 
# 
_pdbx_initial_refinement_model.id               1 
_pdbx_initial_refinement_model.entity_id_list   ? 
_pdbx_initial_refinement_model.type             'experimental model' 
_pdbx_initial_refinement_model.source_name      PDB 
_pdbx_initial_refinement_model.accession_code   1QY0 
_pdbx_initial_refinement_model.details          ? 
# 
_atom_sites.entry_id                    1ZND 
_atom_sites.fract_transf_matrix[1][1]   -0.00434765 
_atom_sites.fract_transf_matrix[1][2]   -0.00069335 
_atom_sites.fract_transf_matrix[1][3]   0.01816201 
_atom_sites.fract_transf_matrix[2][1]   -0.01055954 
_atom_sites.fract_transf_matrix[2][2]   -0.01510300 
_atom_sites.fract_transf_matrix[2][3]   -0.00310433 
_atom_sites.fract_transf_matrix[3][1]   0.00577934 
_atom_sites.fract_transf_matrix[3][2]   -0.00429142 
_atom_sites.fract_transf_matrix[3][3]   0.00121964 
_atom_sites.fract_transf_vector[1]      0.876855 
_atom_sites.fract_transf_vector[2]      0.433580 
_atom_sites.fract_transf_vector[3]      0.312285 
# 
loop_
_atom_type.symbol 
C  
CD 
N  
O  
S  
# 
loop_
_atom_site.group_PDB 
_atom_site.id 
_atom_site.type_symbol 
_atom_site.label_atom_id 
_atom_site.label_alt_id 
_atom_site.label_comp_id 
_atom_site.label_asym_id 
_atom_site.label_entity_id 
_atom_site.label_seq_id 
_atom_site.pdbx_PDB_ins_code 
_atom_site.Cartn_x 
_atom_site.Cartn_y 
_atom_site.Cartn_z 
_atom_site.occupancy 
_atom_site.B_iso_or_equiv 
_atom_site.pdbx_formal_charge 
_atom_site.auth_seq_id 
_atom_site.auth_comp_id 
_atom_site.auth_asym_id 
_atom_site.auth_atom_id 
_atom_site.pdbx_PDB_model_num 
ATOM   1    N  N   . GLU A 1 13  ? 4.677   -8.764  -17.769 1.00 48.61 ? 1   GLU A N   1 
ATOM   2    C  CA  . GLU A 1 13  ? 3.948   -7.524  -18.158 1.00 48.76 ? 1   GLU A CA  1 
ATOM   3    C  C   . GLU A 1 13  ? 3.520   -6.757  -16.912 1.00 43.74 ? 1   GLU A C   1 
ATOM   4    O  O   . GLU A 1 13  ? 3.355   -7.335  -15.837 1.00 43.32 ? 1   GLU A O   1 
ATOM   5    C  CB  . GLU A 1 13  ? 2.710   -7.858  -19.005 1.00 55.46 ? 1   GLU A CB  1 
ATOM   6    C  CG  . GLU A 1 13  ? 1.508   -8.403  -18.229 1.00 65.39 ? 1   GLU A CG  1 
ATOM   7    C  CD  . GLU A 1 13  ? 1.664   -9.858  -17.801 1.00 70.49 ? 1   GLU A CD  1 
ATOM   8    O  OE1 . GLU A 1 13  ? 0.732   -10.390 -17.155 1.00 73.46 ? 1   GLU A OE1 1 
ATOM   9    O  OE2 . GLU A 1 13  ? 2.710   -10.471 -18.115 1.00 74.02 ? 1   GLU A OE2 1 
ATOM   10   N  N   . GLU A 1 14  ? 3.352   -5.451  -17.061 1.00 37.12 ? 2   GLU A N   1 
ATOM   11   C  CA  . GLU A 1 14  ? 2.955   -4.602  -15.950 1.00 31.40 ? 2   GLU A CA  1 
ATOM   12   C  C   . GLU A 1 14  ? 1.632   -3.928  -16.239 1.00 29.12 ? 2   GLU A C   1 
ATOM   13   O  O   . GLU A 1 14  ? 1.240   -3.750  -17.403 1.00 29.22 ? 2   GLU A O   1 
ATOM   14   C  CB  . GLU A 1 14  ? 4.034   -3.567  -15.683 1.00 29.24 ? 2   GLU A CB  1 
ATOM   15   C  CG  . GLU A 1 14  ? 5.352   -4.229  -15.373 1.00 30.08 ? 2   GLU A CG  1 
ATOM   16   C  CD  . GLU A 1 14  ? 6.423   -3.257  -14.935 1.00 30.55 ? 2   GLU A CD  1 
ATOM   17   O  OE1 . GLU A 1 14  ? 6.225   -2.031  -15.098 1.00 31.41 ? 2   GLU A OE1 1 
ATOM   18   O  OE2 . GLU A 1 14  ? 7.468   -3.744  -14.445 1.00 29.69 ? 2   GLU A OE2 1 
ATOM   19   N  N   . ALA A 1 15  ? 0.946   -3.536  -15.176 1.00 23.65 ? 3   ALA A N   1 
ATOM   20   C  CA  . ALA A 1 15  ? -0.355  -2.929  -15.333 1.00 22.25 ? 3   ALA A CA  1 
ATOM   21   C  C   . ALA A 1 15  ? -0.625  -1.947  -14.223 1.00 21.22 ? 3   ALA A C   1 
ATOM   22   O  O   . ALA A 1 15  ? 0.085   -1.895  -13.215 1.00 19.53 ? 3   ALA A O   1 
ATOM   23   C  CB  . ALA A 1 15  ? -1.448  -4.026  -15.310 1.00 22.44 ? 3   ALA A CB  1 
ATOM   24   N  N   . SER A 1 16  ? -1.645  -1.145  -14.453 1.00 20.07 ? 4   SER A N   1 
ATOM   25   C  CA  . SER A 1 16  ? -2.126  -0.168  -13.490 1.00 18.90 ? 4   SER A CA  1 
ATOM   26   C  C   . SER A 1 16  ? -3.581  -0.555  -13.245 1.00 19.09 ? 4   SER A C   1 
ATOM   27   O  O   . SER A 1 16  ? -4.265  -1.033  -14.164 1.00 18.61 ? 4   SER A O   1 
ATOM   28   C  CB  . SER A 1 16  ? -2.045  1.239   -14.092 1.00 21.67 ? 4   SER A CB  1 
ATOM   29   O  OG  . SER A 1 16  ? -2.792  2.155   -13.301 1.00 29.77 ? 4   SER A OG  1 
ATOM   30   N  N   . SER A 1 17  ? -4.072  -0.370  -12.020 1.00 17.34 ? 5   SER A N   1 
ATOM   31   C  CA  . SER A 1 17  ? -5.462  -0.737  -11.727 1.00 18.28 ? 5   SER A CA  1 
ATOM   32   C  C   . SER A 1 17  ? -6.448  0.093   -12.518 1.00 18.63 ? 5   SER A C   1 
ATOM   33   O  O   . SER A 1 17  ? -7.580  -0.338  -12.751 1.00 20.09 ? 5   SER A O   1 
ATOM   34   C  CB  . SER A 1 17  ? -5.776  -0.614  -10.220 1.00 16.40 ? 5   SER A CB  1 
ATOM   35   O  OG  . SER A 1 17  ? -5.664  0.743   -9.764  1.00 15.39 ? 5   SER A OG  1 
ATOM   36   N  N   . THR A 1 18  ? -6.010  1.274   -12.945 1.00 20.06 ? 6   THR A N   1 
ATOM   37   C  CA  . THR A 1 18  ? -6.862  2.166   -13.725 1.00 24.37 ? 6   THR A CA  1 
ATOM   38   C  C   . THR A 1 18  ? -6.750  1.901   -15.227 1.00 26.02 ? 6   THR A C   1 
ATOM   39   O  O   . THR A 1 18  ? -7.467  2.515   -16.025 1.00 26.65 ? 6   THR A O   1 
ATOM   40   C  CB  . THR A 1 18  ? -6.501  3.633   -13.457 1.00 24.38 ? 6   THR A CB  1 
ATOM   41   O  OG1 . THR A 1 18  ? -5.099  3.824   -13.668 1.00 27.20 ? 6   THR A OG1 1 
ATOM   42   C  CG2 . THR A 1 18  ? -6.864  4.018   -12.042 1.00 27.34 ? 6   THR A CG2 1 
ATOM   43   N  N   . GLY A 1 19  ? -5.850  1.003   -15.608 1.00 27.05 ? 7   GLY A N   1 
ATOM   44   C  CA  . GLY A 1 19  ? -5.660  0.675   -17.013 1.00 30.89 ? 7   GLY A CA  1 
ATOM   45   C  C   . GLY A 1 19  ? -6.677  -0.319  -17.544 1.00 33.66 ? 7   GLY A C   1 
ATOM   46   O  O   . GLY A 1 19  ? -7.251  -1.111  -16.796 1.00 33.50 ? 7   GLY A O   1 
ATOM   47   N  N   . ARG A 1 20  ? -6.876  -0.314  -18.856 1.00 37.75 ? 8   ARG A N   1 
ATOM   48   C  CA  . ARG A 1 20  ? -7.868  -1.198  -19.460 1.00 41.41 ? 8   ARG A CA  1 
ATOM   49   C  C   . ARG A 1 20  ? -7.534  -2.678  -19.376 1.00 39.78 ? 8   ARG A C   1 
ATOM   50   O  O   . ARG A 1 20  ? -8.432  -3.518  -19.327 1.00 40.50 ? 8   ARG A O   1 
ATOM   51   C  CB  . ARG A 1 20  ? -8.085  -0.815  -20.923 1.00 48.80 ? 8   ARG A CB  1 
ATOM   52   C  CG  . ARG A 1 20  ? -9.517  -0.987  -21.379 1.00 59.11 ? 8   ARG A CG  1 
ATOM   53   C  CD  . ARG A 1 20  ? -10.444 -0.086  -20.574 1.00 67.99 ? 8   ARG A CD  1 
ATOM   54   N  NE  . ARG A 1 20  ? -11.816 -0.129  -21.069 1.00 76.35 ? 8   ARG A NE  1 
ATOM   55   C  CZ  . ARG A 1 20  ? -12.178 0.230   -22.298 1.00 80.52 ? 8   ARG A CZ  1 
ATOM   56   N  NH1 . ARG A 1 20  ? -11.264 0.666   -23.160 1.00 82.89 ? 8   ARG A NH1 1 
ATOM   57   N  NH2 . ARG A 1 20  ? -13.451 0.153   -22.664 1.00 83.19 ? 8   ARG A NH2 1 
ATOM   58   N  N   . ASN A 1 21  ? -6.251  -3.000  -19.344 1.00 37.05 ? 9   ASN A N   1 
ATOM   59   C  CA  . ASN A 1 21  ? -5.849  -4.396  -19.284 1.00 35.37 ? 9   ASN A CA  1 
ATOM   60   C  C   . ASN A 1 21  ? -5.604  -4.923  -17.872 1.00 31.67 ? 9   ASN A C   1 
ATOM   61   O  O   . ASN A 1 21  ? -5.068  -6.014  -17.723 1.00 30.93 ? 9   ASN A O   1 
ATOM   62   C  CB  . ASN A 1 21  ? -4.585  -4.612  -20.120 1.00 39.28 ? 9   ASN A CB  1 
ATOM   63   C  CG  . ASN A 1 21  ? -3.408  -3.773  -19.631 1.00 43.30 ? 9   ASN A CG  1 
ATOM   64   O  OD1 . ASN A 1 21  ? -2.257  -4.013  -20.014 1.00 46.06 ? 9   ASN A OD1 1 
ATOM   65   N  ND2 . ASN A 1 21  ? -3.693  -2.777  -18.789 1.00 45.41 ? 9   ASN A ND2 1 
ATOM   66   N  N   . PHE A 1 22  ? -5.984  -4.171  -16.839 1.00 26.41 ? 10  PHE A N   1 
ATOM   67   C  CA  . PHE A 1 22  ? -5.746  -4.643  -15.459 1.00 22.39 ? 10  PHE A CA  1 
ATOM   68   C  C   . PHE A 1 22  ? -6.515  -5.929  -15.168 1.00 22.44 ? 10  PHE A C   1 
ATOM   69   O  O   . PHE A 1 22  ? -7.687  -6.059  -15.519 1.00 22.44 ? 10  PHE A O   1 
ATOM   70   C  CB  . PHE A 1 22  ? -6.167  -3.562  -14.444 1.00 19.60 ? 10  PHE A CB  1 
ATOM   71   C  CG  . PHE A 1 22  ? -5.857  -3.905  -12.990 1.00 17.22 ? 10  PHE A CG  1 
ATOM   72   C  CD1 . PHE A 1 22  ? -4.549  -4.106  -12.576 1.00 18.30 ? 10  PHE A CD1 1 
ATOM   73   C  CD2 . PHE A 1 22  ? -6.874  -3.972  -12.050 1.00 18.84 ? 10  PHE A CD2 1 
ATOM   74   C  CE1 . PHE A 1 22  ? -4.266  -4.373  -11.221 1.00 16.43 ? 10  PHE A CE1 1 
ATOM   75   C  CE2 . PHE A 1 22  ? -6.599  -4.235  -10.693 1.00 19.25 ? 10  PHE A CE2 1 
ATOM   76   C  CZ  . PHE A 1 22  ? -5.293  -4.436  -10.296 1.00 17.89 ? 10  PHE A CZ  1 
ATOM   77   N  N   . ASN A 1 23  ? -5.858  -6.870  -14.493 1.00 21.35 ? 11  ASN A N   1 
ATOM   78   C  CA  . ASN A 1 23  ? -6.500  -8.134  -14.134 1.00 21.89 ? 11  ASN A CA  1 
ATOM   79   C  C   . ASN A 1 23  ? -6.411  -8.249  -12.613 1.00 20.45 ? 11  ASN A C   1 
ATOM   80   O  O   . ASN A 1 23  ? -5.427  -8.768  -12.077 1.00 20.42 ? 11  ASN A O   1 
ATOM   81   C  CB  . ASN A 1 23  ? -5.753  -9.284  -14.794 1.00 24.69 ? 11  ASN A CB  1 
ATOM   82   C  CG  . ASN A 1 23  ? -6.438  -10.613 -14.604 1.00 27.55 ? 11  ASN A CG  1 
ATOM   83   O  OD1 . ASN A 1 23  ? -6.089  -11.584 -15.282 1.00 30.78 ? 11  ASN A OD1 1 
ATOM   84   N  ND2 . ASN A 1 23  ? -7.398  -10.684 -13.684 1.00 25.29 ? 11  ASN A ND2 1 
ATOM   85   N  N   . VAL A 1 24  ? -7.422  -7.731  -11.921 1.00 19.35 ? 12  VAL A N   1 
ATOM   86   C  CA  . VAL A 1 24  ? -7.409  -7.720  -10.459 1.00 18.09 ? 12  VAL A CA  1 
ATOM   87   C  C   . VAL A 1 24  ? -7.209  -9.077  -9.785  1.00 19.83 ? 12  VAL A C   1 
ATOM   88   O  O   . VAL A 1 24  ? -6.624  -9.169  -8.709  1.00 17.47 ? 12  VAL A O   1 
ATOM   89   C  CB  . VAL A 1 24  ? -8.701  -7.029  -9.902  1.00 20.55 ? 12  VAL A CB  1 
ATOM   90   C  CG1 . VAL A 1 24  ? -9.930  -7.914  -10.137 1.00 22.22 ? 12  VAL A CG1 1 
ATOM   91   C  CG2 . VAL A 1 24  ? -8.515  -6.691  -8.424  1.00 19.14 ? 12  VAL A CG2 1 
ATOM   92   N  N   . GLU A 1 25  ? -7.668  -10.156 -10.410 1.00 17.72 ? 13  GLU A N   1 
ATOM   93   C  CA  . GLU A 1 25  ? -7.480  -11.461 -9.785  1.00 19.78 ? 13  GLU A CA  1 
ATOM   94   C  C   . GLU A 1 25  ? -6.020  -11.774 -9.574  1.00 16.22 ? 13  GLU A C   1 
ATOM   95   O  O   . GLU A 1 25  ? -5.680  -12.528 -8.651  1.00 18.26 ? 13  GLU A O   1 
ATOM   96   C  CB  . GLU A 1 25  ? -8.052  -12.597 -10.640 1.00 21.48 ? 13  GLU A CB  1 
ATOM   97   C  CG  . GLU A 1 25  ? -9.547  -12.619 -10.714 1.00 23.76 ? 13  GLU A CG  1 
ATOM   98   C  CD  . GLU A 1 25  ? -10.048 -13.687 -11.673 1.00 26.57 ? 13  GLU A CD  1 
ATOM   99   O  OE1 . GLU A 1 25  ? -9.447  -13.850 -12.764 1.00 23.20 ? 13  GLU A OE1 1 
ATOM   100  O  OE2 . GLU A 1 25  ? -11.050 -14.337 -11.324 1.00 32.68 ? 13  GLU A OE2 1 
ATOM   101  N  N   . LYS A 1 26  ? -5.161  -11.228 -10.423 1.00 16.63 ? 14  LYS A N   1 
ATOM   102  C  CA  . LYS A 1 26  ? -3.734  -11.504 -10.337 1.00 16.93 ? 14  LYS A CA  1 
ATOM   103  C  C   . LYS A 1 26  ? -3.030  -10.851 -9.153  1.00 16.21 ? 14  LYS A C   1 
ATOM   104  O  O   . LYS A 1 26  ? -1.873  -11.163 -8.905  1.00 15.71 ? 14  LYS A O   1 
ATOM   105  C  CB  . LYS A 1 26  ? -3.032  -11.158 -11.649 1.00 18.92 ? 14  LYS A CB  1 
ATOM   106  C  CG  . LYS A 1 26  ? -3.324  -12.201 -12.747 1.00 25.84 ? 14  LYS A CG  1 
ATOM   107  C  CD  . LYS A 1 26  ? -2.496  -11.951 -14.009 1.00 29.47 ? 14  LYS A CD  1 
ATOM   108  C  CE  . LYS A 1 26  ? -2.463  -13.209 -14.883 1.00 35.55 ? 14  LYS A CE  1 
ATOM   109  N  NZ  . LYS A 1 26  ? -1.647  -13.017 -16.121 1.00 39.27 ? 14  LYS A NZ  1 
ATOM   110  N  N   . ILE A 1 27  ? -3.711  -9.961  -8.420  1.00 15.63 ? 15  ILE A N   1 
ATOM   111  C  CA  . ILE A 1 27  ? -3.060  -9.407  -7.230  1.00 15.08 ? 15  ILE A CA  1 
ATOM   112  C  C   . ILE A 1 27  ? -3.511  -10.181 -6.003  1.00 13.59 ? 15  ILE A C   1 
ATOM   113  O  O   . ILE A 1 27  ? -3.143  -9.863  -4.898  1.00 14.23 ? 15  ILE A O   1 
ATOM   114  C  CB  . ILE A 1 27  ? -3.321  -7.881  -7.018  1.00 14.65 ? 15  ILE A CB  1 
ATOM   115  C  CG1 . ILE A 1 27  ? -4.796  -7.603  -6.704  1.00 16.09 ? 15  ILE A CG1 1 
ATOM   116  C  CG2 . ILE A 1 27  ? -2.809  -7.130  -8.244  1.00 14.43 ? 15  ILE A CG2 1 
ATOM   117  C  CD1 . ILE A 1 27  ? -5.041  -6.165  -6.168  1.00 17.55 ? 15  ILE A CD1 1 
ATOM   118  N  N   . ASN A 1 28  ? -4.303  -11.237 -6.194  1.00 14.58 ? 16  ASN A N   1 
ATOM   119  C  CA  . ASN A 1 28  ? -4.727  -12.026 -5.055  1.00 14.93 ? 16  ASN A CA  1 
ATOM   120  C  C   . ASN A 1 28  ? -3.527  -12.718 -4.392  1.00 14.46 ? 16  ASN A C   1 
ATOM   121  O  O   . ASN A 1 28  ? -2.541  -13.043 -5.057  1.00 14.99 ? 16  ASN A O   1 
ATOM   122  C  CB  . ASN A 1 28  ? -5.735  -13.102 -5.533  1.00 14.60 ? 16  ASN A CB  1 
ATOM   123  C  CG  . ASN A 1 28  ? -6.351  -13.888 -4.387  1.00 17.00 ? 16  ASN A CG  1 
ATOM   124  O  OD1 . ASN A 1 28  ? -7.189  -13.373 -3.637  1.00 17.20 ? 16  ASN A OD1 1 
ATOM   125  N  ND2 . ASN A 1 28  ? -5.934  -15.152 -4.236  1.00 15.84 ? 16  ASN A ND2 1 
ATOM   126  N  N   . GLY A 1 29  ? -3.593  -12.889 -3.075  1.00 13.50 ? 17  GLY A N   1 
ATOM   127  C  CA  . GLY A 1 29  ? -2.581  -13.687 -2.395  1.00 12.49 ? 17  GLY A CA  1 
ATOM   128  C  C   . GLY A 1 29  ? -1.635  -13.001 -1.457  1.00 12.65 ? 17  GLY A C   1 
ATOM   129  O  O   . GLY A 1 29  ? -1.920  -11.925 -0.972  1.00 13.73 ? 17  GLY A O   1 
ATOM   130  N  N   . GLU A 1 30  ? -0.498  -13.648 -1.226  1.00 12.31 ? 18  GLU A N   1 
ATOM   131  C  CA  . GLU A 1 30  ? 0.523   -13.169 -0.311  1.00 12.39 ? 18  GLU A CA  1 
ATOM   132  C  C   . GLU A 1 30  ? 1.211   -11.877 -0.761  1.00 12.15 ? 18  GLU A C   1 
ATOM   133  O  O   . GLU A 1 30  ? 1.629   -11.761 -1.917  1.00 12.91 ? 18  GLU A O   1 
ATOM   134  C  CB  . GLU A 1 30  ? 1.600   -14.260 -0.169  1.00 12.92 ? 18  GLU A CB  1 
ATOM   135  C  CG  . GLU A 1 30  ? 2.796   -13.866 0.698   1.00 12.94 ? 18  GLU A CG  1 
ATOM   136  C  CD  . GLU A 1 30  ? 3.932   -14.878 0.649   1.00 14.80 ? 18  GLU A CD  1 
ATOM   137  O  OE1 . GLU A 1 30  ? 3.852   -15.856 -0.134  1.00 14.70 ? 18  GLU A OE1 1 
ATOM   138  O  OE2 . GLU A 1 30  ? 4.918   -14.673 1.391   1.00 13.53 ? 18  GLU A OE2 1 
ATOM   139  N  N   . TRP A 1 31  ? 1.317   -10.925 0.169   1.00 12.39 ? 19  TRP A N   1 
ATOM   140  C  CA  . TRP A 1 31  ? 2.058   -9.679  -0.066  1.00 13.03 ? 19  TRP A CA  1 
ATOM   141  C  C   . TRP A 1 31  ? 2.702   -9.280  1.234   1.00 14.12 ? 19  TRP A C   1 
ATOM   142  O  O   . TRP A 1 31  ? 2.280   -9.716  2.309   1.00 17.96 ? 19  TRP A O   1 
ATOM   143  C  CB  . TRP A 1 31  ? 1.162   -8.503  -0.526  1.00 11.96 ? 19  TRP A CB  1 
ATOM   144  C  CG  . TRP A 1 31  ? 0.660   -8.678  -1.952  1.00 12.30 ? 19  TRP A CG  1 
ATOM   145  C  CD1 . TRP A 1 31  ? -0.604  -9.116  -2.334  1.00 11.99 ? 19  TRP A CD1 1 
ATOM   146  C  CD2 . TRP A 1 31  ? 1.383   -8.441  -3.162  1.00 12.44 ? 19  TRP A CD2 1 
ATOM   147  N  NE1 . TRP A 1 31  ? -0.692  -9.148  -3.713  1.00 12.76 ? 19  TRP A NE1 1 
ATOM   148  C  CE2 . TRP A 1 31  ? 0.508   -8.735  -4.242  1.00 12.14 ? 19  TRP A CE2 1 
ATOM   149  C  CE3 . TRP A 1 31  ? 2.694   -8.013  -3.450  1.00 11.56 ? 19  TRP A CE3 1 
ATOM   150  C  CZ2 . TRP A 1 31  ? 0.902   -8.607  -5.579  1.00 12.45 ? 19  TRP A CZ2 1 
ATOM   151  C  CZ3 . TRP A 1 31  ? 3.086   -7.895  -4.790  1.00 9.60  ? 19  TRP A CZ3 1 
ATOM   152  C  CH2 . TRP A 1 31  ? 2.187   -8.192  -5.832  1.00 12.24 ? 19  TRP A CH2 1 
ATOM   153  N  N   . HIS A 1 32  ? 3.763   -8.481  1.134   1.00 12.66 ? 20  HIS A N   1 
ATOM   154  C  CA  . HIS A 1 32  ? 4.460   -7.970  2.318   1.00 12.91 ? 20  HIS A CA  1 
ATOM   155  C  C   . HIS A 1 32  ? 4.722   -6.486  2.112   1.00 12.01 ? 20  HIS A C   1 
ATOM   156  O  O   . HIS A 1 32  ? 4.964   -6.042  0.997   1.00 11.07 ? 20  HIS A O   1 
ATOM   157  C  CB  . HIS A 1 32  ? 5.831   -8.626  2.492   1.00 13.59 ? 20  HIS A CB  1 
ATOM   158  C  CG  . HIS A 1 32  ? 5.767   -10.105 2.650   1.00 14.69 ? 20  HIS A CG  1 
ATOM   159  N  ND1 . HIS A 1 32  ? 5.734   -10.716 3.885   1.00 17.18 ? 20  HIS A ND1 1 
ATOM   160  C  CD2 . HIS A 1 32  ? 5.613   -11.087 1.727   1.00 13.97 ? 20  HIS A CD2 1 
ATOM   161  C  CE1 . HIS A 1 32  ? 5.553   -12.021 3.715   1.00 16.72 ? 20  HIS A CE1 1 
ATOM   162  N  NE2 . HIS A 1 32  ? 5.476   -12.270 2.416   1.00 16.33 ? 20  HIS A NE2 1 
ATOM   163  N  N   . THR A 1 33  ? 4.656   -5.721  3.190   1.00 11.55 ? 21  THR A N   1 
ATOM   164  C  CA  . THR A 1 33  ? 5.001   -4.295  3.110   1.00 12.34 ? 21  THR A CA  1 
ATOM   165  C  C   . THR A 1 33  ? 6.523   -4.205  3.014   1.00 12.21 ? 21  THR A C   1 
ATOM   166  O  O   . THR A 1 33  ? 7.248   -4.711  3.879   1.00 13.92 ? 21  THR A O   1 
ATOM   167  C  CB  . THR A 1 33  ? 4.544   -3.537  4.370   1.00 13.15 ? 21  THR A CB  1 
ATOM   168  O  OG1 . THR A 1 33  ? 3.116   -3.509  4.388   1.00 12.50 ? 21  THR A OG1 1 
ATOM   169  C  CG2 . THR A 1 33  ? 5.096   -2.052  4.363   1.00 13.67 ? 21  THR A CG2 1 
ATOM   170  N  N   . ILE A 1 34  ? 7.010   -3.574  1.952   1.00 11.41 ? 22  ILE A N   1 
ATOM   171  C  CA  . ILE A 1 34  ? 8.453   -3.404  1.787   1.00 12.70 ? 22  ILE A CA  1 
ATOM   172  C  C   . ILE A 1 34  ? 8.866   -1.978  2.120   1.00 13.32 ? 22  ILE A C   1 
ATOM   173  O  O   . ILE A 1 34  ? 9.804   -1.758  2.889   1.00 13.44 ? 22  ILE A O   1 
ATOM   174  C  CB  . ILE A 1 34  ? 8.887   -3.732  0.339   1.00 11.89 ? 22  ILE A CB  1 
ATOM   175  C  CG1 . ILE A 1 34  ? 8.344   -5.108  -0.072  1.00 13.93 ? 22  ILE A CG1 1 
ATOM   176  C  CG2 . ILE A 1 34  ? 10.434  -3.739  0.245   1.00 13.51 ? 22  ILE A CG2 1 
ATOM   177  C  CD1 . ILE A 1 34  ? 8.677   -6.253  0.967   1.00 14.78 ? 22  ILE A CD1 1 
ATOM   178  N  N   . ILE A 1 35  ? 8.157   -1.019  1.534   1.00 11.88 ? 23  ILE A N   1 
ATOM   179  C  CA  . ILE A 1 35  ? 8.448   0.399   1.798   1.00 12.63 ? 23  ILE A CA  1 
ATOM   180  C  C   . ILE A 1 35  ? 7.139   1.160   1.904   1.00 12.29 ? 23  ILE A C   1 
ATOM   181  O  O   . ILE A 1 35  ? 6.162   0.849   1.189   1.00 12.83 ? 23  ILE A O   1 
ATOM   182  C  CB  . ILE A 1 35  ? 9.258   1.030   0.629   1.00 14.07 ? 23  ILE A CB  1 
ATOM   183  C  CG1 . ILE A 1 35  ? 10.518  0.189   0.362   1.00 15.80 ? 23  ILE A CG1 1 
ATOM   184  C  CG2 . ILE A 1 35  ? 9.622   2.513   0.955   1.00 15.23 ? 23  ILE A CG2 1 
ATOM   185  C  CD1 . ILE A 1 35  ? 11.422  0.699   -0.721  1.00 17.71 ? 23  ILE A CD1 1 
ATOM   186  N  N   . LEU A 1 36  ? 7.094   2.148   2.809   1.00 11.79 ? 24  LEU A N   1 
ATOM   187  C  CA  . LEU A 1 36  ? 5.926   3.043   2.889   1.00 12.05 ? 24  LEU A CA  1 
ATOM   188  C  C   . LEU A 1 36  ? 6.451   4.462   2.712   1.00 12.49 ? 24  LEU A C   1 
ATOM   189  O  O   . LEU A 1 36  ? 7.584   4.761   3.076   1.00 13.54 ? 24  LEU A O   1 
ATOM   190  C  CB  . LEU A 1 36  ? 5.203   2.942   4.238   1.00 11.56 ? 24  LEU A CB  1 
ATOM   191  C  CG  . LEU A 1 36  ? 4.494   1.605   4.462   1.00 11.87 ? 24  LEU A CG  1 
ATOM   192  C  CD1 . LEU A 1 36  ? 3.843   1.607   5.851   1.00 12.28 ? 24  LEU A CD1 1 
ATOM   193  C  CD2 . LEU A 1 36  ? 3.413   1.397   3.400   1.00 14.22 ? 24  LEU A CD2 1 
ATOM   194  N  N   . ALA A 1 37  ? 5.616   5.338   2.178   1.00 10.68 ? 25  ALA A N   1 
ATOM   195  C  CA  . ALA A 1 37  ? 6.040   6.719   1.954   1.00 10.83 ? 25  ALA A CA  1 
ATOM   196  C  C   . ALA A 1 37  ? 4.868   7.624   2.169   1.00 11.97 ? 25  ALA A C   1 
ATOM   197  O  O   . ALA A 1 37  ? 3.723   7.245   1.916   1.00 12.52 ? 25  ALA A O   1 
ATOM   198  C  CB  . ALA A 1 37  ? 6.557   6.859   0.512   1.00 11.28 ? 25  ALA A CB  1 
ATOM   199  N  N   . SER A 1 38  ? 5.130   8.856   2.596   1.00 11.25 ? 26  SER A N   1 
ATOM   200  C  CA  . SER A 1 38  ? 3.998   9.762   2.816   1.00 13.28 ? 26  SER A CA  1 
ATOM   201  C  C   . SER A 1 38  ? 4.411   11.205  2.841   1.00 14.83 ? 26  SER A C   1 
ATOM   202  O  O   . SER A 1 38  ? 5.538   11.511  3.256   1.00 15.99 ? 26  SER A O   1 
ATOM   203  C  CB  . SER A 1 38  ? 3.323   9.445   4.157   1.00 13.77 ? 26  SER A CB  1 
ATOM   204  O  OG  . SER A 1 38  ? 2.192   10.320  4.358   1.00 16.44 ? 26  SER A OG  1 
ATOM   205  N  N   . ASP A 1 39  ? 3.520   12.098  2.394   1.00 14.49 ? 27  ASP A N   1 
ATOM   206  C  CA  . ASP A 1 39  ? 3.858   13.511  2.524   1.00 16.21 ? 27  ASP A CA  1 
ATOM   207  C  C   . ASP A 1 39  ? 3.565   14.053  3.930   1.00 17.85 ? 27  ASP A C   1 
ATOM   208  O  O   . ASP A 1 39  ? 3.753   15.243  4.179   1.00 20.13 ? 27  ASP A O   1 
ATOM   209  C  CB  . ASP A 1 39  ? 3.272   14.378  1.393   1.00 16.03 ? 27  ASP A CB  1 
ATOM   210  C  CG  . ASP A 1 39  ? 1.778   14.217  1.195   1.00 17.27 ? 27  ASP A CG  1 
ATOM   211  O  OD1 . ASP A 1 39  ? 1.123   13.563  2.026   1.00 15.77 ? 27  ASP A OD1 1 
ATOM   212  O  OD2 . ASP A 1 39  ? 1.294   14.794  0.180   1.00 15.84 ? 27  ASP A OD2 1 
ATOM   213  N  N   . LYS A 1 40  ? 3.105   13.185  4.844   1.00 17.06 ? 28  LYS A N   1 
ATOM   214  C  CA  . LYS A 1 40  ? 2.933   13.505  6.288   1.00 17.38 ? 28  LYS A CA  1 
ATOM   215  C  C   . LYS A 1 40  ? 3.666   12.324  6.933   1.00 17.72 ? 28  LYS A C   1 
ATOM   216  O  O   . LYS A 1 40  ? 3.055   11.320  7.293   1.00 16.00 ? 28  LYS A O   1 
ATOM   217  C  CB  . LYS A 1 40  ? 1.468   13.521  6.738   1.00 20.55 ? 28  LYS A CB  1 
ATOM   218  C  CG  . LYS A 1 40  ? 0.794   14.851  6.422   1.00 25.60 ? 28  LYS A CG  1 
ATOM   219  C  CD  . LYS A 1 40  ? -0.512  15.076  7.194   1.00 27.70 ? 28  LYS A CD  1 
ATOM   220  C  CE  . LYS A 1 40  ? -1.198  16.345  6.655   1.00 30.99 ? 28  LYS A CE  1 
ATOM   221  N  NZ  . LYS A 1 40  ? -2.497  16.674  7.310   1.00 29.98 ? 28  LYS A NZ  1 
ATOM   222  N  N   . ARG A 1 41  ? 4.980   12.463  7.079   1.00 18.21 ? 29  ARG A N   1 
ATOM   223  C  CA  . ARG A 1 41  ? 5.811   11.356  7.556   1.00 18.61 ? 29  ARG A CA  1 
ATOM   224  C  C   . ARG A 1 41  ? 5.382   10.728  8.873   1.00 18.93 ? 29  ARG A C   1 
ATOM   225  O  O   . ARG A 1 41  ? 5.523   9.524   9.067   1.00 16.74 ? 29  ARG A O   1 
ATOM   226  C  CB  . ARG A 1 41  ? 7.274   11.806  7.638   1.00 19.64 ? 29  ARG A CB  1 
ATOM   227  C  CG  . ARG A 1 41  ? 8.316   10.674  7.568   1.00 19.78 ? 29  ARG A CG  1 
ATOM   228  C  CD  . ARG A 1 41  ? 9.701   11.267  7.661   1.00 21.17 ? 29  ARG A CD  1 
ATOM   229  N  NE  . ARG A 1 41  ? 10.755  10.345  7.263   1.00 22.44 ? 29  ARG A NE  1 
ATOM   230  C  CZ  . ARG A 1 41  ? 11.283  9.424   8.058   1.00 24.08 ? 29  ARG A CZ  1 
ATOM   231  N  NH1 . ARG A 1 41  ? 10.857  9.296   9.315   1.00 24.04 ? 29  ARG A NH1 1 
ATOM   232  N  NH2 . ARG A 1 41  ? 12.238  8.629   7.592   1.00 23.12 ? 29  ARG A NH2 1 
ATOM   233  N  N   . GLU A 1 42  ? 4.822   11.523  9.772   1.00 19.69 ? 30  GLU A N   1 
ATOM   234  C  CA  . GLU A 1 42  ? 4.431   10.965  11.066  1.00 22.47 ? 30  GLU A CA  1 
ATOM   235  C  C   . GLU A 1 42  ? 3.453   9.807   10.963  1.00 20.54 ? 30  GLU A C   1 
ATOM   236  O  O   . GLU A 1 42  ? 3.415   8.959   11.854  1.00 18.47 ? 30  GLU A O   1 
ATOM   237  C  CB  . GLU A 1 42  ? 3.820   12.049  11.970  1.00 30.99 ? 30  GLU A CB  1 
ATOM   238  C  CG  . GLU A 1 42  ? 2.588   12.707  11.352  1.00 45.49 ? 30  GLU A CG  1 
ATOM   239  C  CD  . GLU A 1 42  ? 1.866   13.661  12.289  1.00 54.71 ? 30  GLU A CD  1 
ATOM   240  O  OE1 . GLU A 1 42  ? 1.385   13.209  13.355  1.00 60.42 ? 30  GLU A OE1 1 
ATOM   241  O  OE2 . GLU A 1 42  ? 1.774   14.865  11.958  1.00 59.80 ? 30  GLU A OE2 1 
ATOM   242  N  N   . LYS A 1 43  ? 2.677   9.766   9.876   1.00 17.96 ? 31  LYS A N   1 
ATOM   243  C  CA  . LYS A 1 43  ? 1.684   8.716   9.697   1.00 18.07 ? 31  LYS A CA  1 
ATOM   244  C  C   . LYS A 1 43  ? 2.254   7.309   9.541   1.00 16.41 ? 31  LYS A C   1 
ATOM   245  O  O   . LYS A 1 43  ? 1.555   6.340   9.798   1.00 16.60 ? 31  LYS A O   1 
ATOM   246  C  CB  . LYS A 1 43  ? 0.821   9.003   8.466   1.00 20.69 ? 31  LYS A CB  1 
ATOM   247  C  CG  . LYS A 1 43  ? -0.305  9.999   8.670   1.00 30.47 ? 31  LYS A CG  1 
ATOM   248  C  CD  . LYS A 1 43  ? 0.115   11.295  9.247   1.00 39.17 ? 31  LYS A CD  1 
ATOM   249  C  CE  . LYS A 1 43  ? -0.967  11.781  10.224  1.00 44.27 ? 31  LYS A CE  1 
ATOM   250  N  NZ  . LYS A 1 43  ? -2.368  11.577  9.748   1.00 47.90 ? 31  LYS A NZ  1 
ATOM   251  N  N   . ILE A 1 44  ? 3.514   7.223   9.125   1.00 16.30 ? 32  ILE A N   1 
ATOM   252  C  CA  . ILE A 1 44  ? 4.161   5.943   8.889   1.00 16.23 ? 32  ILE A CA  1 
ATOM   253  C  C   . ILE A 1 44  ? 5.374   5.705   9.771   1.00 18.25 ? 32  ILE A C   1 
ATOM   254  O  O   . ILE A 1 44  ? 6.092   4.714   9.599   1.00 18.15 ? 32  ILE A O   1 
ATOM   255  C  CB  . ILE A 1 44  ? 4.564   5.797   7.385   1.00 15.89 ? 32  ILE A CB  1 
ATOM   256  C  CG1 . ILE A 1 44  ? 5.415   6.985   6.920   1.00 16.72 ? 32  ILE A CG1 1 
ATOM   257  C  CG2 . ILE A 1 44  ? 3.263   5.721   6.542   1.00 15.49 ? 32  ILE A CG2 1 
ATOM   258  C  CD1 . ILE A 1 44  ? 6.114   6.727   5.562   1.00 16.16 ? 32  ILE A CD1 1 
ATOM   259  N  N   . GLU A 1 45  ? 5.605   6.621   10.705  1.00 19.63 ? 33  GLU A N   1 
ATOM   260  C  CA  . GLU A 1 45  ? 6.711   6.455   11.650  1.00 23.18 ? 33  GLU A CA  1 
ATOM   261  C  C   . GLU A 1 45  ? 6.269   5.469   12.719  1.00 26.08 ? 33  GLU A C   1 
ATOM   262  O  O   . GLU A 1 45  ? 5.112   5.047   12.735  1.00 25.23 ? 33  GLU A O   1 
ATOM   263  C  CB  . GLU A 1 45  ? 7.109   7.819   12.241  1.00 23.07 ? 33  GLU A CB  1 
ATOM   264  C  CG  . GLU A 1 45  ? 7.991   8.586   11.264  1.00 22.89 ? 33  GLU A CG  1 
ATOM   265  C  CD  . GLU A 1 45  ? 8.229   10.045  11.632  1.00 25.84 ? 33  GLU A CD  1 
ATOM   266  O  OE1 . GLU A 1 45  ? 7.542   10.592  12.524  1.00 27.06 ? 33  GLU A OE1 1 
ATOM   267  O  OE2 . GLU A 1 45  ? 9.108   10.654  10.993  1.00 26.20 ? 33  GLU A OE2 1 
ATOM   268  N  N   . ASP A 1 46  ? 7.194   5.101   13.604  1.00 30.11 ? 34  ASP A N   1 
ATOM   269  C  CA  . ASP A 1 46  ? 6.932   4.108   14.645  1.00 35.47 ? 34  ASP A CA  1 
ATOM   270  C  C   . ASP A 1 46  ? 5.549   3.933   15.242  1.00 35.98 ? 34  ASP A C   1 
ATOM   271  O  O   . ASP A 1 46  ? 5.048   2.810   15.302  1.00 37.43 ? 34  ASP A O   1 
ATOM   272  C  CB  . ASP A 1 46  ? 7.944   4.264   15.779  1.00 40.37 ? 34  ASP A CB  1 
ATOM   273  C  CG  . ASP A 1 46  ? 9.175   3.408   15.564  1.00 45.36 ? 34  ASP A CG  1 
ATOM   274  O  OD1 . ASP A 1 46  ? 9.821   3.543   14.504  1.00 48.27 ? 34  ASP A OD1 1 
ATOM   275  O  OD2 . ASP A 1 46  ? 9.498   2.590   16.453  1.00 49.98 ? 34  ASP A OD2 1 
ATOM   276  N  N   . ASN A 1 47  ? 4.913   4.994   15.700  1.00 36.24 ? 35  ASN A N   1 
ATOM   277  C  CA  . ASN A 1 47  ? 3.595   4.759   16.267  1.00 37.27 ? 35  ASN A CA  1 
ATOM   278  C  C   . ASN A 1 47  ? 2.461   5.224   15.359  1.00 34.55 ? 35  ASN A C   1 
ATOM   279  O  O   . ASN A 1 47  ? 1.309   5.306   15.780  1.00 34.79 ? 35  ASN A O   1 
ATOM   280  C  CB  . ASN A 1 47  ? 3.503   5.409   17.653  1.00 42.04 ? 35  ASN A CB  1 
ATOM   281  C  CG  . ASN A 1 47  ? 4.461   4.762   18.665  1.00 46.28 ? 35  ASN A CG  1 
ATOM   282  O  OD1 . ASN A 1 47  ? 5.375   5.417   19.183  1.00 49.25 ? 35  ASN A OD1 1 
ATOM   283  N  ND2 . ASN A 1 47  ? 4.255   3.470   18.941  1.00 47.78 ? 35  ASN A ND2 1 
ATOM   284  N  N   . GLY A 1 48  ? 2.792   5.491   14.098  1.00 30.29 ? 36  GLY A N   1 
ATOM   285  C  CA  . GLY A 1 48  ? 1.790   5.953   13.157  1.00 25.77 ? 36  GLY A CA  1 
ATOM   286  C  C   . GLY A 1 48  ? 0.746   4.913   12.823  1.00 22.59 ? 36  GLY A C   1 
ATOM   287  O  O   . GLY A 1 48  ? 1.043   3.717   12.718  1.00 21.91 ? 36  GLY A O   1 
ATOM   288  N  N   . ASN A 1 49  ? -0.476  5.375   12.615  1.00 20.95 ? 37  ASN A N   1 
ATOM   289  C  CA  . ASN A 1 49  ? -1.587  4.478   12.315  1.00 19.94 ? 37  ASN A CA  1 
ATOM   290  C  C   . ASN A 1 49  ? -1.480  3.845   10.944  1.00 18.43 ? 37  ASN A C   1 
ATOM   291  O  O   . ASN A 1 49  ? -2.175  2.880   10.669  1.00 18.18 ? 37  ASN A O   1 
ATOM   292  C  CB  . ASN A 1 49  ? -2.923  5.231   12.379  1.00 22.41 ? 37  ASN A CB  1 
ATOM   293  C  CG  . ASN A 1 49  ? -3.336  5.552   13.789  1.00 27.96 ? 37  ASN A CG  1 
ATOM   294  O  OD1 . ASN A 1 49  ? -4.163  6.444   14.025  1.00 30.35 ? 37  ASN A OD1 1 
ATOM   295  N  ND2 . ASN A 1 49  ? -2.773  4.828   14.738  1.00 26.75 ? 37  ASN A ND2 1 
ATOM   296  N  N   . PHE A 1 50  ? -0.615  4.386   10.091  1.00 16.69 ? 38  PHE A N   1 
ATOM   297  C  CA  . PHE A 1 50  ? -0.504  3.850   8.732   1.00 16.04 ? 38  PHE A CA  1 
ATOM   298  C  C   . PHE A 1 50  ? 0.734   3.024   8.489   1.00 15.00 ? 38  PHE A C   1 
ATOM   299  O  O   . PHE A 1 50  ? 1.039   2.658   7.338   1.00 15.93 ? 38  PHE A O   1 
ATOM   300  C  CB  . PHE A 1 50  ? -0.640  4.977   7.705   1.00 14.93 ? 38  PHE A CB  1 
ATOM   301  C  CG  . PHE A 1 50  ? -2.026  5.573   7.672   1.00 16.59 ? 38  PHE A CG  1 
ATOM   302  C  CD1 . PHE A 1 50  ? -2.469  6.388   8.717   1.00 16.88 ? 38  PHE A CD1 1 
ATOM   303  C  CD2 . PHE A 1 50  ? -2.924  5.231   6.663   1.00 16.82 ? 38  PHE A CD2 1 
ATOM   304  C  CE1 . PHE A 1 50  ? -3.784  6.843   8.756   1.00 16.81 ? 38  PHE A CE1 1 
ATOM   305  C  CE2 . PHE A 1 50  ? -4.239  5.676   6.689   1.00 18.57 ? 38  PHE A CE2 1 
ATOM   306  C  CZ  . PHE A 1 50  ? -4.668  6.492   7.754   1.00 18.13 ? 38  PHE A CZ  1 
ATOM   307  N  N   . ARG A 1 51  ? 1.445   2.704   9.567   1.00 15.25 ? 39  ARG A N   1 
ATOM   308  C  CA  . ARG A 1 51  ? 2.636   1.848   9.439   1.00 15.93 ? 39  ARG A CA  1 
ATOM   309  C  C   . ARG A 1 51  ? 2.058   0.428   9.554   1.00 17.40 ? 39  ARG A C   1 
ATOM   310  O  O   . ARG A 1 51  ? 2.128   -0.231  10.607  1.00 18.74 ? 39  ARG A O   1 
ATOM   311  C  CB  . ARG A 1 51  ? 3.628   2.120   10.574  1.00 18.88 ? 39  ARG A CB  1 
ATOM   312  C  CG  . ARG A 1 51  ? 4.782   1.124   10.599  1.00 22.23 ? 39  ARG A CG  1 
ATOM   313  C  CD  . ARG A 1 51  ? 5.785   1.462   11.687  1.00 26.77 ? 39  ARG A CD  1 
ATOM   314  N  NE  . ARG A 1 51  ? 6.651   2.484   11.153  1.00 33.00 ? 39  ARG A NE  1 
ATOM   315  C  CZ  . ARG A 1 51  ? 7.976   2.459   11.166  1.00 31.08 ? 39  ARG A CZ  1 
ATOM   316  N  NH1 . ARG A 1 51  ? 8.646   1.452   11.710  1.00 32.04 ? 39  ARG A NH1 1 
ATOM   317  N  NH2 . ARG A 1 51  ? 8.621   3.451   10.583  1.00 27.96 ? 39  ARG A NH2 1 
ATOM   318  N  N   . LEU A 1 52  ? 1.454   -0.018  8.460   1.00 16.03 ? 40  LEU A N   1 
ATOM   319  C  CA  . LEU A 1 52  ? 0.789   -1.309  8.428   1.00 15.14 ? 40  LEU A CA  1 
ATOM   320  C  C   . LEU A 1 52  ? 1.536   -2.315  7.591   1.00 16.40 ? 40  LEU A C   1 
ATOM   321  O  O   . LEU A 1 52  ? 2.013   -2.004  6.494   1.00 16.25 ? 40  LEU A O   1 
ATOM   322  C  CB  . LEU A 1 52  ? -0.638  -1.156  7.891   1.00 17.69 ? 40  LEU A CB  1 
ATOM   323  C  CG  . LEU A 1 52  ? -1.593  -0.251  8.693   1.00 20.12 ? 40  LEU A CG  1 
ATOM   324  C  CD1 . LEU A 1 52  ? -2.994  -0.408  8.148   1.00 20.93 ? 40  LEU A CD1 1 
ATOM   325  C  CD2 . LEU A 1 52  ? -1.566  -0.638  10.153  1.00 20.90 ? 40  LEU A CD2 1 
ATOM   326  N  N   . PHE A 1 53  ? 1.626   -3.531  8.122   1.00 15.08 ? 41  PHE A N   1 
ATOM   327  C  CA  . PHE A 1 53  ? 2.323   -4.616  7.440   1.00 16.31 ? 41  PHE A CA  1 
ATOM   328  C  C   . PHE A 1 53  ? 1.312   -5.537  6.775   1.00 15.45 ? 41  PHE A C   1 
ATOM   329  O  O   . PHE A 1 53  ? 0.613   -6.311  7.444   1.00 15.62 ? 41  PHE A O   1 
ATOM   330  C  CB  . PHE A 1 53  ? 3.205   -5.371  8.438   1.00 16.51 ? 41  PHE A CB  1 
ATOM   331  C  CG  . PHE A 1 53  ? 4.283   -4.500  9.034   1.00 17.74 ? 41  PHE A CG  1 
ATOM   332  C  CD1 . PHE A 1 53  ? 4.022   -3.734  10.169  1.00 19.41 ? 41  PHE A CD1 1 
ATOM   333  C  CD2 . PHE A 1 53  ? 5.514   -4.377  8.407   1.00 18.43 ? 41  PHE A CD2 1 
ATOM   334  C  CE1 . PHE A 1 53  ? 4.990   -2.837  10.670  1.00 20.14 ? 41  PHE A CE1 1 
ATOM   335  C  CE2 . PHE A 1 53  ? 6.483   -3.487  8.899   1.00 20.16 ? 41  PHE A CE2 1 
ATOM   336  C  CZ  . PHE A 1 53  ? 6.208   -2.717  10.034  1.00 18.78 ? 41  PHE A CZ  1 
ATOM   337  N  N   . LEU A 1 54  ? 1.230   -5.445  5.448   1.00 13.95 ? 42  LEU A N   1 
ATOM   338  C  CA  . LEU A 1 54  ? 0.279   -6.243  4.687   1.00 15.40 ? 42  LEU A CA  1 
ATOM   339  C  C   . LEU A 1 54  ? 0.711   -7.702  4.724   1.00 15.52 ? 42  LEU A C   1 
ATOM   340  O  O   . LEU A 1 54  ? 1.905   -8.008  4.753   1.00 15.44 ? 42  LEU A O   1 
ATOM   341  C  CB  . LEU A 1 54  ? 0.235   -5.750  3.233   1.00 15.34 ? 42  LEU A CB  1 
ATOM   342  C  CG  . LEU A 1 54  ? -0.812  -6.380  2.310   1.00 13.84 ? 42  LEU A CG  1 
ATOM   343  C  CD1 . LEU A 1 54  ? -2.246  -6.132  2.840   1.00 15.76 ? 42  LEU A CD1 1 
ATOM   344  C  CD2 . LEU A 1 54  ? -0.635  -5.764  0.905   1.00 13.31 ? 42  LEU A CD2 1 
ATOM   345  N  N   . GLU A 1 55  ? -0.269  -8.597  4.720   1.00 15.19 ? 43  GLU A N   1 
ATOM   346  C  CA  . GLU A 1 55  ? 0.014   -10.033 4.741   1.00 16.78 ? 43  GLU A CA  1 
ATOM   347  C  C   . GLU A 1 55  ? -0.608  -10.701 3.530   1.00 17.02 ? 43  GLU A C   1 
ATOM   348  O  O   . GLU A 1 55  ? -0.017  -11.613 2.931   1.00 16.47 ? 43  GLU A O   1 
ATOM   349  C  CB  . GLU A 1 55  ? -0.548  -10.658 6.018   1.00 18.48 ? 43  GLU A CB  1 
ATOM   350  C  CG  . GLU A 1 55  ? 0.082   -10.059 7.254   1.00 22.96 ? 43  GLU A CG  1 
ATOM   351  C  CD  . GLU A 1 55  ? -0.597  -10.474 8.545   1.00 27.78 ? 43  GLU A CD  1 
ATOM   352  O  OE1 . GLU A 1 55  ? -1.611  -11.195 8.496   1.00 31.19 ? 43  GLU A OE1 1 
ATOM   353  O  OE2 . GLU A 1 55  ? -0.108  -10.062 9.610   1.00 30.89 ? 43  GLU A OE2 1 
ATOM   354  N  N   . GLN A 1 56  ? -1.810  -10.272 3.190   1.00 17.26 ? 44  GLN A N   1 
ATOM   355  C  CA  . GLN A 1 56  ? -2.473  -10.830 2.042   1.00 20.48 ? 44  GLN A CA  1 
ATOM   356  C  C   . GLN A 1 56  ? -3.600  -9.981  1.503   1.00 18.31 ? 44  GLN A C   1 
ATOM   357  O  O   . GLN A 1 56  ? -4.139  -9.113  2.195   1.00 17.40 ? 44  GLN A O   1 
ATOM   358  C  CB  . GLN A 1 56  ? -2.998  -12.235 2.343   1.00 29.62 ? 44  GLN A CB  1 
ATOM   359  C  CG  . GLN A 1 56  ? -4.138  -12.334 3.268   1.00 39.63 ? 44  GLN A CG  1 
ATOM   360  C  CD  . GLN A 1 56  ? -4.563  -13.785 3.425   1.00 46.73 ? 44  GLN A CD  1 
ATOM   361  O  OE1 . GLN A 1 56  ? -5.004  -14.413 2.466   1.00 50.63 ? 44  GLN A OE1 1 
ATOM   362  N  NE2 . GLN A 1 56  ? -4.413  -14.327 4.628   1.00 50.79 ? 44  GLN A NE2 1 
ATOM   363  N  N   . ILE A 1 57  ? -3.911  -10.194 0.234   1.00 16.16 ? 45  ILE A N   1 
ATOM   364  C  CA  . ILE A 1 57  ? -5.026  -9.511  -0.396  1.00 16.42 ? 45  ILE A CA  1 
ATOM   365  C  C   . ILE A 1 57  ? -5.964  -10.594 -0.898  1.00 18.42 ? 45  ILE A C   1 
ATOM   366  O  O   . ILE A 1 57  ? -5.551  -11.481 -1.634  1.00 18.90 ? 45  ILE A O   1 
ATOM   367  C  CB  . ILE A 1 57  ? -4.604  -8.668  -1.614  1.00 16.42 ? 45  ILE A CB  1 
ATOM   368  C  CG1 . ILE A 1 57  ? -3.718  -7.497  -1.163  1.00 15.93 ? 45  ILE A CG1 1 
ATOM   369  C  CG2 . ILE A 1 57  ? -5.885  -8.174  -2.359  1.00 17.85 ? 45  ILE A CG2 1 
ATOM   370  C  CD1 . ILE A 1 57  ? -3.176  -6.666  -2.341  1.00 15.45 ? 45  ILE A CD1 1 
ATOM   371  N  N   . HIS A 1 58  ? -7.219  -10.548 -0.484  1.00 19.54 ? 46  HIS A N   1 
ATOM   372  C  CA  . HIS A 1 58  ? -8.179  -11.526 -0.979  1.00 24.44 ? 46  HIS A CA  1 
ATOM   373  C  C   . HIS A 1 58  ? -9.112  -10.787 -1.949  1.00 23.62 ? 46  HIS A C   1 
ATOM   374  O  O   . HIS A 1 58  ? -9.842  -9.870  -1.559  1.00 22.92 ? 46  HIS A O   1 
ATOM   375  C  CB  . HIS A 1 58  ? -8.945  -12.102 0.207   1.00 31.61 ? 46  HIS A CB  1 
ATOM   376  C  CG  . HIS A 1 58  ? -9.628  -13.400 -0.088  1.00 41.31 ? 46  HIS A CG  1 
ATOM   377  N  ND1 . HIS A 1 58  ? -8.965  -14.486 -0.618  1.00 45.15 ? 46  HIS A ND1 1 
ATOM   378  C  CD2 . HIS A 1 58  ? -10.913 -13.789 0.086   1.00 45.36 ? 46  HIS A CD2 1 
ATOM   379  C  CE1 . HIS A 1 58  ? -9.813  -15.491 -0.759  1.00 47.01 ? 46  HIS A CE1 1 
ATOM   380  N  NE2 . HIS A 1 58  ? -11.002 -15.094 -0.339  1.00 48.22 ? 46  HIS A NE2 1 
ATOM   381  N  N   . VAL A 1 59  ? -9.062  -11.159 -3.222  1.00 21.39 ? 47  VAL A N   1 
ATOM   382  C  CA  . VAL A 1 59  ? -9.858  -10.511 -4.230  1.00 21.75 ? 47  VAL A CA  1 
ATOM   383  C  C   . VAL A 1 59  ? -11.251 -11.114 -4.305  1.00 25.12 ? 47  VAL A C   1 
ATOM   384  O  O   . VAL A 1 59  ? -11.404 -12.329 -4.446  1.00 24.40 ? 47  VAL A O   1 
ATOM   385  C  CB  . VAL A 1 59  ? -9.183  -10.620 -5.613  1.00 20.30 ? 47  VAL A CB  1 
ATOM   386  C  CG1 . VAL A 1 59  ? -10.052 -9.951  -6.673  1.00 21.91 ? 47  VAL A CG1 1 
ATOM   387  C  CG2 . VAL A 1 59  ? -7.791  -9.949  -5.584  1.00 19.46 ? 47  VAL A CG2 1 
ATOM   388  N  N   . LEU A 1 60  ? -12.255 -10.255 -4.177  1.00 25.90 ? 48  LEU A N   1 
ATOM   389  C  CA  . LEU A 1 60  ? -13.660 -10.684 -4.266  1.00 29.48 ? 48  LEU A CA  1 
ATOM   390  C  C   . LEU A 1 60  ? -14.289 -9.958  -5.455  1.00 31.30 ? 48  LEU A C   1 
ATOM   391  O  O   . LEU A 1 60  ? -13.636 -9.144  -6.105  1.00 30.43 ? 48  LEU A O   1 
ATOM   392  C  CB  . LEU A 1 60  ? -14.413 -10.359 -2.963  1.00 27.76 ? 48  LEU A CB  1 
ATOM   393  C  CG  . LEU A 1 60  ? -13.869 -11.030 -1.691  1.00 29.49 ? 48  LEU A CG  1 
ATOM   394  C  CD1 . LEU A 1 60  ? -14.705 -10.641 -0.473  1.00 31.63 ? 48  LEU A CD1 1 
ATOM   395  C  CD2 . LEU A 1 60  ? -13.872 -12.552 -1.863  1.00 32.14 ? 48  LEU A CD2 1 
ATOM   396  N  N   . GLU A 1 61  ? -15.559 -10.247 -5.739  1.00 35.14 ? 49  GLU A N   1 
ATOM   397  C  CA  . GLU A 1 61  ? -16.259 -9.637  -6.871  1.00 38.62 ? 49  GLU A CA  1 
ATOM   398  C  C   . GLU A 1 61  ? -16.119 -8.123  -6.978  1.00 36.46 ? 49  GLU A C   1 
ATOM   399  O  O   . GLU A 1 61  ? -15.733 -7.606  -8.020  1.00 35.71 ? 49  GLU A O   1 
ATOM   400  C  CB  . GLU A 1 61  ? -17.766 -9.968  -6.839  1.00 45.39 ? 49  GLU A CB  1 
ATOM   401  C  CG  . GLU A 1 61  ? -18.176 -11.375 -7.284  1.00 56.22 ? 49  GLU A CG  1 
ATOM   402  C  CD  . GLU A 1 61  ? -19.691 -11.492 -7.538  1.00 61.98 ? 49  GLU A CD  1 
ATOM   403  O  OE1 . GLU A 1 61  ? -20.191 -12.620 -7.797  1.00 65.87 ? 49  GLU A OE1 1 
ATOM   404  O  OE2 . GLU A 1 61  ? -20.385 -10.449 -7.488  1.00 64.93 ? 49  GLU A OE2 1 
ATOM   405  N  N   . LYS A 1 62  ? -16.463 -7.413  -5.911  1.00 35.34 ? 50  LYS A N   1 
ATOM   406  C  CA  . LYS A 1 62  ? -16.385 -5.958  -5.938  1.00 35.74 ? 50  LYS A CA  1 
ATOM   407  C  C   . LYS A 1 62  ? -15.677 -5.371  -4.724  1.00 32.67 ? 50  LYS A C   1 
ATOM   408  O  O   . LYS A 1 62  ? -15.981 -4.255  -4.283  1.00 31.13 ? 50  LYS A O   1 
ATOM   409  C  CB  . LYS A 1 62  ? -17.790 -5.350  -6.075  1.00 40.75 ? 50  LYS A CB  1 
ATOM   410  C  CG  . LYS A 1 62  ? -18.411 -5.571  -7.450  1.00 46.82 ? 50  LYS A CG  1 
ATOM   411  C  CD  . LYS A 1 62  ? -19.601 -4.653  -7.701  1.00 51.87 ? 50  LYS A CD  1 
ATOM   412  C  CE  . LYS A 1 62  ? -19.843 -4.493  -9.205  1.00 54.77 ? 50  LYS A CE  1 
ATOM   413  N  NZ  . LYS A 1 62  ? -20.945 -3.534  -9.535  1.00 56.99 ? 50  LYS A NZ  1 
ATOM   414  N  N   . SER A 1 63  ? -14.727 -6.126  -4.188  1.00 28.25 ? 51  SER A N   1 
ATOM   415  C  CA  . SER A 1 63  ? -13.976 -5.651  -3.043  1.00 26.97 ? 51  SER A CA  1 
ATOM   416  C  C   . SER A 1 63  ? -12.678 -6.429  -2.880  1.00 25.21 ? 51  SER A C   1 
ATOM   417  O  O   . SER A 1 63  ? -12.452 -7.440  -3.557  1.00 24.98 ? 51  SER A O   1 
ATOM   418  C  CB  . SER A 1 63  ? -14.814 -5.779  -1.771  1.00 26.47 ? 51  SER A CB  1 
ATOM   419  O  OG  . SER A 1 63  ? -15.089 -7.138  -1.474  1.00 27.56 ? 51  SER A OG  1 
ATOM   420  N  N   . LEU A 1 64  ? -11.814 -5.913  -2.011  1.00 22.05 ? 52  LEU A N   1 
ATOM   421  C  CA  . LEU A 1 64  ? -10.548 -6.553  -1.679  1.00 20.66 ? 52  LEU A CA  1 
ATOM   422  C  C   . LEU A 1 64  ? -10.540 -6.682  -0.162  1.00 20.34 ? 52  LEU A C   1 
ATOM   423  O  O   . LEU A 1 64  ? -10.838 -5.713  0.543   1.00 21.29 ? 52  LEU A O   1 
ATOM   424  C  CB  . LEU A 1 64  ? -9.343  -5.683  -2.101  1.00 18.79 ? 52  LEU A CB  1 
ATOM   425  C  CG  . LEU A 1 64  ? -9.227  -5.259  -3.564  1.00 19.02 ? 52  LEU A CG  1 
ATOM   426  C  CD1 . LEU A 1 64  ? -8.020  -4.300  -3.771  1.00 20.35 ? 52  LEU A CD1 1 
ATOM   427  C  CD2 . LEU A 1 64  ? -9.056  -6.517  -4.430  1.00 20.05 ? 52  LEU A CD2 1 
ATOM   428  N  N   . VAL A 1 65  ? -10.237 -7.864  0.365   1.00 18.04 ? 53  VAL A N   1 
ATOM   429  C  CA  . VAL A 1 65  ? -10.131 -7.972  1.815   1.00 19.04 ? 53  VAL A CA  1 
ATOM   430  C  C   . VAL A 1 65  ? -8.631  -7.875  2.096   1.00 19.23 ? 53  VAL A C   1 
ATOM   431  O  O   . VAL A 1 65  ? -7.843  -8.690  1.608   1.00 20.11 ? 53  VAL A O   1 
ATOM   432  C  CB  . VAL A 1 65  ? -10.670 -9.308  2.352   1.00 20.48 ? 53  VAL A CB  1 
ATOM   433  C  CG1 . VAL A 1 65  ? -10.501 -9.349  3.861   1.00 22.50 ? 53  VAL A CG1 1 
ATOM   434  C  CG2 . VAL A 1 65  ? -12.133 -9.442  1.988   1.00 23.85 ? 53  VAL A CG2 1 
ATOM   435  N  N   . LEU A 1 66  ? -8.233  -6.877  2.876   1.00 17.96 ? 54  LEU A N   1 
ATOM   436  C  CA  . LEU A 1 66  ? -6.827  -6.676  3.178   1.00 17.04 ? 54  LEU A CA  1 
ATOM   437  C  C   . LEU A 1 66  ? -6.489  -7.121  4.587   1.00 18.24 ? 54  LEU A C   1 
ATOM   438  O  O   . LEU A 1 66  ? -7.109  -6.662  5.558   1.00 18.76 ? 54  LEU A O   1 
ATOM   439  C  CB  . LEU A 1 66  ? -6.496  -5.189  3.016   1.00 17.36 ? 54  LEU A CB  1 
ATOM   440  C  CG  . LEU A 1 66  ? -6.974  -4.500  1.733   1.00 17.54 ? 54  LEU A CG  1 
ATOM   441  C  CD1 . LEU A 1 66  ? -6.703  -3.004  1.855   1.00 18.25 ? 54  LEU A CD1 1 
ATOM   442  C  CD2 . LEU A 1 66  ? -6.222  -5.053  0.521   1.00 18.58 ? 54  LEU A CD2 1 
ATOM   443  N  N   . LYS A 1 67  ? -5.510  -8.005  4.718   1.00 17.93 ? 55  LYS A N   1 
ATOM   444  C  CA  . LYS A 1 67  ? -5.091  -8.464  6.037   1.00 19.21 ? 55  LYS A CA  1 
ATOM   445  C  C   . LYS A 1 67  ? -3.732  -7.852  6.355   1.00 19.10 ? 55  LYS A C   1 
ATOM   446  O  O   . LYS A 1 67  ? -2.788  -8.004  5.565   1.00 18.70 ? 55  LYS A O   1 
ATOM   447  C  CB  . LYS A 1 67  ? -5.005  -9.990  6.064   1.00 24.97 ? 55  LYS A CB  1 
ATOM   448  C  CG  . LYS A 1 67  ? -6.355  -10.660 5.832   1.00 34.88 ? 55  LYS A CG  1 
ATOM   449  C  CD  . LYS A 1 67  ? -6.287  -12.166 6.057   1.00 42.67 ? 55  LYS A CD  1 
ATOM   450  C  CE  . LYS A 1 67  ? -7.627  -12.844 5.737   1.00 47.55 ? 55  LYS A CE  1 
ATOM   451  N  NZ  . LYS A 1 67  ? -7.580  -14.339 5.939   1.00 50.88 ? 55  LYS A NZ  1 
ATOM   452  N  N   . PHE A 1 68  ? -3.653  -7.156  7.490   1.00 18.35 ? 56  PHE A N   1 
ATOM   453  C  CA  . PHE A 1 68  ? -2.441  -6.497  7.958   1.00 18.48 ? 56  PHE A CA  1 
ATOM   454  C  C   . PHE A 1 68  ? -2.159  -6.848  9.407   1.00 22.02 ? 56  PHE A C   1 
ATOM   455  O  O   . PHE A 1 68  ? -2.954  -7.502  10.084  1.00 21.85 ? 56  PHE A O   1 
ATOM   456  C  CB  . PHE A 1 68  ? -2.596  -4.960  8.038   1.00 18.28 ? 56  PHE A CB  1 
ATOM   457  C  CG  . PHE A 1 68  ? -2.916  -4.271  6.749   1.00 17.11 ? 56  PHE A CG  1 
ATOM   458  C  CD1 . PHE A 1 68  ? -4.235  -4.017  6.391   1.00 16.23 ? 56  PHE A CD1 1 
ATOM   459  C  CD2 . PHE A 1 68  ? -1.890  -3.779  5.941   1.00 16.88 ? 56  PHE A CD2 1 
ATOM   460  C  CE1 . PHE A 1 68  ? -4.526  -3.276  5.254   1.00 16.32 ? 56  PHE A CE1 1 
ATOM   461  C  CE2 . PHE A 1 68  ? -2.183  -3.035  4.802   1.00 15.77 ? 56  PHE A CE2 1 
ATOM   462  C  CZ  . PHE A 1 68  ? -3.495  -2.781  4.459   1.00 16.91 ? 56  PHE A CZ  1 
ATOM   463  N  N   . HIS A 1 69  ? -1.010  -6.380  9.870   1.00 23.73 ? 57  HIS A N   1 
ATOM   464  C  CA  . HIS A 1 69  ? -0.732  -6.436  11.303  1.00 23.93 ? 57  HIS A CA  1 
ATOM   465  C  C   . HIS A 1 69  ? -0.004  -5.127  11.600  1.00 26.05 ? 57  HIS A C   1 
ATOM   466  O  O   . HIS A 1 69  ? 0.579   -4.497  10.704  1.00 21.77 ? 57  HIS A O   1 
ATOM   467  C  CB  . HIS A 1 69  ? 0.076   -7.669  11.741  1.00 25.04 ? 57  HIS A CB  1 
ATOM   468  C  CG  . HIS A 1 69  ? 1.471   -7.731  11.218  1.00 24.50 ? 57  HIS A CG  1 
ATOM   469  N  ND1 . HIS A 1 69  ? 1.823   -8.522  10.148  1.00 25.35 ? 57  HIS A ND1 1 
ATOM   470  C  CD2 . HIS A 1 69  ? 2.614   -7.146  11.648  1.00 25.37 ? 57  HIS A CD2 1 
ATOM   471  C  CE1 . HIS A 1 69  ? 3.124   -8.427  9.943   1.00 24.36 ? 57  HIS A CE1 1 
ATOM   472  N  NE2 . HIS A 1 69  ? 3.630   -7.600  10.840  1.00 25.75 ? 57  HIS A NE2 1 
ATOM   473  N  N   . THR A 1 70  ? -0.102  -4.684  12.844  1.00 27.93 ? 58  THR A N   1 
ATOM   474  C  CA  . THR A 1 70  ? 0.569   -3.473  13.280  1.00 31.19 ? 58  THR A CA  1 
ATOM   475  C  C   . THR A 1 70  ? 1.564   -3.970  14.304  1.00 32.64 ? 58  THR A C   1 
ATOM   476  O  O   . THR A 1 70  ? 1.488   -5.118  14.728  1.00 31.70 ? 58  THR A O   1 
ATOM   477  C  CB  . THR A 1 70  ? -0.397  -2.518  13.988  1.00 33.19 ? 58  THR A CB  1 
ATOM   478  O  OG1 . THR A 1 70  ? -1.062  -3.226  15.039  1.00 34.71 ? 58  THR A OG1 1 
ATOM   479  C  CG2 . THR A 1 70  ? -1.441  -1.996  13.029  1.00 35.93 ? 58  THR A CG2 1 
ATOM   480  N  N   . VAL A 1 71  ? 2.498   -3.113  14.692  1.00 36.39 ? 59  VAL A N   1 
ATOM   481  C  CA  . VAL A 1 71  ? 3.486   -3.478  15.697  1.00 40.50 ? 59  VAL A CA  1 
ATOM   482  C  C   . VAL A 1 71  ? 3.537   -2.418  16.798  1.00 45.59 ? 59  VAL A C   1 
ATOM   483  O  O   . VAL A 1 71  ? 3.439   -1.219  16.536  1.00 45.09 ? 59  VAL A O   1 
ATOM   484  C  CB  . VAL A 1 71  ? 4.902   -3.615  15.090  1.00 38.54 ? 59  VAL A CB  1 
ATOM   485  C  CG1 . VAL A 1 71  ? 5.904   -4.005  16.185  1.00 37.67 ? 59  VAL A CG1 1 
ATOM   486  C  CG2 . VAL A 1 71  ? 4.914   -4.667  14.009  1.00 35.95 ? 59  VAL A CG2 1 
ATOM   487  N  N   . ARG A 1 72  ? 3.669   -2.877  18.036  1.00 52.31 ? 60  ARG A N   1 
ATOM   488  C  CA  . ARG A 1 72  ? 3.766   -1.989  19.186  1.00 59.84 ? 60  ARG A CA  1 
ATOM   489  C  C   . ARG A 1 72  ? 4.575   -2.700  20.268  1.00 61.90 ? 60  ARG A C   1 
ATOM   490  O  O   . ARG A 1 72  ? 4.223   -3.798  20.706  1.00 61.85 ? 60  ARG A O   1 
ATOM   491  C  CB  . ARG A 1 72  ? 2.369   -1.598  19.696  1.00 64.66 ? 60  ARG A CB  1 
ATOM   492  C  CG  . ARG A 1 72  ? 1.419   -2.755  19.992  1.00 72.79 ? 60  ARG A CG  1 
ATOM   493  C  CD  . ARG A 1 72  ? 1.641   -3.356  21.377  1.00 79.79 ? 60  ARG A CD  1 
ATOM   494  N  NE  . ARG A 1 72  ? 1.450   -2.374  22.444  1.00 86.13 ? 60  ARG A NE  1 
ATOM   495  C  CZ  . ARG A 1 72  ? 1.571   -2.646  23.741  1.00 89.21 ? 60  ARG A CZ  1 
ATOM   496  N  NH1 . ARG A 1 72  ? 1.887   -3.873  24.138  1.00 91.01 ? 60  ARG A NH1 1 
ATOM   497  N  NH2 . ARG A 1 72  ? 1.376   -1.690  24.641  1.00 91.14 ? 60  ARG A NH2 1 
ATOM   498  N  N   . ASP A 1 73  ? 5.680   -2.079  20.671  1.00 64.40 ? 61  ASP A N   1 
ATOM   499  C  CA  . ASP A 1 73  ? 6.546   -2.657  21.692  1.00 66.85 ? 61  ASP A CA  1 
ATOM   500  C  C   . ASP A 1 73  ? 6.927   -4.087  21.310  1.00 66.41 ? 61  ASP A C   1 
ATOM   501  O  O   . ASP A 1 73  ? 6.934   -4.983  22.152  1.00 66.53 ? 61  ASP A O   1 
ATOM   502  C  CB  . ASP A 1 73  ? 5.842   -2.653  23.057  1.00 70.41 ? 61  ASP A CB  1 
ATOM   503  C  CG  . ASP A 1 73  ? 5.563   -1.246  23.571  1.00 73.64 ? 61  ASP A CG  1 
ATOM   504  O  OD1 . ASP A 1 73  ? 4.769   -0.518  22.935  1.00 75.61 ? 61  ASP A OD1 1 
ATOM   505  O  OD2 . ASP A 1 73  ? 6.140   -0.868  24.614  1.00 75.86 ? 61  ASP A OD2 1 
ATOM   506  N  N   . GLU A 1 74  ? 7.238   -4.289  20.034  1.00 65.80 ? 62  GLU A N   1 
ATOM   507  C  CA  . GLU A 1 74  ? 7.621   -5.603  19.529  1.00 64.98 ? 62  GLU A CA  1 
ATOM   508  C  C   . GLU A 1 74  ? 6.457   -6.590  19.567  1.00 62.33 ? 62  GLU A C   1 
ATOM   509  O  O   . GLU A 1 74  ? 6.653   -7.804  19.516  1.00 61.41 ? 62  GLU A O   1 
ATOM   510  C  CB  . GLU A 1 74  ? 8.802   -6.154  20.337  1.00 68.78 ? 62  GLU A CB  1 
ATOM   511  C  CG  . GLU A 1 74  ? 10.078  -5.336  20.195  1.00 74.55 ? 62  GLU A CG  1 
ATOM   512  C  CD  . GLU A 1 74  ? 11.211  -5.855  21.061  1.00 77.93 ? 62  GLU A CD  1 
ATOM   513  O  OE1 . GLU A 1 74  ? 11.586  -7.037  20.901  1.00 80.14 ? 62  GLU A OE1 1 
ATOM   514  O  OE2 . GLU A 1 74  ? 11.725  -5.079  21.899  1.00 79.99 ? 62  GLU A OE2 1 
ATOM   515  N  N   . GLU A 1 75  ? 5.240   -6.066  19.646  1.00 59.32 ? 63  GLU A N   1 
ATOM   516  C  CA  . GLU A 1 75  ? 4.061   -6.917  19.687  1.00 56.83 ? 63  GLU A CA  1 
ATOM   517  C  C   . GLU A 1 75  ? 3.151   -6.702  18.474  1.00 52.96 ? 63  GLU A C   1 
ATOM   518  O  O   . GLU A 1 75  ? 2.686   -5.597  18.213  1.00 51.77 ? 63  GLU A O   1 
ATOM   519  C  CB  . GLU A 1 75  ? 3.288   -6.664  20.978  1.00 60.20 ? 63  GLU A CB  1 
ATOM   520  C  CG  . GLU A 1 75  ? 2.053   -7.522  21.137  1.00 65.63 ? 63  GLU A CG  1 
ATOM   521  C  CD  . GLU A 1 75  ? 1.437   -7.377  22.512  1.00 69.46 ? 63  GLU A CD  1 
ATOM   522  O  OE1 . GLU A 1 75  ? 2.117   -7.735  23.500  1.00 71.48 ? 63  GLU A OE1 1 
ATOM   523  O  OE2 . GLU A 1 75  ? 0.282   -6.901  22.603  1.00 71.70 ? 63  GLU A OE2 1 
ATOM   524  N  N   . CYS A 1 76  ? 2.895   -7.782  17.746  1.00 49.34 ? 64  CYS A N   1 
ATOM   525  C  CA  . CYS A 1 76  ? 2.058   -7.743  16.557  1.00 45.92 ? 64  CYS A CA  1 
ATOM   526  C  C   . CYS A 1 76  ? 0.583   -7.895  16.855  1.00 43.86 ? 64  CYS A C   1 
ATOM   527  O  O   . CYS A 1 76  ? 0.188   -8.691  17.701  1.00 43.63 ? 64  CYS A O   1 
ATOM   528  C  CB  . CYS A 1 76  ? 2.476   -8.852  15.597  1.00 46.59 ? 64  CYS A CB  1 
ATOM   529  S  SG  . CYS A 1 76  ? 3.951   -8.462  14.613  1.00 48.10 ? 64  CYS A SG  1 
ATOM   530  N  N   . SER A 1 77  ? -0.233  -7.135  16.139  1.00 41.32 ? 65  SER A N   1 
ATOM   531  C  CA  . SER A 1 77  ? -1.676  -7.190  16.298  1.00 39.52 ? 65  SER A CA  1 
ATOM   532  C  C   . SER A 1 77  ? -2.294  -7.229  14.902  1.00 38.60 ? 65  SER A C   1 
ATOM   533  O  O   . SER A 1 77  ? -1.980  -6.402  14.043  1.00 38.43 ? 65  SER A O   1 
ATOM   534  C  CB  . SER A 1 77  ? -2.155  -5.965  17.074  1.00 40.37 ? 65  SER A CB  1 
ATOM   535  O  OG  . SER A 1 77  ? -3.561  -5.966  17.197  1.00 42.79 ? 65  SER A OG  1 
ATOM   536  N  N   . GLU A 1 78  ? -3.169  -8.198  14.673  1.00 37.00 ? 66  GLU A N   1 
ATOM   537  C  CA  . GLU A 1 78  ? -3.801  -8.350  13.377  1.00 37.66 ? 66  GLU A CA  1 
ATOM   538  C  C   . GLU A 1 78  ? -4.960  -7.390  13.116  1.00 36.31 ? 66  GLU A C   1 
ATOM   539  O  O   . GLU A 1 78  ? -5.656  -6.957  14.033  1.00 35.51 ? 66  GLU A O   1 
ATOM   540  C  CB  . GLU A 1 78  ? -4.318  -9.783  13.218  1.00 40.43 ? 66  GLU A CB  1 
ATOM   541  C  CG  . GLU A 1 78  ? -3.265  -10.883 13.304  1.00 46.51 ? 66  GLU A CG  1 
ATOM   542  C  CD  . GLU A 1 78  ? -2.327  -10.919 12.102  1.00 50.19 ? 66  GLU A CD  1 
ATOM   543  O  OE1 . GLU A 1 78  ? -1.441  -10.053 12.013  1.00 51.83 ? 66  GLU A OE1 1 
ATOM   544  O  OE2 . GLU A 1 78  ? -2.476  -11.817 11.239  1.00 53.43 ? 66  GLU A OE2 1 
ATOM   545  N  N   . LEU A 1 79  ? -5.157  -7.041  11.854  1.00 34.32 ? 67  LEU A N   1 
ATOM   546  C  CA  . LEU A 1 79  ? -6.286  -6.210  11.483  1.00 33.84 ? 67  LEU A CA  1 
ATOM   547  C  C   . LEU A 1 79  ? -6.668  -6.477  10.046  1.00 32.78 ? 67  LEU A C   1 
ATOM   548  O  O   . LEU A 1 79  ? -5.810  -6.650  9.175   1.00 33.22 ? 67  LEU A O   1 
ATOM   549  C  CB  . LEU A 1 79  ? -6.026  -4.717  11.700  1.00 37.32 ? 67  LEU A CB  1 
ATOM   550  C  CG  . LEU A 1 79  ? -4.864  -3.961  11.078  1.00 40.38 ? 67  LEU A CG  1 
ATOM   551  C  CD1 . LEU A 1 79  ? -5.091  -2.461  11.250  1.00 41.89 ? 67  LEU A CD1 1 
ATOM   552  C  CD2 . LEU A 1 79  ? -3.563  -4.395  11.740  1.00 41.97 ? 67  LEU A CD2 1 
ATOM   553  N  N   . SER A 1 80  ? -7.968  -6.562  9.814   1.00 29.66 ? 68  SER A N   1 
ATOM   554  C  CA  . SER A 1 80  ? -8.512  -6.787  8.485   1.00 29.04 ? 68  SER A CA  1 
ATOM   555  C  C   . SER A 1 80  ? -9.381  -5.615  8.109   1.00 27.90 ? 68  SER A C   1 
ATOM   556  O  O   . SER A 1 80  ? -10.011 -4.987  8.964   1.00 27.27 ? 68  SER A O   1 
ATOM   557  C  CB  . SER A 1 80  ? -9.336  -8.073  8.426   1.00 30.75 ? 68  SER A CB  1 
ATOM   558  O  OG  . SER A 1 80  ? -8.473  -9.180  8.274   1.00 37.85 ? 68  SER A OG  1 
ATOM   559  N  N   . MET A 1 81  ? -9.417  -5.333  6.817   1.00 25.21 ? 69  MET A N   1 
ATOM   560  C  CA  . MET A 1 81  ? -10.180 -4.221  6.268   1.00 24.37 ? 69  MET A CA  1 
ATOM   561  C  C   . MET A 1 81  ? -10.772 -4.668  4.977   1.00 22.97 ? 69  MET A C   1 
ATOM   562  O  O   . MET A 1 81  ? -10.178 -5.487  4.282   1.00 21.46 ? 69  MET A O   1 
ATOM   563  C  CB  . MET A 1 81  ? -9.258  -3.075  5.874   1.00 25.84 ? 69  MET A CB  1 
ATOM   564  C  CG  . MET A 1 81  ? -8.902  -2.182  6.925   1.00 29.02 ? 69  MET A CG  1 
ATOM   565  S  SD  . MET A 1 81  ? -7.694  -1.108  6.174   1.00 25.52 ? 69  MET A SD  1 
ATOM   566  C  CE  . MET A 1 81  ? -6.615  -1.098  7.560   1.00 25.77 ? 69  MET A CE  1 
ATOM   567  N  N   . VAL A 1 82  ? -11.904 -4.083  4.615   1.00 20.38 ? 70  VAL A N   1 
ATOM   568  C  CA  . VAL A 1 82  ? -12.525 -4.404  3.352   1.00 20.97 ? 70  VAL A CA  1 
ATOM   569  C  C   . VAL A 1 82  ? -12.508 -3.148  2.495   1.00 20.57 ? 70  VAL A C   1 
ATOM   570  O  O   . VAL A 1 82  ? -13.045 -2.114  2.902   1.00 21.95 ? 70  VAL A O   1 
ATOM   571  C  CB  . VAL A 1 82  ? -13.988 -4.844  3.525   1.00 22.62 ? 70  VAL A CB  1 
ATOM   572  C  CG1 . VAL A 1 82  ? -14.613 -5.070  2.156   1.00 23.93 ? 70  VAL A CG1 1 
ATOM   573  C  CG2 . VAL A 1 82  ? -14.046 -6.093  4.356   1.00 24.53 ? 70  VAL A CG2 1 
ATOM   574  N  N   . ALA A 1 83  ? -11.889 -3.228  1.316   1.00 19.18 ? 71  ALA A N   1 
ATOM   575  C  CA  . ALA A 1 83  ? -11.840 -2.082  0.418   1.00 19.96 ? 71  ALA A CA  1 
ATOM   576  C  C   . ALA A 1 83  ? -12.846 -2.334  -0.694  1.00 20.23 ? 71  ALA A C   1 
ATOM   577  O  O   . ALA A 1 83  ? -12.799 -3.359  -1.382  1.00 20.45 ? 71  ALA A O   1 
ATOM   578  C  CB  . ALA A 1 83  ? -10.429 -1.926  -0.165  1.00 19.94 ? 71  ALA A CB  1 
ATOM   579  N  N   . ASP A 1 84  ? -13.760 -1.394  -0.868  1.00 20.98 ? 72  ASP A N   1 
ATOM   580  C  CA  . ASP A 1 84  ? -14.806 -1.509  -1.871  1.00 22.70 ? 72  ASP A CA  1 
ATOM   581  C  C   . ASP A 1 84  ? -14.495 -0.781  -3.174  1.00 23.62 ? 72  ASP A C   1 
ATOM   582  O  O   . ASP A 1 84  ? -13.893 0.291   -3.166  1.00 21.38 ? 72  ASP A O   1 
ATOM   583  C  CB  . ASP A 1 84  ? -16.116 -0.938  -1.306  1.00 24.86 ? 72  ASP A CB  1 
ATOM   584  C  CG  . ASP A 1 84  ? -16.655 -1.749  -0.157  1.00 29.44 ? 72  ASP A CG  1 
ATOM   585  O  OD1 . ASP A 1 84  ? -16.912 -2.951  -0.349  1.00 31.42 ? 72  ASP A OD1 1 
ATOM   586  O  OD2 . ASP A 1 84  ? -16.826 -1.194  0.941   1.00 33.54 ? 72  ASP A OD2 1 
ATOM   587  N  N   . LYS A 1 85  ? -14.903 -1.356  -4.302  1.00 24.88 ? 73  LYS A N   1 
ATOM   588  C  CA  . LYS A 1 85  ? -14.696 -0.675  -5.579  1.00 28.39 ? 73  LYS A CA  1 
ATOM   589  C  C   . LYS A 1 85  ? -15.512 0.618   -5.560  1.00 28.59 ? 73  LYS A C   1 
ATOM   590  O  O   . LYS A 1 85  ? -16.589 0.670   -4.967  1.00 28.87 ? 73  LYS A O   1 
ATOM   591  C  CB  . LYS A 1 85  ? -15.187 -1.537  -6.750  1.00 32.13 ? 73  LYS A CB  1 
ATOM   592  C  CG  . LYS A 1 85  ? -14.366 -2.774  -7.024  1.00 37.67 ? 73  LYS A CG  1 
ATOM   593  C  CD  . LYS A 1 85  ? -14.704 -3.388  -8.379  1.00 42.80 ? 73  LYS A CD  1 
ATOM   594  C  CE  . LYS A 1 85  ? -14.425 -2.409  -9.526  1.00 47.08 ? 73  LYS A CE  1 
ATOM   595  N  NZ  . LYS A 1 85  ? -12.985 -1.962  -9.626  1.00 49.85 ? 73  LYS A NZ  1 
ATOM   596  N  N   . THR A 1 86  ? -14.998 1.667   -6.186  1.00 29.18 ? 74  THR A N   1 
ATOM   597  C  CA  . THR A 1 86  ? -15.732 2.928   -6.248  1.00 29.90 ? 74  THR A CA  1 
ATOM   598  C  C   . THR A 1 86  ? -16.218 3.038   -7.691  1.00 32.80 ? 74  THR A C   1 
ATOM   599  O  O   . THR A 1 86  ? -16.067 2.090   -8.479  1.00 31.18 ? 74  THR A O   1 
ATOM   600  C  CB  . THR A 1 86  ? -14.848 4.164   -5.931  1.00 28.30 ? 74  THR A CB  1 
ATOM   601  O  OG1 . THR A 1 86  ? -13.911 4.376   -6.991  1.00 27.39 ? 74  THR A OG1 1 
ATOM   602  C  CG2 . THR A 1 86  ? -14.107 3.990   -4.602  1.00 27.91 ? 74  THR A CG2 1 
ATOM   603  N  N   . GLU A 1 87  ? -16.764 4.204   -8.039  1.00 35.86 ? 75  GLU A N   1 
ATOM   604  C  CA  . GLU A 1 87  ? -17.267 4.445   -9.384  1.00 39.96 ? 75  GLU A CA  1 
ATOM   605  C  C   . GLU A 1 87  ? -16.172 4.589   -10.425 1.00 39.25 ? 75  GLU A C   1 
ATOM   606  O  O   . GLU A 1 87  ? -16.444 4.542   -11.625 1.00 38.96 ? 75  GLU A O   1 
ATOM   607  C  CB  . GLU A 1 87  ? -18.181 5.673   -9.397  1.00 45.48 ? 75  GLU A CB  1 
ATOM   608  C  CG  . GLU A 1 87  ? -19.455 5.463   -8.582  1.00 55.49 ? 75  GLU A CG  1 
ATOM   609  C  CD  . GLU A 1 87  ? -20.465 6.587   -8.744  1.00 61.17 ? 75  GLU A CD  1 
ATOM   610  O  OE1 . GLU A 1 87  ? -20.110 7.752   -8.462  1.00 65.12 ? 75  GLU A OE1 1 
ATOM   611  O  OE2 . GLU A 1 87  ? -21.616 6.306   -9.149  1.00 64.76 ? 75  GLU A OE2 1 
ATOM   612  N  N   . LYS A 1 88  ? -14.930 4.790   -9.995  1.00 37.74 ? 76  LYS A N   1 
ATOM   613  C  CA  . LYS A 1 88  ? -13.866 4.866   -10.984 1.00 37.54 ? 76  LYS A CA  1 
ATOM   614  C  C   . LYS A 1 88  ? -13.138 3.525   -10.981 1.00 34.85 ? 76  LYS A C   1 
ATOM   615  O  O   . LYS A 1 88  ? -12.745 3.024   -9.935  1.00 32.12 ? 76  LYS A O   1 
ATOM   616  C  CB  . LYS A 1 88  ? -12.917 6.044   -10.718 1.00 42.17 ? 76  LYS A CB  1 
ATOM   617  C  CG  . LYS A 1 88  ? -12.530 6.283   -9.291  1.00 48.34 ? 76  LYS A CG  1 
ATOM   618  C  CD  . LYS A 1 88  ? -11.629 7.519   -9.197  1.00 53.17 ? 76  LYS A CD  1 
ATOM   619  C  CE  . LYS A 1 88  ? -12.392 8.810   -9.482  1.00 56.29 ? 76  LYS A CE  1 
ATOM   620  N  NZ  . LYS A 1 88  ? -13.431 9.098   -8.451  1.00 58.71 ? 76  LYS A NZ  1 
ATOM   621  N  N   . ALA A 1 89  ? -13.020 2.916   -12.157 1.00 32.24 ? 77  ALA A N   1 
ATOM   622  C  CA  . ALA A 1 89  ? -12.373 1.619   -12.282 1.00 30.43 ? 77  ALA A CA  1 
ATOM   623  C  C   . ALA A 1 89  ? -10.953 1.677   -11.709 1.00 28.36 ? 77  ALA A C   1 
ATOM   624  O  O   . ALA A 1 89  ? -10.237 2.648   -11.904 1.00 29.12 ? 77  ALA A O   1 
ATOM   625  C  CB  . ALA A 1 89  ? -12.334 1.201   -13.746 1.00 30.50 ? 77  ALA A CB  1 
ATOM   626  N  N   . GLY A 1 90  ? -10.557 0.629   -11.005 1.00 27.18 ? 78  GLY A N   1 
ATOM   627  C  CA  . GLY A 1 90  ? -9.229  0.618   -10.428 1.00 23.34 ? 78  GLY A CA  1 
ATOM   628  C  C   . GLY A 1 90  ? -9.088  1.384   -9.124  1.00 21.40 ? 78  GLY A C   1 
ATOM   629  O  O   . GLY A 1 90  ? -7.998  1.404   -8.562  1.00 16.52 ? 78  GLY A O   1 
ATOM   630  N  N   . GLU A 1 91  ? -10.152 2.041   -8.650  1.00 19.71 ? 79  GLU A N   1 
ATOM   631  C  CA  . GLU A 1 91  ? -10.072 2.752   -7.377  1.00 19.61 ? 79  GLU A CA  1 
ATOM   632  C  C   . GLU A 1 91  ? -10.923 2.044   -6.332  1.00 20.05 ? 79  GLU A C   1 
ATOM   633  O  O   . GLU A 1 91  ? -12.016 1.556   -6.626  1.00 20.04 ? 79  GLU A O   1 
ATOM   634  C  CB  . GLU A 1 91  ? -10.536 4.205   -7.503  1.00 21.37 ? 79  GLU A CB  1 
ATOM   635  C  CG  . GLU A 1 91  ? -10.397 5.003   -6.213  1.00 24.37 ? 79  GLU A CG  1 
ATOM   636  C  CD  . GLU A 1 91  ? -10.878 6.436   -6.365  1.00 28.66 ? 79  GLU A CD  1 
ATOM   637  O  OE1 . GLU A 1 91  ? -10.034 7.345   -6.454  1.00 29.96 ? 79  GLU A OE1 1 
ATOM   638  O  OE2 . GLU A 1 91  ? -12.108 6.642   -6.408  1.00 31.40 ? 79  GLU A OE2 1 
ATOM   639  N  N   . TYR A 1 92  ? -10.397 1.987   -5.111  1.00 17.26 ? 80  TYR A N   1 
ATOM   640  C  CA  . TYR A 1 92  ? -11.048 1.350   -3.994  1.00 16.69 ? 80  TYR A CA  1 
ATOM   641  C  C   . TYR A 1 92  ? -11.100 2.303   -2.817  1.00 17.60 ? 80  TYR A C   1 
ATOM   642  O  O   . TYR A 1 92  ? -10.218 3.157   -2.646  1.00 18.63 ? 80  TYR A O   1 
ATOM   643  C  CB  . TYR A 1 92  ? -10.263 0.101   -3.575  1.00 17.61 ? 80  TYR A CB  1 
ATOM   644  C  CG  . TYR A 1 92  ? -10.268 -0.985  -4.592  1.00 21.39 ? 80  TYR A CG  1 
ATOM   645  C  CD1 . TYR A 1 92  ? -9.366  -0.987  -5.644  1.00 23.08 ? 80  TYR A CD1 1 
ATOM   646  C  CD2 . TYR A 1 92  ? -11.219 -2.001  -4.518  1.00 22.16 ? 80  TYR A CD2 1 
ATOM   647  C  CE1 . TYR A 1 92  ? -9.423  -2.013  -6.631  1.00 24.93 ? 80  TYR A CE1 1 
ATOM   648  C  CE2 . TYR A 1 92  ? -11.279 -3.003  -5.469  1.00 24.61 ? 80  TYR A CE2 1 
ATOM   649  C  CZ  . TYR A 1 92  ? -10.384 -2.998  -6.518  1.00 25.48 ? 80  TYR A CZ  1 
ATOM   650  O  OH  . TYR A 1 92  ? -10.466 -3.994  -7.461  1.00 29.10 ? 80  TYR A OH  1 
ATOM   651  N  N   . SER A 1 93  ? -12.129 2.156   -1.993  1.00 18.33 ? 81  SER A N   1 
ATOM   652  C  CA  . SER A 1 93  ? -12.253 2.993   -0.814  1.00 18.38 ? 81  SER A CA  1 
ATOM   653  C  C   . SER A 1 93  ? -12.340 2.144   0.454   1.00 18.79 ? 81  SER A C   1 
ATOM   654  O  O   . SER A 1 93  ? -12.768 0.988   0.425   1.00 17.52 ? 81  SER A O   1 
ATOM   655  C  CB  . SER A 1 93  ? -13.492 3.902   -0.934  1.00 19.15 ? 81  SER A CB  1 
ATOM   656  O  OG  . SER A 1 93  ? -14.683 3.132   -0.964  1.00 21.99 ? 81  SER A OG  1 
ATOM   657  N  N   . VAL A 1 94  ? -11.906 2.704   1.570   1.00 18.07 ? 82  VAL A N   1 
ATOM   658  C  CA  . VAL A 1 94  ? -11.997 1.999   2.837   1.00 19.00 ? 82  VAL A CA  1 
ATOM   659  C  C   . VAL A 1 94  ? -11.945 2.975   3.984   1.00 19.07 ? 82  VAL A C   1 
ATOM   660  O  O   . VAL A 1 94  ? -11.211 3.965   3.944   1.00 17.49 ? 82  VAL A O   1 
ATOM   661  C  CB  . VAL A 1 94  ? -10.856 0.937   3.015   1.00 21.15 ? 82  VAL A CB  1 
ATOM   662  C  CG1 . VAL A 1 94  ? -9.503  1.605   2.976   1.00 22.69 ? 82  VAL A CG1 1 
ATOM   663  C  CG2 . VAL A 1 94  ? -11.035 0.200   4.349   1.00 23.06 ? 82  VAL A CG2 1 
ATOM   664  N  N   . THR A 1 95  ? -12.754 2.724   5.004   1.00 17.86 ? 83  THR A N   1 
ATOM   665  C  CA  . THR A 1 95  ? -12.737 3.572   6.186   1.00 18.90 ? 83  THR A CA  1 
ATOM   666  C  C   . THR A 1 95  ? -11.712 3.028   7.170   1.00 19.59 ? 83  THR A C   1 
ATOM   667  O  O   . THR A 1 95  ? -11.779 1.862   7.579   1.00 21.32 ? 83  THR A O   1 
ATOM   668  C  CB  . THR A 1 95  ? -14.120 3.622   6.850   1.00 20.98 ? 83  THR A CB  1 
ATOM   669  O  OG1 . THR A 1 95  ? -15.005 4.309   5.970   1.00 23.33 ? 83  THR A OG1 1 
ATOM   670  C  CG2 . THR A 1 95  ? -14.067 4.385   8.177   1.00 20.59 ? 83  THR A CG2 1 
ATOM   671  N  N   . TYR A 1 96  ? -10.743 3.878   7.521   1.00 18.03 ? 84  TYR A N   1 
ATOM   672  C  CA  . TYR A 1 96  ? -9.688  3.540   8.472   1.00 17.84 ? 84  TYR A CA  1 
ATOM   673  C  C   . TYR A 1 96  ? -8.996  4.851   8.845   1.00 19.16 ? 84  TYR A C   1 
ATOM   674  O  O   . TYR A 1 96  ? -8.337  5.465   8.004   1.00 18.54 ? 84  TYR A O   1 
ATOM   675  C  CB  . TYR A 1 96  ? -8.652  2.578   7.862   1.00 18.47 ? 84  TYR A CB  1 
ATOM   676  C  CG  . TYR A 1 96  ? -7.489  2.323   8.793   1.00 18.09 ? 84  TYR A CG  1 
ATOM   677  C  CD1 . TYR A 1 96  ? -7.627  1.480   9.902   1.00 19.33 ? 84  TYR A CD1 1 
ATOM   678  C  CD2 . TYR A 1 96  ? -6.266  2.970   8.603   1.00 18.66 ? 84  TYR A CD2 1 
ATOM   679  C  CE1 . TYR A 1 96  ? -6.582  1.295   10.798  1.00 18.35 ? 84  TYR A CE1 1 
ATOM   680  C  CE2 . TYR A 1 96  ? -5.204  2.793   9.489   1.00 18.45 ? 84  TYR A CE2 1 
ATOM   681  C  CZ  . TYR A 1 96  ? -5.368  1.950   10.594  1.00 18.80 ? 84  TYR A CZ  1 
ATOM   682  O  OH  . TYR A 1 96  ? -4.325  1.749   11.468  1.00 19.13 ? 84  TYR A OH  1 
ATOM   683  N  N   . ASP A 1 97  ? -9.125  5.259   10.112  1.00 18.09 ? 85  ASP A N   1 
ATOM   684  C  CA  . ASP A 1 97  ? -8.555  6.522   10.585  1.00 17.37 ? 85  ASP A CA  1 
ATOM   685  C  C   . ASP A 1 97  ? -8.848  7.623   9.554   1.00 17.21 ? 85  ASP A C   1 
ATOM   686  O  O   . ASP A 1 97  ? -7.957  8.392   9.145   1.00 16.12 ? 85  ASP A O   1 
ATOM   687  C  CB  . ASP A 1 97  ? -7.048  6.381   10.824  1.00 19.21 ? 85  ASP A CB  1 
ATOM   688  C  CG  . ASP A 1 97  ? -6.483  7.533   11.657  1.00 23.40 ? 85  ASP A CG  1 
ATOM   689  O  OD1 . ASP A 1 97  ? -7.252  8.088   12.480  1.00 24.59 ? 85  ASP A OD1 1 
ATOM   690  O  OD2 . ASP A 1 97  ? -5.280  7.866   11.515  1.00 25.77 ? 85  ASP A OD2 1 
ATOM   691  N  N   . GLY A 1 98  ? -10.119 7.699   9.187   1.00 15.43 ? 86  GLY A N   1 
ATOM   692  C  CA  . GLY A 1 98  ? -10.582 8.645   8.192   1.00 16.42 ? 86  GLY A CA  1 
ATOM   693  C  C   . GLY A 1 98  ? -11.082 7.880   6.970   1.00 16.34 ? 86  GLY A C   1 
ATOM   694  O  O   . GLY A 1 98  ? -11.286 6.646   6.996   1.00 16.99 ? 86  GLY A O   1 
ATOM   695  N  N   . PHE A 1 99  ? -11.286 8.620   5.885   1.00 13.83 ? 87  PHE A N   1 
ATOM   696  C  CA  . PHE A 1 99  ? -11.785 8.058   4.634   1.00 14.51 ? 87  PHE A CA  1 
ATOM   697  C  C   . PHE A 1 99  ? -10.609 7.941   3.672   1.00 14.28 ? 87  PHE A C   1 
ATOM   698  O  O   . PHE A 1 99  ? -9.932  8.915   3.397   1.00 15.62 ? 87  PHE A O   1 
ATOM   699  C  CB  . PHE A 1 99  ? -12.843 8.985   4.040   1.00 16.59 ? 87  PHE A CB  1 
ATOM   700  C  CG  . PHE A 1 99  ? -13.312 8.583   2.673   1.00 17.46 ? 87  PHE A CG  1 
ATOM   701  C  CD1 . PHE A 1 99  ? -13.987 7.379   2.480   1.00 20.03 ? 87  PHE A CD1 1 
ATOM   702  C  CD2 . PHE A 1 99  ? -13.059 9.396   1.571   1.00 18.96 ? 87  PHE A CD2 1 
ATOM   703  C  CE1 . PHE A 1 99  ? -14.401 6.994   1.201   1.00 19.68 ? 87  PHE A CE1 1 
ATOM   704  C  CE2 . PHE A 1 99  ? -13.476 9.015   0.288   1.00 20.11 ? 87  PHE A CE2 1 
ATOM   705  C  CZ  . PHE A 1 99  ? -14.149 7.806   0.116   1.00 20.96 ? 87  PHE A CZ  1 
ATOM   706  N  N   . ASN A 1 100 ? -10.425 6.745   3.122   1.00 14.47 ? 88  ASN A N   1 
ATOM   707  C  CA  . ASN A 1 100 ? -9.314  6.488   2.207   1.00 14.78 ? 88  ASN A CA  1 
ATOM   708  C  C   . ASN A 1 100 ? -9.744  6.008   0.838   1.00 14.81 ? 88  ASN A C   1 
ATOM   709  O  O   . ASN A 1 100 ? -10.709 5.247   0.706   1.00 14.65 ? 88  ASN A O   1 
ATOM   710  C  CB  . ASN A 1 100 ? -8.424  5.376   2.762   1.00 13.16 ? 88  ASN A CB  1 
ATOM   711  C  CG  . ASN A 1 100 ? -7.941  5.648   4.172   1.00 13.80 ? 88  ASN A CG  1 
ATOM   712  O  OD1 . ASN A 1 100 ? -6.942  6.343   4.379   1.00 13.80 ? 88  ASN A OD1 1 
ATOM   713  N  ND2 . ASN A 1 100 ? -8.654  5.099   5.166   1.00 14.59 ? 88  ASN A ND2 1 
ATOM   714  N  N   . THR A 1 101 ? -9.038  6.463   -0.183  1.00 13.44 ? 89  THR A N   1 
ATOM   715  C  CA  . THR A 1 101 ? -9.255  5.904   -1.511  1.00 14.61 ? 89  THR A CA  1 
ATOM   716  C  C   . THR A 1 101 ? -7.875  5.525   -2.012  1.00 14.84 ? 89  THR A C   1 
ATOM   717  O  O   . THR A 1 101 ? -6.876  6.148   -1.657  1.00 15.08 ? 89  THR A O   1 
ATOM   718  C  CB  . THR A 1 101 ? -9.893  6.877   -2.523  1.00 17.52 ? 89  THR A CB  1 
ATOM   719  O  OG1 . THR A 1 101 ? -9.062  8.027   -2.694  1.00 19.59 ? 89  THR A OG1 1 
ATOM   720  C  CG2 . THR A 1 101 ? -11.283 7.284   -2.032  1.00 20.12 ? 89  THR A CG2 1 
ATOM   721  N  N   . PHE A 1 102 ? -7.790  4.460   -2.795  1.00 12.49 ? 90  PHE A N   1 
ATOM   722  C  CA  . PHE A 1 102 ? -6.489  4.128   -3.353  1.00 12.71 ? 90  PHE A CA  1 
ATOM   723  C  C   . PHE A 1 102 ? -6.586  3.476   -4.719  1.00 14.37 ? 90  PHE A C   1 
ATOM   724  O  O   . PHE A 1 102 ? -7.640  2.957   -5.113  1.00 13.20 ? 90  PHE A O   1 
ATOM   725  C  CB  . PHE A 1 102 ? -5.644  3.247   -2.406  1.00 12.81 ? 90  PHE A CB  1 
ATOM   726  C  CG  . PHE A 1 102 ? -6.180  1.844   -2.190  1.00 13.99 ? 90  PHE A CG  1 
ATOM   727  C  CD1 . PHE A 1 102 ? -7.010  1.567   -1.116  1.00 15.12 ? 90  PHE A CD1 1 
ATOM   728  C  CD2 . PHE A 1 102 ? -5.827  0.818   -3.052  1.00 15.62 ? 90  PHE A CD2 1 
ATOM   729  C  CE1 . PHE A 1 102 ? -7.487  0.275   -0.902  1.00 16.31 ? 90  PHE A CE1 1 
ATOM   730  C  CE2 . PHE A 1 102 ? -6.304  -0.485  -2.842  1.00 17.05 ? 90  PHE A CE2 1 
ATOM   731  C  CZ  . PHE A 1 102 ? -7.133  -0.743  -1.760  1.00 17.45 ? 90  PHE A CZ  1 
ATOM   732  N  N   . THR A 1 103 ? -5.465  3.537   -5.432  1.00 13.66 ? 91  THR A N   1 
ATOM   733  C  CA  . THR A 1 103 ? -5.321  2.904   -6.743  1.00 13.12 ? 91  THR A CA  1 
ATOM   734  C  C   . THR A 1 103 ? -3.981  2.194   -6.718  1.00 14.51 ? 91  THR A C   1 
ATOM   735  O  O   . THR A 1 103 ? -3.196  2.348   -5.754  1.00 12.66 ? 91  THR A O   1 
ATOM   736  C  CB  . THR A 1 103 ? -5.293  3.906   -7.910  1.00 15.07 ? 91  THR A CB  1 
ATOM   737  O  OG1 . THR A 1 103 ? -4.238  4.844   -7.707  1.00 15.63 ? 91  THR A OG1 1 
ATOM   738  C  CG2 . THR A 1 103 ? -6.645  4.633   -8.043  1.00 15.05 ? 91  THR A CG2 1 
ATOM   739  N  N   . ILE A 1 104 ? -3.733  1.393   -7.757  1.00 13.79 ? 92  ILE A N   1 
ATOM   740  C  CA  . ILE A 1 104 ? -2.460  0.671   -7.884  1.00 13.63 ? 92  ILE A CA  1 
ATOM   741  C  C   . ILE A 1 104 ? -1.848  1.167   -9.202  1.00 13.77 ? 92  ILE A C   1 
ATOM   742  O  O   . ILE A 1 104 ? -2.074  0.613   -10.274 1.00 14.90 ? 92  ILE A O   1 
ATOM   743  C  CB  . ILE A 1 104 ? -2.719  -0.859  -7.927  1.00 13.51 ? 92  ILE A CB  1 
ATOM   744  C  CG1 . ILE A 1 104 ? -3.362  -1.307  -6.598  1.00 13.42 ? 92  ILE A CG1 1 
ATOM   745  C  CG2 . ILE A 1 104 ? -1.416  -1.617  -8.182  1.00 14.46 ? 92  ILE A CG2 1 
ATOM   746  C  CD1 . ILE A 1 104 ? -3.891  -2.731  -6.642  1.00 16.43 ? 92  ILE A CD1 1 
ATOM   747  N  N   . PRO A 1 105 ? -1.036  2.211   -9.136  1.00 13.70 ? 93  PRO A N   1 
ATOM   748  C  CA  . PRO A 1 105 ? -0.438  2.734   -10.366 1.00 13.89 ? 93  PRO A CA  1 
ATOM   749  C  C   . PRO A 1 105 ? 0.479   1.794   -11.112 1.00 14.33 ? 93  PRO A C   1 
ATOM   750  O  O   . PRO A 1 105 ? 0.639   1.961   -12.313 1.00 15.54 ? 93  PRO A O   1 
ATOM   751  C  CB  . PRO A 1 105 ? 0.265   4.024   -9.927  1.00 16.24 ? 93  PRO A CB  1 
ATOM   752  C  CG  . PRO A 1 105 ? 0.400   3.892   -8.443  1.00 16.67 ? 93  PRO A CG  1 
ATOM   753  C  CD  . PRO A 1 105 ? -0.813  3.113   -7.994  1.00 14.27 ? 93  PRO A CD  1 
ATOM   754  N  N   . LYS A 1 106 ? 1.098   0.836   -10.421 1.00 13.61 ? 94  LYS A N   1 
ATOM   755  C  CA  . LYS A 1 106 ? 1.975   -0.082  -11.128 1.00 14.87 ? 94  LYS A CA  1 
ATOM   756  C  C   . LYS A 1 106 ? 2.155   -1.389  -10.392 1.00 14.45 ? 94  LYS A C   1 
ATOM   757  O  O   . LYS A 1 106 ? 2.445   -1.380  -9.192  1.00 14.28 ? 94  LYS A O   1 
ATOM   758  C  CB  . LYS A 1 106 ? 3.367   0.559   -11.311 1.00 17.37 ? 94  LYS A CB  1 
ATOM   759  C  CG  . LYS A 1 106 ? 4.230   -0.184  -12.350 1.00 24.75 ? 94  LYS A CG  1 
ATOM   760  C  CD  . LYS A 1 106 ? 3.579   -0.158  -13.735 1.00 31.81 ? 94  LYS A CD  1 
ATOM   761  C  CE  . LYS A 1 106 ? 3.610   1.241   -14.332 1.00 36.93 ? 94  LYS A CE  1 
ATOM   762  N  NZ  . LYS A 1 106 ? 3.034   1.286   -15.703 1.00 39.88 ? 94  LYS A NZ  1 
ATOM   763  N  N   . THR A 1 107 ? 1.960   -2.503  -11.096 1.00 14.09 ? 95  THR A N   1 
ATOM   764  C  CA  . THR A 1 107 ? 2.231   -3.808  -10.500 1.00 13.81 ? 95  THR A CA  1 
ATOM   765  C  C   . THR A 1 107 ? 2.650   -4.742  -11.626 1.00 14.69 ? 95  THR A C   1 
ATOM   766  O  O   . THR A 1 107 ? 2.223   -4.549  -12.754 1.00 15.16 ? 95  THR A O   1 
ATOM   767  C  CB  . THR A 1 107 ? 0.984   -4.437  -9.800  1.00 13.76 ? 95  THR A CB  1 
ATOM   768  O  OG1 . THR A 1 107 ? 1.350   -5.714  -9.250  1.00 15.08 ? 95  THR A OG1 1 
ATOM   769  C  CG2 . THR A 1 107 ? -0.184  -4.651  -10.771 1.00 14.56 ? 95  THR A CG2 1 
ATOM   770  N  N   . ASP A 1 108 ? 3.508   -5.719  -11.315 1.00 14.43 ? 96  ASP A N   1 
ATOM   771  C  CA  . ASP A 1 108 ? 3.829   -6.743  -12.303 1.00 15.32 ? 96  ASP A CA  1 
ATOM   772  C  C   . ASP A 1 108 ? 3.216   -8.073  -11.835 1.00 15.89 ? 96  ASP A C   1 
ATOM   773  O  O   . ASP A 1 108 ? 3.536   -9.157  -12.388 1.00 16.01 ? 96  ASP A O   1 
ATOM   774  C  CB  . ASP A 1 108 ? 5.331   -6.862  -12.532 1.00 14.49 ? 96  ASP A CB  1 
ATOM   775  C  CG  . ASP A 1 108 ? 6.073   -7.465  -11.371 1.00 15.38 ? 96  ASP A CG  1 
ATOM   776  O  OD1 . ASP A 1 108 ? 5.520   -7.575  -10.255 1.00 13.02 ? 96  ASP A OD1 1 
ATOM   777  O  OD2 . ASP A 1 108 ? 7.262   -7.834  -11.579 1.00 16.10 ? 96  ASP A OD2 1 
ATOM   778  N  N   . TYR A 1 109 ? 2.350   -7.984  -10.814 1.00 14.32 ? 97  TYR A N   1 
ATOM   779  C  CA  . TYR A 1 109 ? 1.618   -9.131  -10.236 1.00 15.15 ? 97  TYR A CA  1 
ATOM   780  C  C   . TYR A 1 109 ? 2.466   -10.191 -9.530  1.00 14.91 ? 97  TYR A C   1 
ATOM   781  O  O   . TYR A 1 109 ? 2.078   -10.645 -8.450  1.00 15.33 ? 97  TYR A O   1 
ATOM   782  C  CB  . TYR A 1 109 ? 0.783   -9.870  -11.310 1.00 15.26 ? 97  TYR A CB  1 
ATOM   783  C  CG  . TYR A 1 109 ? -0.178  -9.038  -12.108 1.00 16.30 ? 97  TYR A CG  1 
ATOM   784  C  CD1 . TYR A 1 109 ? -1.253  -8.400  -11.501 1.00 17.16 ? 97  TYR A CD1 1 
ATOM   785  C  CD2 . TYR A 1 109 ? -0.019  -8.901  -13.483 1.00 18.03 ? 97  TYR A CD2 1 
ATOM   786  C  CE1 . TYR A 1 109 ? -2.156  -7.635  -12.240 1.00 18.51 ? 97  TYR A CE1 1 
ATOM   787  C  CE2 . TYR A 1 109 ? -0.914  -8.152  -14.241 1.00 19.35 ? 97  TYR A CE2 1 
ATOM   788  C  CZ  . TYR A 1 109 ? -1.987  -7.525  -13.609 1.00 19.11 ? 97  TYR A CZ  1 
ATOM   789  O  OH  . TYR A 1 109 ? -2.913  -6.827  -14.359 1.00 20.51 ? 97  TYR A OH  1 
ATOM   790  N  N   . ASP A 1 110 ? 3.611   -10.550 -10.119 1.00 14.52 ? 98  ASP A N   1 
ATOM   791  C  CA  . ASP A 1 110 ? 4.485   -11.599 -9.596  1.00 15.32 ? 98  ASP A CA  1 
ATOM   792  C  C   . ASP A 1 110 ? 5.584   -11.196 -8.657  1.00 14.67 ? 98  ASP A C   1 
ATOM   793  O  O   . ASP A 1 110 ? 6.170   -12.068 -7.991  1.00 14.44 ? 98  ASP A O   1 
ATOM   794  C  CB  . ASP A 1 110 ? 5.194   -12.366 -10.726 1.00 17.67 ? 98  ASP A CB  1 
ATOM   795  C  CG  . ASP A 1 110 ? 4.271   -12.959 -11.687 1.00 23.20 ? 98  ASP A CG  1 
ATOM   796  O  OD1 . ASP A 1 110 ? 3.234   -13.479 -11.233 1.00 24.49 ? 98  ASP A OD1 1 
ATOM   797  O  OD2 . ASP A 1 110 ? 4.622   -12.917 -12.893 1.00 23.19 ? 98  ASP A OD2 1 
ATOM   798  N  N   . ASN A 1 111 ? 5.918   -9.899  -8.613  1.00 13.12 ? 99  ASN A N   1 
ATOM   799  C  CA  . ASN A 1 111 ? 6.961   -9.443  -7.716  1.00 14.35 ? 99  ASN A CA  1 
ATOM   800  C  C   . ASN A 1 111 ? 6.510   -8.290  -6.858  1.00 12.09 ? 99  ASN A C   1 
ATOM   801  O  O   . ASN A 1 111 ? 6.615   -8.346  -5.629  1.00 12.07 ? 99  ASN A O   1 
ATOM   802  C  CB  . ASN A 1 111 ? 8.206   -8.935  -8.456  1.00 16.26 ? 99  ASN A CB  1 
ATOM   803  C  CG  . ASN A 1 111 ? 8.974   -10.030 -9.114  1.00 18.67 ? 99  ASN A CG  1 
ATOM   804  O  OD1 . ASN A 1 111 ? 9.650   -10.832 -8.442  1.00 20.22 ? 99  ASN A OD1 1 
ATOM   805  N  ND2 . ASN A 1 111 ? 8.897   -10.080 -10.432 1.00 18.57 ? 99  ASN A ND2 1 
ATOM   806  N  N   . PHE A 1 112 ? 6.038   -7.225  -7.504  1.00 12.45 ? 100 PHE A N   1 
ATOM   807  C  CA  . PHE A 1 112 ? 5.712   -6.007  -6.749  1.00 11.86 ? 100 PHE A CA  1 
ATOM   808  C  C   . PHE A 1 112 ? 4.365   -5.404  -7.031  1.00 11.65 ? 100 PHE A C   1 
ATOM   809  O  O   . PHE A 1 112 ? 3.753   -5.649  -8.076  1.00 11.12 ? 100 PHE A O   1 
ATOM   810  C  CB  . PHE A 1 112 ? 6.778   -4.907  -7.034  1.00 12.59 ? 100 PHE A CB  1 
ATOM   811  C  CG  . PHE A 1 112 ? 6.688   -4.309  -8.440  1.00 11.55 ? 100 PHE A CG  1 
ATOM   812  C  CD1 . PHE A 1 112 ? 5.844   -3.232  -8.688  1.00 12.78 ? 100 PHE A CD1 1 
ATOM   813  C  CD2 . PHE A 1 112 ? 7.426   -4.835  -9.503  1.00 14.91 ? 100 PHE A CD2 1 
ATOM   814  C  CE1 . PHE A 1 112 ? 5.725   -2.666  -9.987  1.00 14.87 ? 100 PHE A CE1 1 
ATOM   815  C  CE2 . PHE A 1 112 ? 7.321   -4.287  -10.814 1.00 13.85 ? 100 PHE A CE2 1 
ATOM   816  C  CZ  . PHE A 1 112 ? 6.458   -3.188  -11.042 1.00 15.07 ? 100 PHE A CZ  1 
ATOM   817  N  N   . LEU A 1 113 ? 3.929   -4.562  -6.099  1.00 10.85 ? 101 LEU A N   1 
ATOM   818  C  CA  . LEU A 1 113 ? 2.669   -3.849  -6.216  1.00 11.21 ? 101 LEU A CA  1 
ATOM   819  C  C   . LEU A 1 113 ? 2.909   -2.468  -5.586  1.00 11.74 ? 101 LEU A C   1 
ATOM   820  O  O   . LEU A 1 113 ? 3.360   -2.360  -4.428  1.00 11.67 ? 101 LEU A O   1 
ATOM   821  C  CB  . LEU A 1 113 ? 1.569   -4.623  -5.469  1.00 12.81 ? 101 LEU A CB  1 
ATOM   822  C  CG  . LEU A 1 113 ? 0.137   -4.096  -5.667  1.00 14.56 ? 101 LEU A CG  1 
ATOM   823  C  CD1 . LEU A 1 113 ? -0.829  -5.211  -5.335  1.00 14.09 ? 101 LEU A CD1 1 
ATOM   824  C  CD2 . LEU A 1 113 ? -0.093  -2.889  -4.741  1.00 14.79 ? 101 LEU A CD2 1 
ATOM   825  N  N   . MET A 1 114 ? 2.683   -1.417  -6.382  1.00 11.39 ? 102 MET A N   1 
ATOM   826  C  CA  . MET A 1 114 ? 2.856   -0.043  -5.909  1.00 10.84 ? 102 MET A CA  1 
ATOM   827  C  C   . MET A 1 114 ? 1.475   0.571   -5.805  1.00 12.23 ? 102 MET A C   1 
ATOM   828  O  O   . MET A 1 114 ? 0.735   0.624   -6.798  1.00 13.60 ? 102 MET A O   1 
ATOM   829  C  CB  . MET A 1 114 ? 3.702   0.752   -6.904  1.00 12.39 ? 102 MET A CB  1 
ATOM   830  C  CG  . MET A 1 114 ? 5.085   0.156   -7.118  1.00 12.63 ? 102 MET A CG  1 
ATOM   831  S  SD  . MET A 1 114 ? 6.123   1.270   -8.109  1.00 14.44 ? 102 MET A SD  1 
ATOM   832  C  CE  . MET A 1 114 ? 7.573   0.221   -8.370  1.00 15.78 ? 102 MET A CE  1 
ATOM   833  N  N   . ALA A 1 115 ? 1.130   1.043   -4.608  1.00 10.29 ? 103 ALA A N   1 
ATOM   834  C  CA  . ALA A 1 115 ? -0.182  1.646   -4.395  1.00 11.44 ? 103 ALA A CA  1 
ATOM   835  C  C   . ALA A 1 115 ? -0.073  3.114   -4.048  1.00 11.73 ? 103 ALA A C   1 
ATOM   836  O  O   . ALA A 1 115 ? 0.942   3.548   -3.495  1.00 12.56 ? 103 ALA A O   1 
ATOM   837  C  CB  . ALA A 1 115 ? -0.919  0.925   -3.253  1.00 11.65 ? 103 ALA A CB  1 
ATOM   838  N  N   . HIS A 1 116 ? -1.126  3.864   -4.393  1.00 11.05 ? 104 HIS A N   1 
ATOM   839  C  CA  . HIS A 1 116 ? -1.182  5.293   -4.070  1.00 11.42 ? 104 HIS A CA  1 
ATOM   840  C  C   . HIS A 1 116 ? -2.515  5.517   -3.353  1.00 10.67 ? 104 HIS A C   1 
ATOM   841  O  O   . HIS A 1 116 ? -3.575  5.175   -3.878  1.00 13.53 ? 104 HIS A O   1 
ATOM   842  C  CB  . HIS A 1 116 ? -1.111  6.169   -5.318  1.00 11.36 ? 104 HIS A CB  1 
ATOM   843  C  CG  . HIS A 1 116 ? -1.282  7.625   -5.008  1.00 13.85 ? 104 HIS A CG  1 
ATOM   844  N  ND1 . HIS A 1 116 ? -2.499  8.267   -5.122  1.00 17.19 ? 104 HIS A ND1 1 
ATOM   845  C  CD2 . HIS A 1 116 ? -0.400  8.559   -4.575  1.00 14.30 ? 104 HIS A CD2 1 
ATOM   846  C  CE1 . HIS A 1 116 ? -2.352  9.541   -4.775  1.00 15.47 ? 104 HIS A CE1 1 
ATOM   847  N  NE2 . HIS A 1 116 ? -1.088  9.743   -4.446  1.00 13.80 ? 104 HIS A NE2 1 
ATOM   848  N  N   . LEU A 1 117 ? -2.435  6.086   -2.165  1.00 11.18 ? 105 LEU A N   1 
ATOM   849  C  CA  . LEU A 1 117 ? -3.613  6.293   -1.352  1.00 10.65 ? 105 LEU A CA  1 
ATOM   850  C  C   . LEU A 1 117 ? -3.755  7.726   -0.895  1.00 10.64 ? 105 LEU A C   1 
ATOM   851  O  O   . LEU A 1 117 ? -2.765  8.422   -0.633  1.00 12.01 ? 105 LEU A O   1 
ATOM   852  C  CB  . LEU A 1 117 ? -3.525  5.388   -0.113  1.00 11.87 ? 105 LEU A CB  1 
ATOM   853  C  CG  . LEU A 1 117 ? -4.619  5.471   0.955   1.00 12.72 ? 105 LEU A CG  1 
ATOM   854  C  CD1 . LEU A 1 117 ? -4.719  4.111   1.659   1.00 14.23 ? 105 LEU A CD1 1 
ATOM   855  C  CD2 . LEU A 1 117 ? -4.282  6.542   1.982   1.00 14.05 ? 105 LEU A CD2 1 
ATOM   856  N  N   . ILE A 1 118 ? -5.009  8.160   -0.834  1.00 10.00 ? 106 ILE A N   1 
ATOM   857  C  CA  . ILE A 1 118 ? -5.340  9.490   -0.289  1.00 10.94 ? 106 ILE A CA  1 
ATOM   858  C  C   . ILE A 1 118 ? -6.189  9.289   0.960   1.00 11.20 ? 106 ILE A C   1 
ATOM   859  O  O   . ILE A 1 118 ? -7.222  8.607   0.920   1.00 11.33 ? 106 ILE A O   1 
ATOM   860  C  CB  . ILE A 1 118 ? -6.174  10.318  -1.266  1.00 11.85 ? 106 ILE A CB  1 
ATOM   861  C  CG1 . ILE A 1 118 ? -5.358  10.572  -2.534  1.00 12.67 ? 106 ILE A CG1 1 
ATOM   862  C  CG2 . ILE A 1 118 ? -6.663  11.635  -0.604  1.00 12.27 ? 106 ILE A CG2 1 
ATOM   863  C  CD1 . ILE A 1 118 ? -4.111  11.443  -2.303  1.00 12.70 ? 106 ILE A CD1 1 
ATOM   864  N  N   . ASN A 1 119 ? -5.738  9.862   2.076   1.00 11.18 ? 107 ASN A N   1 
ATOM   865  C  CA  . ASN A 1 119 ? -6.524  9.782   3.313   1.00 12.01 ? 107 ASN A CA  1 
ATOM   866  C  C   . ASN A 1 119 ? -7.152  11.128  3.565   1.00 12.44 ? 107 ASN A C   1 
ATOM   867  O  O   . ASN A 1 119 ? -6.546  12.152  3.261   1.00 11.82 ? 107 ASN A O   1 
ATOM   868  C  CB  . ASN A 1 119 ? -5.622  9.431   4.503   1.00 11.81 ? 107 ASN A CB  1 
ATOM   869  C  CG  . ASN A 1 119 ? -6.347  9.542   5.836   1.00 14.28 ? 107 ASN A CG  1 
ATOM   870  O  OD1 . ASN A 1 119 ? -6.283  10.581  6.496   1.00 14.58 ? 107 ASN A OD1 1 
ATOM   871  N  ND2 . ASN A 1 119 ? -7.044  8.476   6.224   1.00 13.58 ? 107 ASN A ND2 1 
ATOM   872  N  N   . GLU A 1 120 ? -8.361  11.125  4.119   1.00 11.72 ? 108 GLU A N   1 
ATOM   873  C  CA  . GLU A 1 120 ? -9.005  12.378  4.490   1.00 12.08 ? 108 GLU A CA  1 
ATOM   874  C  C   . GLU A 1 120 ? -9.548  12.196  5.899   1.00 11.43 ? 108 GLU A C   1 
ATOM   875  O  O   . GLU A 1 120 ? -10.362 11.314  6.146   1.00 13.14 ? 108 GLU A O   1 
ATOM   876  C  CB  . GLU A 1 120 ? -10.136 12.733  3.532   1.00 11.35 ? 108 GLU A CB  1 
ATOM   877  C  CG  . GLU A 1 120 ? -9.543  13.097  2.178   1.00 13.34 ? 108 GLU A CG  1 
ATOM   878  C  CD  . GLU A 1 120 ? -10.529 13.216  1.047   1.00 16.18 ? 108 GLU A CD  1 
ATOM   879  O  OE1 . GLU A 1 120 ? -11.719 12.960  1.206   1.00 15.32 ? 108 GLU A OE1 1 
ATOM   880  O  OE2 . GLU A 1 120 ? -10.063 13.570  -0.061  1.00 17.66 ? 108 GLU A OE2 1 
ATOM   881  N  N   . LYS A 1 121 ? -9.099  13.055  6.802   1.00 12.93 ? 109 LYS A N   1 
ATOM   882  C  CA  . LYS A 1 121 ? -9.527  12.986  8.193   1.00 15.75 ? 109 LYS A CA  1 
ATOM   883  C  C   . LYS A 1 121 ? -9.641  14.400  8.747   1.00 14.99 ? 109 LYS A C   1 
ATOM   884  O  O   . LYS A 1 121 ? -8.777  15.242  8.517   1.00 15.19 ? 109 LYS A O   1 
ATOM   885  C  CB  . LYS A 1 121 ? -8.497  12.192  9.029   1.00 17.71 ? 109 LYS A CB  1 
ATOM   886  C  CG  . LYS A 1 121 ? -8.916  11.981  10.484  1.00 24.53 ? 109 LYS A CG  1 
ATOM   887  C  CD  . LYS A 1 121 ? -7.842  11.265  11.291  1.00 28.72 ? 109 LYS A CD  1 
ATOM   888  C  CE  . LYS A 1 121 ? -8.105  11.360  12.781  1.00 35.99 ? 109 LYS A CE  1 
ATOM   889  N  NZ  . LYS A 1 121 ? -7.029  10.691  13.567  1.00 38.54 ? 109 LYS A NZ  1 
ATOM   890  N  N   . ASP A 1 122 ? -10.727 14.656  9.454   1.00 15.33 ? 110 ASP A N   1 
ATOM   891  C  CA  . ASP A 1 122 ? -10.936 15.953  10.088  1.00 16.17 ? 110 ASP A CA  1 
ATOM   892  C  C   . ASP A 1 122 ? -10.731 17.152  9.163   1.00 15.48 ? 110 ASP A C   1 
ATOM   893  O  O   . ASP A 1 122 ? -10.176 18.184  9.566   1.00 14.73 ? 110 ASP A O   1 
ATOM   894  C  CB  . ASP A 1 122 ? -10.004 16.075  11.308  1.00 18.64 ? 110 ASP A CB  1 
ATOM   895  C  CG  . ASP A 1 122 ? -10.302 15.032  12.377  1.00 19.14 ? 110 ASP A CG  1 
ATOM   896  O  OD1 . ASP A 1 122 ? -9.332  14.569  13.012  1.00 21.57 ? 110 ASP A OD1 1 
ATOM   897  O  OD2 . ASP A 1 122 ? -11.482 14.678  12.580  1.00 20.02 ? 110 ASP A OD2 1 
ATOM   898  N  N   . GLY A 1 123 ? -11.168 16.998  7.917   1.00 13.90 ? 111 GLY A N   1 
ATOM   899  C  CA  . GLY A 1 123 ? -11.051 18.073  6.948   1.00 15.13 ? 111 GLY A CA  1 
ATOM   900  C  C   . GLY A 1 123 ? -9.689  18.251  6.294   1.00 13.25 ? 111 GLY A C   1 
ATOM   901  O  O   . GLY A 1 123 ? -9.552  19.149  5.468   1.00 15.21 ? 111 GLY A O   1 
ATOM   902  N  N   . GLU A 1 124 ? -8.720  17.401  6.650   1.00 13.94 ? 112 GLU A N   1 
ATOM   903  C  CA  . GLU A 1 124 ? -7.370  17.469  6.087   1.00 14.70 ? 112 GLU A CA  1 
ATOM   904  C  C   . GLU A 1 124 ? -7.148  16.310  5.128   1.00 13.74 ? 112 GLU A C   1 
ATOM   905  O  O   . GLU A 1 124 ? -8.060  15.522  4.848   1.00 14.18 ? 112 GLU A O   1 
ATOM   906  C  CB  . GLU A 1 124 ? -6.321  17.376  7.204   1.00 18.62 ? 112 GLU A CB  1 
ATOM   907  C  CG  . GLU A 1 124 ? -6.572  18.356  8.341   1.00 27.29 ? 112 GLU A CG  1 
ATOM   908  C  CD  . GLU A 1 124 ? -5.319  18.637  9.134   1.00 34.56 ? 112 GLU A CD  1 
ATOM   909  O  OE1 . GLU A 1 124 ? -4.638  17.663  9.532   1.00 36.28 ? 112 GLU A OE1 1 
ATOM   910  O  OE2 . GLU A 1 124 ? -5.021  19.842  9.358   1.00 40.05 ? 112 GLU A OE2 1 
ATOM   911  N  N   . THR A 1 125 ? -5.930  16.203  4.621   1.00 13.10 ? 113 THR A N   1 
ATOM   912  C  CA  . THR A 1 125 ? -5.631  15.094  3.723   1.00 12.22 ? 113 THR A CA  1 
ATOM   913  C  C   . THR A 1 125 ? -4.139  14.845  3.728   1.00 12.36 ? 113 THR A C   1 
ATOM   914  O  O   . THR A 1 125 ? -3.365  15.685  4.186   1.00 12.78 ? 113 THR A O   1 
ATOM   915  C  CB  . THR A 1 125 ? -6.047  15.469  2.265   1.00 13.29 ? 113 THR A CB  1 
ATOM   916  O  OG1 . THR A 1 125 ? -6.017  14.309  1.429   1.00 13.85 ? 113 THR A OG1 1 
ATOM   917  C  CG2 . THR A 1 125 ? -5.087  16.508  1.665   1.00 13.88 ? 113 THR A CG2 1 
ATOM   918  N  N   . PHE A 1 126 ? -3.745  13.654  3.275   1.00 11.28 ? 114 PHE A N   1 
ATOM   919  C  CA  . PHE A 1 126 ? -2.327  13.347  3.037   1.00 12.06 ? 114 PHE A CA  1 
ATOM   920  C  C   . PHE A 1 126 ? -2.273  12.190  2.040   1.00 12.19 ? 114 PHE A C   1 
ATOM   921  O  O   . PHE A 1 126 ? -3.279  11.501  1.805   1.00 11.26 ? 114 PHE A O   1 
ATOM   922  C  CB  . PHE A 1 126 ? -1.538  13.008  4.326   1.00 12.92 ? 114 PHE A CB  1 
ATOM   923  C  CG  . PHE A 1 126 ? -1.880  11.696  4.957   1.00 15.45 ? 114 PHE A CG  1 
ATOM   924  C  CD1 . PHE A 1 126 ? -1.295  10.519  4.518   1.00 16.84 ? 114 PHE A CD1 1 
ATOM   925  C  CD2 . PHE A 1 126 ? -2.783  11.628  6.015   1.00 15.14 ? 114 PHE A CD2 1 
ATOM   926  C  CE1 . PHE A 1 126 ? -1.610  9.280   5.128   1.00 18.98 ? 114 PHE A CE1 1 
ATOM   927  C  CE2 . PHE A 1 126 ? -3.090  10.415  6.613   1.00 16.98 ? 114 PHE A CE2 1 
ATOM   928  C  CZ  . PHE A 1 126 ? -2.503  9.244   6.169   1.00 16.90 ? 114 PHE A CZ  1 
ATOM   929  N  N   . GLN A 1 127 ? -1.122  12.048  1.396   1.00 11.53 ? 115 GLN A N   1 
ATOM   930  C  CA  . GLN A 1 127 ? -0.878  10.963  0.453   1.00 12.18 ? 115 GLN A CA  1 
ATOM   931  C  C   . GLN A 1 127 ? -0.019  9.892   1.109   1.00 12.19 ? 115 GLN A C   1 
ATOM   932  O  O   . GLN A 1 127 ? 0.919   10.199  1.849   1.00 12.89 ? 115 GLN A O   1 
ATOM   933  C  CB  . GLN A 1 127 ? -0.047  11.443  -0.718  1.00 12.13 ? 115 GLN A CB  1 
ATOM   934  C  CG  . GLN A 1 127 ? -0.635  12.556  -1.542  1.00 11.19 ? 115 GLN A CG  1 
ATOM   935  C  CD  . GLN A 1 127 ? 0.295   12.874  -2.680  1.00 13.44 ? 115 GLN A CD  1 
ATOM   936  O  OE1 . GLN A 1 127 ? 1.258   13.671  -2.531  1.00 16.34 ? 115 GLN A OE1 1 
ATOM   937  N  NE2 . GLN A 1 127 ? 0.068   12.244  -3.804  1.00 9.90  ? 115 GLN A NE2 1 
ATOM   938  N  N   . LEU A 1 128 ? -0.323  8.637   0.808   1.00 11.00 ? 116 LEU A N   1 
ATOM   939  C  CA  . LEU A 1 128 ? 0.500   7.530   1.272   1.00 12.83 ? 116 LEU A CA  1 
ATOM   940  C  C   . LEU A 1 128 ? 0.798   6.673   0.036   1.00 13.07 ? 116 LEU A C   1 
ATOM   941  O  O   . LEU A 1 128 ? -0.082  6.484   -0.835  1.00 15.13 ? 116 LEU A O   1 
ATOM   942  C  CB  . LEU A 1 128 ? -0.245  6.686   2.299   1.00 15.69 ? 116 LEU A CB  1 
ATOM   943  C  CG  . LEU A 1 128 ? 0.561   5.458   2.708   1.00 19.14 ? 116 LEU A CG  1 
ATOM   944  C  CD1 . LEU A 1 128 ? 0.813   5.451   4.196   1.00 22.51 ? 116 LEU A CD1 1 
ATOM   945  C  CD2 . LEU A 1 128 ? -0.181  4.223   2.272   1.00 23.44 ? 116 LEU A CD2 1 
ATOM   946  N  N   . MET A 1 129 ? 2.039   6.221   -0.091  1.00 12.15 ? 117 MET A N   1 
ATOM   947  C  CA  . MET A 1 129 ? 2.389   5.321   -1.187  1.00 13.00 ? 117 MET A CA  1 
ATOM   948  C  C   . MET A 1 129 ? 3.004   4.092   -0.559  1.00 12.45 ? 117 MET A C   1 
ATOM   949  O  O   . MET A 1 129 ? 3.703   4.181   0.437   1.00 12.77 ? 117 MET A O   1 
ATOM   950  C  CB  . MET A 1 129 ? 3.343   5.994   -2.181  1.00 15.21 ? 117 MET A CB  1 
ATOM   951  C  CG  . MET A 1 129 ? 2.662   7.250   -2.718  1.00 20.08 ? 117 MET A CG  1 
ATOM   952  S  SD  . MET A 1 129 ? 3.373   7.745   -4.275  1.00 21.61 ? 117 MET A SD  1 
ATOM   953  C  CE  . MET A 1 129 ? 2.730   6.319   -5.119  1.00 23.37 ? 117 MET A CE  1 
ATOM   954  N  N   . GLY A 1 130 ? 2.680   2.931   -1.114  1.00 11.36 ? 118 GLY A N   1 
ATOM   955  C  CA  . GLY A 1 130 ? 3.223   1.712   -0.557  1.00 11.47 ? 118 GLY A CA  1 
ATOM   956  C  C   . GLY A 1 130 ? 3.810   0.810   -1.629  1.00 10.73 ? 118 GLY A C   1 
ATOM   957  O  O   . GLY A 1 130 ? 3.299   0.735   -2.749  1.00 11.68 ? 118 GLY A O   1 
ATOM   958  N  N   . LEU A 1 131 ? 4.922   0.167   -1.274  1.00 10.46 ? 119 LEU A N   1 
ATOM   959  C  CA  . LEU A 1 131 ? 5.578   -0.808  -2.149  1.00 10.75 ? 119 LEU A CA  1 
ATOM   960  C  C   . LEU A 1 131 ? 5.454   -2.146  -1.435  1.00 11.76 ? 119 LEU A C   1 
ATOM   961  O  O   . LEU A 1 131 ? 5.946   -2.326  -0.315  1.00 11.08 ? 119 LEU A O   1 
ATOM   962  C  CB  . LEU A 1 131 ? 7.056   -0.459  -2.354  1.00 11.55 ? 119 LEU A CB  1 
ATOM   963  C  CG  . LEU A 1 131 ? 7.797   -1.530  -3.193  1.00 11.05 ? 119 LEU A CG  1 
ATOM   964  C  CD1 . LEU A 1 131 ? 7.254   -1.542  -4.625  1.00 12.07 ? 119 LEU A CD1 1 
ATOM   965  C  CD2 . LEU A 1 131 ? 9.298   -1.233  -3.162  1.00 11.88 ? 119 LEU A CD2 1 
ATOM   966  N  N   . TYR A 1 132 ? 4.767   -3.070  -2.085  1.00 10.41 ? 120 TYR A N   1 
ATOM   967  C  CA  . TYR A 1 132 ? 4.517   -4.390  -1.530  1.00 10.64 ? 120 TYR A CA  1 
ATOM   968  C  C   . TYR A 1 132 ? 5.199   -5.438  -2.409  1.00 12.11 ? 120 TYR A C   1 
ATOM   969  O  O   . TYR A 1 132 ? 5.312   -5.277  -3.628  1.00 11.63 ? 120 TYR A O   1 
ATOM   970  C  CB  . TYR A 1 132 ? 2.993   -4.608  -1.480  1.00 11.07 ? 120 TYR A CB  1 
ATOM   971  C  CG  . TYR A 1 132 ? 2.307   -3.544  -0.661  1.00 11.07 ? 120 TYR A CG  1 
ATOM   972  C  CD1 . TYR A 1 132 ? 2.260   -3.629  0.725   1.00 11.83 ? 120 TYR A CD1 1 
ATOM   973  C  CD2 . TYR A 1 132 ? 1.767   -2.426  -1.278  1.00 11.63 ? 120 TYR A CD2 1 
ATOM   974  C  CE1 . TYR A 1 132 ? 1.687   -2.628  1.485   1.00 12.67 ? 120 TYR A CE1 1 
ATOM   975  C  CE2 . TYR A 1 132 ? 1.199   -1.404  -0.540  1.00 13.00 ? 120 TYR A CE2 1 
ATOM   976  C  CZ  . TYR A 1 132 ? 1.162   -1.512  0.842   1.00 13.11 ? 120 TYR A CZ  1 
ATOM   977  O  OH  . TYR A 1 132 ? 0.610   -0.462  1.578   1.00 14.64 ? 120 TYR A OH  1 
ATOM   978  N  N   . GLY A 1 133 ? 5.688   -6.495  -1.764  1.00 12.37 ? 121 GLY A N   1 
ATOM   979  C  CA  . GLY A 1 133 ? 6.375   -7.547  -2.493  1.00 12.65 ? 121 GLY A CA  1 
ATOM   980  C  C   . GLY A 1 133 ? 5.779   -8.914  -2.214  1.00 12.36 ? 121 GLY A C   1 
ATOM   981  O  O   . GLY A 1 133 ? 5.189   -9.151  -1.157  1.00 12.53 ? 121 GLY A O   1 
ATOM   982  N  N   . ARG A 1 134 ? 5.919   -9.810  -3.182  1.00 11.34 ? 122 ARG A N   1 
ATOM   983  C  CA  . ARG A 1 134 ? 5.434   -11.178 -3.001  1.00 12.06 ? 122 ARG A CA  1 
ATOM   984  C  C   . ARG A 1 134 ? 6.297   -11.872 -1.948  1.00 13.67 ? 122 ARG A C   1 
ATOM   985  O  O   . ARG A 1 134 ? 5.798   -12.744 -1.192  1.00 12.95 ? 122 ARG A O   1 
ATOM   986  C  CB  . ARG A 1 134 ? 5.474   -11.938 -4.321  1.00 14.11 ? 122 ARG A CB  1 
ATOM   987  C  CG  . ARG A 1 134 ? 4.365   -11.491 -5.304  1.00 11.83 ? 122 ARG A CG  1 
ATOM   988  C  CD  . ARG A 1 134 ? 2.938   -11.690 -4.713  1.00 11.66 ? 122 ARG A CD  1 
ATOM   989  N  NE  . ARG A 1 134 ? 1.951   -11.669 -5.779  1.00 12.34 ? 122 ARG A NE  1 
ATOM   990  C  CZ  . ARG A 1 134 ? 0.678   -11.997 -5.602  1.00 13.04 ? 122 ARG A CZ  1 
ATOM   991  N  NH1 . ARG A 1 134 ? 0.235   -12.374 -4.386  1.00 12.92 ? 122 ARG A NH1 1 
ATOM   992  N  NH2 . ARG A 1 134 ? -0.169  -11.917 -6.620  1.00 13.45 ? 122 ARG A NH2 1 
ATOM   993  N  N   . GLU A 1 135 ? 7.590   -11.505 -1.893  1.00 12.71 ? 123 GLU A N   1 
ATOM   994  C  CA  . GLU A 1 135 ? 8.477   -12.018 -0.845  1.00 11.50 ? 123 GLU A CA  1 
ATOM   995  C  C   . GLU A 1 135 ? 8.661   -10.900 0.171   1.00 13.12 ? 123 GLU A C   1 
ATOM   996  O  O   . GLU A 1 135 ? 8.221   -9.763  -0.060  1.00 11.71 ? 123 GLU A O   1 
ATOM   997  C  CB  . GLU A 1 135 ? 9.847   -12.406 -1.389  1.00 12.00 ? 123 GLU A CB  1 
ATOM   998  C  CG  . GLU A 1 135 ? 9.775   -13.477 -2.474  1.00 14.63 ? 123 GLU A CG  1 
ATOM   999  C  CD  . GLU A 1 135 ? 11.157  -13.999 -2.841  1.00 16.43 ? 123 GLU A CD  1 
ATOM   1000 O  OE1 . GLU A 1 135 ? 12.181  -13.346 -2.510  1.00 12.84 ? 123 GLU A OE1 1 
ATOM   1001 O  OE2 . GLU A 1 135 ? 11.231  -15.082 -3.469  1.00 19.43 ? 123 GLU A OE2 1 
ATOM   1002 N  N   . PRO A 1 136 ? 9.351   -11.176 1.287   1.00 13.25 ? 124 PRO A N   1 
ATOM   1003 C  CA  . PRO A 1 136 ? 9.548   -10.121 2.292   1.00 13.20 ? 124 PRO A CA  1 
ATOM   1004 C  C   . PRO A 1 136 ? 10.512  -8.975  1.944   1.00 13.64 ? 124 PRO A C   1 
ATOM   1005 O  O   . PRO A 1 136 ? 10.756  -8.102  2.794   1.00 15.74 ? 124 PRO A O   1 
ATOM   1006 C  CB  . PRO A 1 136 ? 10.029  -10.884 3.540   1.00 13.41 ? 124 PRO A CB  1 
ATOM   1007 C  CG  . PRO A 1 136 ? 9.518   -12.311 3.313   1.00 13.46 ? 124 PRO A CG  1 
ATOM   1008 C  CD  . PRO A 1 136 ? 9.749   -12.497 1.816   1.00 12.20 ? 124 PRO A CD  1 
ATOM   1009 N  N   . ASP A 1 137 ? 11.086  -8.990  0.746   1.00 13.54 ? 125 ASP A N   1 
ATOM   1010 C  CA  . ASP A 1 137 ? 11.951  -7.894  0.287   1.00 14.26 ? 125 ASP A CA  1 
ATOM   1011 C  C   . ASP A 1 137 ? 11.844  -7.855  -1.248  1.00 13.72 ? 125 ASP A C   1 
ATOM   1012 O  O   . ASP A 1 137 ? 11.242  -8.733  -1.866  1.00 13.19 ? 125 ASP A O   1 
ATOM   1013 C  CB  . ASP A 1 137 ? 13.413  -8.113  0.720   1.00 14.94 ? 125 ASP A CB  1 
ATOM   1014 C  CG  . ASP A 1 137 ? 14.197  -6.811  0.789   1.00 18.17 ? 125 ASP A CG  1 
ATOM   1015 O  OD1 . ASP A 1 137 ? 13.637  -5.731  0.477   1.00 15.81 ? 125 ASP A OD1 1 
ATOM   1016 O  OD2 . ASP A 1 137 ? 15.380  -6.866  1.170   1.00 18.51 ? 125 ASP A OD2 1 
ATOM   1017 N  N   . LEU A 1 138 ? 12.405  -6.807  -1.841  1.00 13.42 ? 126 LEU A N   1 
ATOM   1018 C  CA  . LEU A 1 138 ? 12.411  -6.603  -3.294  1.00 11.82 ? 126 LEU A CA  1 
ATOM   1019 C  C   . LEU A 1 138 ? 13.804  -6.184  -3.692  1.00 12.35 ? 126 LEU A C   1 
ATOM   1020 O  O   . LEU A 1 138 ? 14.609  -5.790  -2.849  1.00 14.55 ? 126 LEU A O   1 
ATOM   1021 C  CB  . LEU A 1 138 ? 11.413  -5.482  -3.684  1.00 11.05 ? 126 LEU A CB  1 
ATOM   1022 C  CG  . LEU A 1 138 ? 9.954   -5.990  -3.711  1.00 10.93 ? 126 LEU A CG  1 
ATOM   1023 C  CD1 . LEU A 1 138 ? 8.960   -4.813  -3.806  1.00 11.88 ? 126 LEU A CD1 1 
ATOM   1024 C  CD2 . LEU A 1 138 ? 9.760   -6.881  -4.915  1.00 13.66 ? 126 LEU A CD2 1 
ATOM   1025 N  N   . SER A 1 139 ? 14.091  -6.256  -4.988  1.00 13.85 ? 127 SER A N   1 
ATOM   1026 C  CA  . SER A 1 139 ? 15.405  -5.837  -5.475  1.00 14.89 ? 127 SER A CA  1 
ATOM   1027 C  C   . SER A 1 139 ? 15.596  -4.319  -5.326  1.00 16.57 ? 127 SER A C   1 
ATOM   1028 O  O   . SER A 1 139 ? 14.636  -3.546  -5.248  1.00 15.35 ? 127 SER A O   1 
ATOM   1029 C  CB  . SER A 1 139 ? 15.549  -6.189  -6.937  1.00 16.22 ? 127 SER A CB  1 
ATOM   1030 O  OG  . SER A 1 139 ? 14.668  -5.419  -7.765  1.00 17.32 ? 127 SER A OG  1 
ATOM   1031 N  N   . SER A 1 140 ? 16.853  -3.899  -5.323  1.00 18.27 ? 128 SER A N   1 
ATOM   1032 C  CA  . SER A 1 140 ? 17.124  -2.478  -5.183  1.00 18.76 ? 128 SER A CA  1 
ATOM   1033 C  C   . SER A 1 140 ? 16.609  -1.733  -6.417  1.00 19.96 ? 128 SER A C   1 
ATOM   1034 O  O   . SER A 1 140 ? 16.199  -0.581  -6.287  1.00 19.15 ? 128 SER A O   1 
ATOM   1035 C  CB  . SER A 1 140 ? 18.622  -2.248  -4.956  1.00 21.25 ? 128 SER A CB  1 
ATOM   1036 O  OG  . SER A 1 140 ? 19.304  -2.761  -6.051  1.00 25.20 ? 128 SER A OG  1 
ATOM   1037 N  N   . ASP A 1 141 ? 16.617  -2.361  -7.598  1.00 18.31 ? 129 ASP A N   1 
ATOM   1038 C  CA  . ASP A 1 141 ? 16.081  -1.717  -8.806  1.00 20.89 ? 129 ASP A CA  1 
ATOM   1039 C  C   . ASP A 1 141 ? 14.572  -1.428  -8.676  1.00 19.08 ? 129 ASP A C   1 
ATOM   1040 O  O   . ASP A 1 141 ? 14.094  -0.357  -9.081  1.00 17.48 ? 129 ASP A O   1 
ATOM   1041 C  CB  . ASP A 1 141 ? 16.358  -2.559  -10.052 1.00 28.28 ? 129 ASP A CB  1 
ATOM   1042 C  CG  . ASP A 1 141 ? 17.831  -2.511  -10.469 1.00 36.44 ? 129 ASP A CG  1 
ATOM   1043 O  OD1 . ASP A 1 141 ? 18.582  -1.648  -9.944  1.00 40.35 ? 129 ASP A OD1 1 
ATOM   1044 O  OD2 . ASP A 1 141 ? 18.230  -3.331  -11.321 1.00 42.03 ? 129 ASP A OD2 1 
ATOM   1045 N  N   . ILE A 1 142 ? 13.813  -2.368  -8.112  1.00 16.43 ? 130 ILE A N   1 
ATOM   1046 C  CA  . ILE A 1 142 ? 12.387  -2.101  -7.927  1.00 15.19 ? 130 ILE A CA  1 
ATOM   1047 C  C   . ILE A 1 142 ? 12.200  -1.021  -6.870  1.00 14.43 ? 130 ILE A C   1 
ATOM   1048 O  O   . ILE A 1 142 ? 11.307  -0.170  -6.999  1.00 14.38 ? 130 ILE A O   1 
ATOM   1049 C  CB  . ILE A 1 142 ? 11.610  -3.380  -7.523  1.00 15.63 ? 130 ILE A CB  1 
ATOM   1050 C  CG1 . ILE A 1 142 ? 11.620  -4.350  -8.707  1.00 18.76 ? 130 ILE A CG1 1 
ATOM   1051 C  CG2 . ILE A 1 142 ? 10.164  -3.022  -7.156  1.00 16.87 ? 130 ILE A CG2 1 
ATOM   1052 C  CD1 . ILE A 1 142 ? 11.030  -3.782  -9.932  1.00 20.05 ? 130 ILE A CD1 1 
ATOM   1053 N  N   . LYS A 1 143 ? 13.026  -1.035  -5.832  1.00 13.20 ? 131 LYS A N   1 
ATOM   1054 C  CA  . LYS A 1 143 ? 12.917  -0.004  -4.801  1.00 12.96 ? 131 LYS A CA  1 
ATOM   1055 C  C   . LYS A 1 143 ? 13.211  1.363   -5.436  1.00 13.43 ? 131 LYS A C   1 
ATOM   1056 O  O   . LYS A 1 143 ? 12.552  2.354   -5.101  1.00 14.35 ? 131 LYS A O   1 
ATOM   1057 C  CB  . LYS A 1 143 ? 13.866  -0.292  -3.641  1.00 12.73 ? 131 LYS A CB  1 
ATOM   1058 C  CG  . LYS A 1 143 ? 13.487  -1.550  -2.874  1.00 13.41 ? 131 LYS A CG  1 
ATOM   1059 C  CD  . LYS A 1 143 ? 14.364  -1.687  -1.626  1.00 14.60 ? 131 LYS A CD  1 
ATOM   1060 C  CE  . LYS A 1 143 ? 13.997  -2.950  -0.876  1.00 14.31 ? 131 LYS A CE  1 
ATOM   1061 N  NZ  . LYS A 1 143 ? 14.841  -3.168  0.354   1.00 14.94 ? 131 LYS A NZ  1 
ATOM   1062 N  N   . GLU A 1 144 ? 14.166  1.409   -6.369  1.00 12.08 ? 132 GLU A N   1 
ATOM   1063 C  CA  . GLU A 1 144 ? 14.465  2.689   -7.059  1.00 13.43 ? 132 GLU A CA  1 
ATOM   1064 C  C   . GLU A 1 144 ? 13.287  3.139   -7.935  1.00 12.96 ? 132 GLU A C   1 
ATOM   1065 O  O   . GLU A 1 144 ? 12.942  4.333   -7.955  1.00 13.61 ? 132 GLU A O   1 
ATOM   1066 C  CB  . GLU A 1 144 ? 15.741  2.555   -7.913  1.00 14.64 ? 132 GLU A CB  1 
ATOM   1067 C  CG  . GLU A 1 144 ? 16.106  3.817   -8.725  1.00 14.61 ? 132 GLU A CG  1 
ATOM   1068 C  CD  . GLU A 1 144 ? 16.384  5.055   -7.859  1.00 13.94 ? 132 GLU A CD  1 
ATOM   1069 O  OE1 . GLU A 1 144 ? 16.499  4.958   -6.618  1.00 14.20 ? 132 GLU A OE1 1 
ATOM   1070 O  OE2 . GLU A 1 144 ? 16.487  6.135   -8.467  1.00 14.99 ? 132 GLU A OE2 1 
ATOM   1071 N  N   . ARG A 1 145 ? 12.635  2.204   -8.621  1.00 12.03 ? 133 ARG A N   1 
ATOM   1072 C  CA  . ARG A 1 145 ? 11.468  2.564   -9.431  1.00 13.61 ? 133 ARG A CA  1 
ATOM   1073 C  C   . ARG A 1 145 ? 10.373  3.135   -8.520  1.00 12.40 ? 133 ARG A C   1 
ATOM   1074 O  O   . ARG A 1 145 ? 9.661   4.057   -8.906  1.00 12.26 ? 133 ARG A O   1 
ATOM   1075 C  CB  . ARG A 1 145 ? 10.936  1.336   -10.179 1.00 12.93 ? 133 ARG A CB  1 
ATOM   1076 C  CG  . ARG A 1 145 ? 11.901  0.830   -11.268 1.00 16.88 ? 133 ARG A CG  1 
ATOM   1077 C  CD  . ARG A 1 145 ? 11.269  -0.372  -12.010 1.00 19.46 ? 133 ARG A CD  1 
ATOM   1078 N  NE  . ARG A 1 145 ? 10.037  0.040   -12.663 1.00 22.80 ? 133 ARG A NE  1 
ATOM   1079 C  CZ  . ARG A 1 145 ? 9.142   -0.784  -13.206 1.00 25.21 ? 133 ARG A CZ  1 
ATOM   1080 N  NH1 . ARG A 1 145 ? 9.330   -2.095  -13.183 1.00 22.89 ? 133 ARG A NH1 1 
ATOM   1081 N  NH2 . ARG A 1 145 ? 8.044   -0.283  -13.776 1.00 25.14 ? 133 ARG A NH2 1 
ATOM   1082 N  N   . PHE A 1 146 ? 10.247  2.590   -7.308  1.00 12.88 ? 134 PHE A N   1 
ATOM   1083 C  CA  . PHE A 1 146 ? 9.267   3.113   -6.375  1.00 11.83 ? 134 PHE A CA  1 
ATOM   1084 C  C   . PHE A 1 146 ? 9.633   4.537   -5.934  1.00 12.59 ? 134 PHE A C   1 
ATOM   1085 O  O   . PHE A 1 146 ? 8.780   5.408   -5.844  1.00 11.63 ? 134 PHE A O   1 
ATOM   1086 C  CB  . PHE A 1 146 ? 9.145   2.173   -5.169  1.00 12.02 ? 134 PHE A CB  1 
ATOM   1087 C  CG  . PHE A 1 146 ? 8.133   2.627   -4.156  1.00 11.93 ? 134 PHE A CG  1 
ATOM   1088 C  CD1 . PHE A 1 146 ? 6.770   2.562   -4.431  1.00 11.88 ? 134 PHE A CD1 1 
ATOM   1089 C  CD2 . PHE A 1 146 ? 8.548   3.089   -2.917  1.00 12.62 ? 134 PHE A CD2 1 
ATOM   1090 C  CE1 . PHE A 1 146 ? 5.827   2.945   -3.474  1.00 11.40 ? 134 PHE A CE1 1 
ATOM   1091 C  CE2 . PHE A 1 146 ? 7.605   3.475   -1.945  1.00 12.70 ? 134 PHE A CE2 1 
ATOM   1092 C  CZ  . PHE A 1 146 ? 6.245   3.399   -2.224  1.00 11.01 ? 134 PHE A CZ  1 
ATOM   1093 N  N   . ALA A 1 147 ? 10.910  4.773   -5.683  1.00 11.88 ? 135 ALA A N   1 
ATOM   1094 C  CA  . ALA A 1 147 ? 11.317  6.113   -5.285  1.00 11.61 ? 135 ALA A CA  1 
ATOM   1095 C  C   . ALA A 1 147 ? 10.981  7.074   -6.398  1.00 12.41 ? 135 ALA A C   1 
ATOM   1096 O  O   . ALA A 1 147 ? 10.602  8.211   -6.122  1.00 11.66 ? 135 ALA A O   1 
ATOM   1097 C  CB  . ALA A 1 147 ? 12.790  6.141   -5.015  1.00 12.64 ? 135 ALA A CB  1 
ATOM   1098 N  N   . GLN A 1 148 ? 11.168  6.649   -7.645  1.00 10.84 ? 136 GLN A N   1 
ATOM   1099 C  CA  . GLN A 1 148 ? 10.814  7.518   -8.756  1.00 12.28 ? 136 GLN A CA  1 
ATOM   1100 C  C   . GLN A 1 148 ? 9.306   7.787   -8.797  1.00 11.97 ? 136 GLN A C   1 
ATOM   1101 O  O   . GLN A 1 148 ? 8.876   8.911   -9.088  1.00 12.42 ? 136 GLN A O   1 
ATOM   1102 C  CB  . GLN A 1 148 ? 11.259  6.931   -10.101 1.00 11.96 ? 136 GLN A CB  1 
ATOM   1103 C  CG  . GLN A 1 148 ? 12.769  6.771   -10.212 1.00 12.65 ? 136 GLN A CG  1 
ATOM   1104 C  CD  . GLN A 1 148 ? 13.541  8.108   -10.188 1.00 11.87 ? 136 GLN A CD  1 
ATOM   1105 O  OE1 . GLN A 1 148 ? 14.663  8.188   -9.632  1.00 17.04 ? 136 GLN A OE1 1 
ATOM   1106 N  NE2 . GLN A 1 148 ? 12.969  9.150   -10.779 1.00 11.86 ? 136 GLN A NE2 1 
ATOM   1107 N  N   . LEU A 1 149 ? 8.481   6.770   -8.546  1.00 12.18 ? 137 LEU A N   1 
ATOM   1108 C  CA  . LEU A 1 149 ? 7.044   6.997   -8.541  1.00 12.45 ? 137 LEU A CA  1 
ATOM   1109 C  C   . LEU A 1 149 ? 6.660   7.971   -7.408  1.00 13.63 ? 137 LEU A C   1 
ATOM   1110 O  O   . LEU A 1 149 ? 5.776   8.840   -7.580  1.00 12.57 ? 137 LEU A O   1 
ATOM   1111 C  CB  . LEU A 1 149 ? 6.319   5.657   -8.379  1.00 13.06 ? 137 LEU A CB  1 
ATOM   1112 C  CG  . LEU A 1 149 ? 4.808   5.738   -8.505  1.00 17.89 ? 137 LEU A CG  1 
ATOM   1113 C  CD1 . LEU A 1 149 ? 4.435   6.043   -9.946  1.00 21.43 ? 137 LEU A CD1 1 
ATOM   1114 C  CD2 . LEU A 1 149 ? 4.214   4.397   -8.022  1.00 19.49 ? 137 LEU A CD2 1 
ATOM   1115 N  N   . CYS A 1 150 ? 7.328   7.843   -6.256  1.00 12.53 ? 138 CYS A N   1 
ATOM   1116 C  CA  . CYS A 1 150 ? 7.056   8.747   -5.135  1.00 11.22 ? 138 CYS A CA  1 
ATOM   1117 C  C   . CYS A 1 150 ? 7.393   10.189  -5.521  1.00 11.78 ? 138 CYS A C   1 
ATOM   1118 O  O   . CYS A 1 150 ? 6.647   11.128  -5.211  1.00 11.16 ? 138 CYS A O   1 
ATOM   1119 C  CB  . CYS A 1 150 ? 7.879   8.340   -3.905  1.00 11.82 ? 138 CYS A CB  1 
ATOM   1120 S  SG  . CYS A 1 150 ? 7.229   6.840   -3.088  1.00 13.98 ? 138 CYS A SG  1 
ATOM   1121 N  N   . GLU A 1 151 ? 8.533   10.359  -6.198  1.00 10.98 ? 139 GLU A N   1 
ATOM   1122 C  CA  . GLU A 1 151 ? 8.965   11.691  -6.650  1.00 10.69 ? 139 GLU A CA  1 
ATOM   1123 C  C   . GLU A 1 151 ? 7.914   12.305  -7.590  1.00 11.64 ? 139 GLU A C   1 
ATOM   1124 O  O   . GLU A 1 151 ? 7.639   13.516  -7.522  1.00 11.44 ? 139 GLU A O   1 
ATOM   1125 C  CB  . GLU A 1 151 ? 10.324  11.558  -7.365  1.00 11.57 ? 139 GLU A CB  1 
ATOM   1126 C  CG  . GLU A 1 151 ? 10.814  12.865  -8.047  1.00 13.05 ? 139 GLU A CG  1 
ATOM   1127 C  CD  . GLU A 1 151 ? 12.210  12.742  -8.659  1.00 12.65 ? 139 GLU A CD  1 
ATOM   1128 O  OE1 . GLU A 1 151 ? 12.701  13.749  -9.208  1.00 13.54 ? 139 GLU A OE1 1 
ATOM   1129 O  OE2 . GLU A 1 151 ? 12.818  11.667  -8.545  1.00 12.25 ? 139 GLU A OE2 1 
ATOM   1130 N  N   . GLU A 1 152 ? 7.318   11.485  -8.453  1.00 11.92 ? 140 GLU A N   1 
ATOM   1131 C  CA  . GLU A 1 152 ? 6.295   11.963  -9.387  1.00 11.84 ? 140 GLU A CA  1 
ATOM   1132 C  C   . GLU A 1 152 ? 5.068   12.455  -8.646  1.00 12.84 ? 140 GLU A C   1 
ATOM   1133 O  O   . GLU A 1 152 ? 4.245   13.154  -9.223  1.00 13.75 ? 140 GLU A O   1 
ATOM   1134 C  CB  . GLU A 1 152 ? 5.885   10.831  -10.352 1.00 13.51 ? 140 GLU A CB  1 
ATOM   1135 C  CG  . GLU A 1 152 ? 6.977   10.536  -11.350 1.00 18.60 ? 140 GLU A CG  1 
ATOM   1136 C  CD  . GLU A 1 152 ? 6.727   9.273   -12.169 1.00 25.71 ? 140 GLU A CD  1 
ATOM   1137 O  OE1 . GLU A 1 152 ? 5.646   8.676   -12.033 1.00 27.22 ? 140 GLU A OE1 1 
ATOM   1138 O  OE2 . GLU A 1 152 ? 7.625   8.890   -12.957 1.00 31.14 ? 140 GLU A OE2 1 
ATOM   1139 N  N   . HIS A 1 153 ? 4.927   12.066  -7.384  1.00 12.72 ? 141 HIS A N   1 
ATOM   1140 C  CA  . HIS A 1 153 ? 3.788   12.497  -6.563  1.00 12.35 ? 141 HIS A CA  1 
ATOM   1141 C  C   . HIS A 1 153 ? 4.158   13.508  -5.499  1.00 12.46 ? 141 HIS A C   1 
ATOM   1142 O  O   . HIS A 1 153 ? 3.393   13.740  -4.555  1.00 12.96 ? 141 HIS A O   1 
ATOM   1143 C  CB  . HIS A 1 153 ? 3.122   11.286  -5.905  1.00 14.14 ? 141 HIS A CB  1 
ATOM   1144 C  CG  . HIS A 1 153 ? 2.390   10.429  -6.882  1.00 16.10 ? 141 HIS A CG  1 
ATOM   1145 N  ND1 . HIS A 1 153 ? 1.060   10.632  -7.185  1.00 19.57 ? 141 HIS A ND1 1 
ATOM   1146 C  CD2 . HIS A 1 153 ? 2.817   9.418   -7.680  1.00 16.54 ? 141 HIS A CD2 1 
ATOM   1147 C  CE1 . HIS A 1 153 ? 0.693   9.769   -8.119  1.00 17.78 ? 141 HIS A CE1 1 
ATOM   1148 N  NE2 . HIS A 1 153 ? 1.734   9.024   -8.434  1.00 19.05 ? 141 HIS A NE2 1 
ATOM   1149 N  N   . GLY A 1 154 ? 5.351   14.087  -5.629  1.00 11.59 ? 142 GLY A N   1 
ATOM   1150 C  CA  . GLY A 1 154 ? 5.787   15.117  -4.700  1.00 12.17 ? 142 GLY A CA  1 
ATOM   1151 C  C   . GLY A 1 154 ? 6.178   14.612  -3.314  1.00 13.13 ? 142 GLY A C   1 
ATOM   1152 O  O   . GLY A 1 154 ? 6.101   15.372  -2.346  1.00 13.99 ? 142 GLY A O   1 
ATOM   1153 N  N   . ILE A 1 155 ? 6.588   13.349  -3.216  1.00 12.98 ? 143 ILE A N   1 
ATOM   1154 C  CA  . ILE A 1 155 ? 7.026   12.800  -1.934  1.00 13.76 ? 143 ILE A CA  1 
ATOM   1155 C  C   . ILE A 1 155 ? 8.533   12.618  -1.993  1.00 14.54 ? 143 ILE A C   1 
ATOM   1156 O  O   . ILE A 1 155 ? 9.061   11.842  -2.789  1.00 14.98 ? 143 ILE A O   1 
ATOM   1157 C  CB  . ILE A 1 155 ? 6.343   11.448  -1.633  1.00 13.25 ? 143 ILE A CB  1 
ATOM   1158 C  CG1 . ILE A 1 155 ? 4.832   11.662  -1.537  1.00 13.95 ? 143 ILE A CG1 1 
ATOM   1159 C  CG2 . ILE A 1 155 ? 6.901   10.890  -0.331  1.00 13.59 ? 143 ILE A CG2 1 
ATOM   1160 C  CD1 . ILE A 1 155 ? 4.030   10.366  -1.450  1.00 15.31 ? 143 ILE A CD1 1 
ATOM   1161 N  N   . LEU A 1 156 ? 9.216   13.380  -1.140  1.00 16.19 ? 144 LEU A N   1 
ATOM   1162 C  CA  . LEU A 1 156 ? 10.664  13.346  -1.024  1.00 16.71 ? 144 LEU A CA  1 
ATOM   1163 C  C   . LEU A 1 156 ? 11.151  11.989  -0.532  1.00 16.00 ? 144 LEU A C   1 
ATOM   1164 O  O   . LEU A 1 156 ? 10.454  11.332  0.237   1.00 15.35 ? 144 LEU A O   1 
ATOM   1165 C  CB  . LEU A 1 156 ? 11.095  14.382  0.010   1.00 17.59 ? 144 LEU A CB  1 
ATOM   1166 C  CG  . LEU A 1 156 ? 10.942  15.863  -0.323  1.00 21.99 ? 144 LEU A CG  1 
ATOM   1167 C  CD1 . LEU A 1 156 ? 11.131  16.674  0.953   1.00 22.70 ? 144 LEU A CD1 1 
ATOM   1168 C  CD2 . LEU A 1 156 ? 11.956  16.249  -1.388  1.00 20.62 ? 144 LEU A CD2 1 
ATOM   1169 N  N   . ARG A 1 157 ? 12.361  11.592  -0.933  1.00 15.79 ? 145 ARG A N   1 
ATOM   1170 C  CA  . ARG A 1 157 ? 12.927  10.336  -0.471  1.00 16.14 ? 145 ARG A CA  1 
ATOM   1171 C  C   . ARG A 1 157 ? 13.096  10.298  1.037   1.00 15.63 ? 145 ARG A C   1 
ATOM   1172 O  O   . ARG A 1 157 ? 13.024  9.232   1.646   1.00 16.95 ? 145 ARG A O   1 
ATOM   1173 C  CB  . ARG A 1 157 ? 14.293  10.067  -1.102  1.00 17.93 ? 145 ARG A CB  1 
ATOM   1174 C  CG  . ARG A 1 157 ? 14.243  9.494   -2.485  1.00 18.37 ? 145 ARG A CG  1 
ATOM   1175 C  CD  . ARG A 1 157 ? 15.598  9.620   -3.134  1.00 17.73 ? 145 ARG A CD  1 
ATOM   1176 N  NE  . ARG A 1 157 ? 15.532  9.398   -4.573  1.00 18.21 ? 145 ARG A NE  1 
ATOM   1177 C  CZ  . ARG A 1 157 ? 15.859  8.251   -5.160  1.00 16.13 ? 145 ARG A CZ  1 
ATOM   1178 N  NH1 . ARG A 1 157 ? 16.273  7.240   -4.431  1.00 17.37 ? 145 ARG A NH1 1 
ATOM   1179 N  NH2 . ARG A 1 157 ? 15.781  8.150   -6.469  1.00 17.04 ? 145 ARG A NH2 1 
ATOM   1180 N  N   . GLU A 1 158 ? 13.301  11.458  1.664   1.00 16.81 ? 146 GLU A N   1 
ATOM   1181 C  CA  . GLU A 1 158 ? 13.454  11.446  3.104   1.00 19.53 ? 146 GLU A CA  1 
ATOM   1182 C  C   . GLU A 1 158 ? 12.141  11.078  3.786   1.00 17.60 ? 146 GLU A C   1 
ATOM   1183 O  O   . GLU A 1 158 ? 12.122  10.841  4.993   1.00 17.69 ? 146 GLU A O   1 
ATOM   1184 C  CB  . GLU A 1 158 ? 13.971  12.799  3.616   1.00 24.61 ? 146 GLU A CB  1 
ATOM   1185 C  CG  . GLU A 1 158 ? 13.043  13.946  3.362   1.00 38.89 ? 146 GLU A CG  1 
ATOM   1186 C  CD  . GLU A 1 158 ? 13.644  15.277  3.783   1.00 47.85 ? 146 GLU A CD  1 
ATOM   1187 O  OE1 . GLU A 1 158 ? 14.824  15.524  3.448   1.00 51.84 ? 146 GLU A OE1 1 
ATOM   1188 O  OE2 . GLU A 1 158 ? 12.935  16.075  4.434   1.00 51.16 ? 146 GLU A OE2 1 
ATOM   1189 N  N   . ASN A 1 159 ? 11.059  10.988  3.003   1.00 15.19 ? 147 ASN A N   1 
ATOM   1190 C  CA  . ASN A 1 159 ? 9.751   10.609  3.540   1.00 14.39 ? 147 ASN A CA  1 
ATOM   1191 C  C   . ASN A 1 159 ? 9.386   9.201   3.069   1.00 13.49 ? 147 ASN A C   1 
ATOM   1192 O  O   . ASN A 1 159 ? 8.213   8.807   3.144   1.00 13.65 ? 147 ASN A O   1 
ATOM   1193 C  CB  . ASN A 1 159 ? 8.662   11.585  3.089   1.00 14.84 ? 147 ASN A CB  1 
ATOM   1194 C  CG  . ASN A 1 159 ? 8.771   12.936  3.774   1.00 19.15 ? 147 ASN A CG  1 
ATOM   1195 O  OD1 . ASN A 1 159 ? 8.193   13.912  3.301   1.00 27.77 ? 147 ASN A OD1 1 
ATOM   1196 N  ND2 . ASN A 1 159 ? 9.502   13.000  4.876   1.00 17.45 ? 147 ASN A ND2 1 
ATOM   1197 N  N   . ILE A 1 160 ? 10.385  8.455   2.602   1.00 12.11 ? 148 ILE A N   1 
ATOM   1198 C  CA  . ILE A 1 160 ? 10.185  7.068   2.146   1.00 13.38 ? 148 ILE A CA  1 
ATOM   1199 C  C   . ILE A 1 160 ? 10.900  6.177   3.176   1.00 14.64 ? 148 ILE A C   1 
ATOM   1200 O  O   . ILE A 1 160 ? 12.109  6.350   3.413   1.00 17.09 ? 148 ILE A O   1 
ATOM   1201 C  CB  . ILE A 1 160 ? 10.807  6.890   0.724   1.00 13.18 ? 148 ILE A CB  1 
ATOM   1202 C  CG1 . ILE A 1 160 ? 10.086  7.811   -0.265  1.00 13.86 ? 148 ILE A CG1 1 
ATOM   1203 C  CG2 . ILE A 1 160 ? 10.743  5.402   0.288   1.00 14.64 ? 148 ILE A CG2 1 
ATOM   1204 C  CD1 . ILE A 1 160 ? 10.713  7.780   -1.648  1.00 14.63 ? 148 ILE A CD1 1 
ATOM   1205 N  N   . ILE A 1 161 ? 10.169  5.252   3.796   1.00 14.05 ? 149 ILE A N   1 
ATOM   1206 C  CA  . ILE A 1 161 ? 10.749  4.405   4.836   1.00 13.93 ? 149 ILE A CA  1 
ATOM   1207 C  C   . ILE A 1 161 ? 10.762  2.931   4.420   1.00 15.27 ? 149 ILE A C   1 
ATOM   1208 O  O   . ILE A 1 161 ? 9.715   2.331   4.200   1.00 14.06 ? 149 ILE A O   1 
ATOM   1209 C  CB  . ILE A 1 161 ? 9.962   4.557   6.164   1.00 15.30 ? 149 ILE A CB  1 
ATOM   1210 C  CG1 . ILE A 1 161 ? 9.860   6.052   6.545   1.00 15.79 ? 149 ILE A CG1 1 
ATOM   1211 C  CG2 . ILE A 1 161 ? 10.626  3.716   7.279   1.00 17.68 ? 149 ILE A CG2 1 
ATOM   1212 C  CD1 . ILE A 1 161 ? 9.064   6.273   7.827   1.00 15.97 ? 149 ILE A CD1 1 
ATOM   1213 N  N   . ASP A 1 162 ? 11.955  2.369   4.289   1.00 15.46 ? 150 ASP A N   1 
ATOM   1214 C  CA  . ASP A 1 162 ? 12.099  0.945   3.943   1.00 14.80 ? 150 ASP A CA  1 
ATOM   1215 C  C   . ASP A 1 162 ? 11.864  0.162   5.239   1.00 18.45 ? 150 ASP A C   1 
ATOM   1216 O  O   . ASP A 1 162 ? 12.581  0.345   6.238   1.00 18.91 ? 150 ASP A O   1 
ATOM   1217 C  CB  . ASP A 1 162 ? 13.509  0.701   3.391   1.00 17.31 ? 150 ASP A CB  1 
ATOM   1218 C  CG  . ASP A 1 162 ? 13.710  -0.705  2.858   1.00 18.61 ? 150 ASP A CG  1 
ATOM   1219 O  OD1 . ASP A 1 162 ? 13.213  -1.644  3.487   1.00 19.35 ? 150 ASP A OD1 1 
ATOM   1220 O  OD2 . ASP A 1 162 ? 14.406  -0.862  1.825   1.00 19.20 ? 150 ASP A OD2 1 
ATOM   1221 N  N   . LEU A 1 163 ? 10.864  -0.718  5.218   1.00 16.84 ? 151 LEU A N   1 
ATOM   1222 C  CA  . LEU A 1 163 ? 10.490  -1.494  6.393   1.00 16.84 ? 151 LEU A CA  1 
ATOM   1223 C  C   . LEU A 1 163 ? 10.790  -2.974  6.193   1.00 19.85 ? 151 LEU A C   1 
ATOM   1224 O  O   . LEU A 1 163 ? 10.283  -3.820  6.940   1.00 20.27 ? 151 LEU A O   1 
ATOM   1225 C  CB  . LEU A 1 163 ? 8.982   -1.307  6.674   1.00 15.53 ? 151 LEU A CB  1 
ATOM   1226 C  CG  . LEU A 1 163 ? 8.584   0.130   7.001   1.00 17.93 ? 151 LEU A CG  1 
ATOM   1227 C  CD1 . LEU A 1 163 ? 7.059   0.311   7.046   1.00 18.85 ? 151 LEU A CD1 1 
ATOM   1228 C  CD2 . LEU A 1 163 ? 9.227   0.457   8.363   1.00 18.73 ? 151 LEU A CD2 1 
ATOM   1229 N  N   . SER A 1 164 ? 11.627  -3.283  5.212   1.00 20.37 ? 152 SER A N   1 
ATOM   1230 C  CA  . SER A 1 164 ? 11.922  -4.680  4.924   1.00 25.97 ? 152 SER A CA  1 
ATOM   1231 C  C   . SER A 1 164 ? 12.689  -5.385  6.032   1.00 31.27 ? 152 SER A C   1 
ATOM   1232 O  O   . SER A 1 164 ? 12.713  -6.608  6.075   1.00 33.17 ? 152 SER A O   1 
ATOM   1233 C  CB  . SER A 1 164 ? 12.657  -4.822  3.588   1.00 23.77 ? 152 SER A CB  1 
ATOM   1234 O  OG  . SER A 1 164 ? 13.922  -4.181  3.604   1.00 21.77 ? 152 SER A OG  1 
ATOM   1235 N  N   . ASN A 1 165 ? 13.305  -4.626  6.926   1.00 37.80 ? 153 ASN A N   1 
ATOM   1236 C  CA  . ASN A 1 165 ? 14.019  -5.242  8.042   1.00 44.80 ? 153 ASN A CA  1 
ATOM   1237 C  C   . ASN A 1 165 ? 13.170  -5.226  9.306   1.00 45.64 ? 153 ASN A C   1 
ATOM   1238 O  O   . ASN A 1 165 ? 13.680  -5.410  10.416  1.00 45.94 ? 153 ASN A O   1 
ATOM   1239 C  CB  . ASN A 1 165 ? 15.341  -4.529  8.295   1.00 52.20 ? 153 ASN A CB  1 
ATOM   1240 C  CG  . ASN A 1 165 ? 16.388  -4.899  7.278   1.00 59.05 ? 153 ASN A CG  1 
ATOM   1241 O  OD1 . ASN A 1 165 ? 16.693  -6.080  7.094   1.00 63.70 ? 153 ASN A OD1 1 
ATOM   1242 N  ND2 . ASN A 1 165 ? 16.946  -3.898  6.605   1.00 63.72 ? 153 ASN A ND2 1 
ATOM   1243 N  N   . ALA A 1 166 ? 11.870  -5.019  9.139   1.00 45.67 ? 154 ALA A N   1 
ATOM   1244 C  CA  . ALA A 1 166 ? 10.967  -4.990  10.283  1.00 46.11 ? 154 ALA A CA  1 
ATOM   1245 C  C   . ALA A 1 166 ? 9.544   -5.416  9.938   1.00 46.89 ? 154 ALA A C   1 
ATOM   1246 O  O   . ALA A 1 166 ? 8.612   -5.063  10.669  1.00 47.02 ? 154 ALA A O   1 
ATOM   1247 C  CB  . ALA A 1 166 ? 10.943  -3.605  10.871  1.00 45.49 ? 154 ALA A CB  1 
ATOM   1248 N  N   . ASN A 1 167 ? 9.367   -6.177  8.853   1.00 47.87 ? 155 ASN A N   1 
ATOM   1249 C  CA  . ASN A 1 167 ? 8.021   -6.593  8.447   1.00 49.18 ? 155 ASN A CA  1 
ATOM   1250 C  C   . ASN A 1 167 ? 7.540   -7.968  8.923   1.00 51.52 ? 155 ASN A C   1 
ATOM   1251 O  O   . ASN A 1 167 ? 6.422   -8.383  8.599   1.00 51.17 ? 155 ASN A O   1 
ATOM   1252 C  CB  . ASN A 1 167 ? 7.838   -6.450  6.909   1.00 47.02 ? 155 ASN A CB  1 
ATOM   1253 C  CG  . ASN A 1 167 ? 8.875   -7.232  6.084   1.00 46.63 ? 155 ASN A CG  1 
ATOM   1254 O  OD1 . ASN A 1 167 ? 8.878   -7.157  4.840   1.00 40.63 ? 155 ASN A OD1 1 
ATOM   1255 N  ND2 . ASN A 1 167 ? 9.747   -7.977  6.761   1.00 44.95 ? 155 ASN A ND2 1 
ATOM   1256 N  N   . ARG A 1 168 ? 8.360   -8.664  9.707   1.00 54.50 ? 156 ARG A N   1 
ATOM   1257 C  CA  . ARG A 1 168 ? 7.972   -9.979  10.222  1.00 57.77 ? 156 ARG A CA  1 
ATOM   1258 C  C   . ARG A 1 168 ? 7.747   -9.966  11.734  1.00 57.07 ? 156 ARG A C   1 
ATOM   1259 O  O   . ARG A 1 168 ? 8.458   -9.286  12.476  1.00 57.28 ? 156 ARG A O   1 
ATOM   1260 C  CB  . ARG A 1 168 ? 9.030   -11.024 9.883   1.00 61.88 ? 156 ARG A CB  1 
ATOM   1261 C  CG  . ARG A 1 168 ? 9.279   -11.195 8.397   1.00 68.05 ? 156 ARG A CG  1 
ATOM   1262 C  CD  . ARG A 1 168 ? 10.297  -12.293 8.173   1.00 72.76 ? 156 ARG A CD  1 
ATOM   1263 N  NE  . ARG A 1 168 ? 10.994  -12.142 6.906   1.00 77.48 ? 156 ARG A NE  1 
ATOM   1264 C  CZ  . ARG A 1 168 ? 11.658  -11.047 6.549   1.00 79.93 ? 156 ARG A CZ  1 
ATOM   1265 N  NH1 . ARG A 1 168 ? 11.707  -10.003 7.364   1.00 81.55 ? 156 ARG A NH1 1 
ATOM   1266 N  NH2 . ARG A 1 168 ? 12.297  -11.004 5.387   1.00 81.80 ? 156 ARG A NH2 1 
ATOM   1267 N  N   . CYS A 1 169 ? 6.753   -10.730 12.180  1.00 56.37 ? 157 CYS A N   1 
ATOM   1268 C  CA  . CYS A 1 169 ? 6.418   -10.811 13.598  1.00 55.49 ? 157 CYS A CA  1 
ATOM   1269 C  C   . CYS A 1 169 ? 7.275   -11.794 14.378  1.00 56.03 ? 157 CYS A C   1 
ATOM   1270 O  O   . CYS A 1 169 ? 8.196   -12.389 13.775  1.00 55.97 ? 157 CYS A O   1 
ATOM   1271 C  CB  . CYS A 1 169 ? 4.943   -11.176 13.756  1.00 54.05 ? 157 CYS A CB  1 
ATOM   1272 S  SG  . CYS A 1 169 ? 3.882   -9.846  13.120  1.00 52.40 ? 157 CYS A SG  1 
HETATM 1273 CD CD  . CD  B 2 .   ? 14.724  12.717  -9.622  1.00 13.31 ? 200 CD  A CD  1 
HETATM 1274 CD CD  . CD  C 2 .   ? -11.004 -15.139 -13.779 1.00 25.84 ? 201 CD  A CD  1 
HETATM 1275 C  CAA . PE9 D 3 .   ? -3.335  -2.910  -1.630  1.00 25.34 ? 202 PE9 A CAA 1 
HETATM 1276 C  CAC . PE9 D 3 .   ? -3.362  -2.078  -0.347  1.00 25.98 ? 202 PE9 A CAC 1 
HETATM 1277 C  CAE . PE9 D 3 .   ? -2.727  -0.706  -0.578  1.00 25.25 ? 202 PE9 A CAE 1 
HETATM 1278 C  CAF . PE9 D 3 .   ? -2.838  0.162   0.678   1.00 24.39 ? 202 PE9 A CAF 1 
HETATM 1279 C  CAD . PE9 D 3 .   ? -2.192  1.533   0.469   1.00 23.48 ? 202 PE9 A CAD 1 
HETATM 1280 O  OAB . PE9 D 3 .   ? -0.798  1.379   0.190   1.00 24.59 ? 202 PE9 A OAB 1 
HETATM 1281 C  CAA . PE9 E 3 .   ? -6.328  1.923   4.690   1.00 23.16 ? 203 PE9 A CAA 1 
HETATM 1282 C  CAC . PE9 E 3 .   ? -5.020  1.131   4.667   1.00 26.17 ? 203 PE9 A CAC 1 
HETATM 1283 C  CAE . PE9 E 3 .   ? -3.820  2.075   4.714   1.00 25.70 ? 203 PE9 A CAE 1 
HETATM 1284 C  CAF . PE9 E 3 .   ? -2.494  1.308   4.733   1.00 23.38 ? 203 PE9 A CAF 1 
HETATM 1285 C  CAD . PE9 E 3 .   ? -1.352  2.269   5.065   1.00 26.73 ? 203 PE9 A CAD 1 
HETATM 1286 O  OAB . PE9 E 3 .   ? -0.115  1.561   5.183   1.00 22.44 ? 203 PE9 A OAB 1 
HETATM 1287 O  O   . HOH F 4 .   ? -0.928  8.912   -9.781  1.00 11.27 ? 204 HOH A O   1 
HETATM 1288 O  O   . HOH F 4 .   ? -8.759  7.184   14.256  1.00 14.91 ? 205 HOH A O   1 
HETATM 1289 O  O   . HOH F 4 .   ? -3.436  8.309   -7.399  1.00 9.80  ? 206 HOH A O   1 
HETATM 1290 O  O   . HOH F 4 .   ? 6.310   -11.221 -14.392 1.00 18.37 ? 207 HOH A O   1 
HETATM 1291 O  O   . HOH F 4 .   ? 13.181  -11.300 -0.552  1.00 14.08 ? 208 HOH A O   1 
HETATM 1292 O  O   . HOH F 4 .   ? 0.540   -0.759  4.281   1.00 13.44 ? 209 HOH A O   1 
HETATM 1293 O  O   . HOH F 4 .   ? 9.159   -9.835  -3.512  1.00 15.66 ? 210 HOH A O   1 
HETATM 1294 O  O   . HOH F 4 .   ? -9.686  10.003  0.641   1.00 16.02 ? 211 HOH A O   1 
HETATM 1295 O  O   . HOH F 4 .   ? 8.974   15.151  -5.671  1.00 13.90 ? 212 HOH A O   1 
HETATM 1296 O  O   . HOH F 4 .   ? 16.441  -9.086  1.853   1.00 15.84 ? 213 HOH A O   1 
HETATM 1297 O  O   . HOH F 4 .   ? 9.894   9.830   -13.315 1.00 16.04 ? 214 HOH A O   1 
HETATM 1298 O  O   . HOH F 4 .   ? -6.085  13.374  6.535   1.00 15.35 ? 215 HOH A O   1 
HETATM 1299 O  O   . HOH F 4 .   ? -1.279  15.783  0.765   1.00 15.47 ? 216 HOH A O   1 
HETATM 1300 O  O   . HOH F 4 .   ? -9.352  -16.707 -14.174 1.00 24.45 ? 217 HOH A O   1 
HETATM 1301 O  O   . HOH F 4 .   ? 4.318   -6.959  5.743   1.00 15.50 ? 218 HOH A O   1 
HETATM 1302 O  O   . HOH F 4 .   ? -5.519  10.025  9.193   1.00 16.50 ? 219 HOH A O   1 
HETATM 1303 O  O   . HOH F 4 .   ? -4.113  18.612  5.192   1.00 21.53 ? 220 HOH A O   1 
HETATM 1304 O  O   . HOH F 4 .   ? -13.016 12.297  6.191   1.00 16.60 ? 221 HOH A O   1 
HETATM 1305 O  O   . HOH F 4 .   ? -4.713  7.043   -6.152  1.00 19.62 ? 222 HOH A O   1 
HETATM 1306 O  O   . HOH F 4 .   ? 12.592  -8.173  -6.687  1.00 16.83 ? 223 HOH A O   1 
HETATM 1307 O  O   . HOH F 4 .   ? 1.709   11.849  -10.593 1.00 20.77 ? 224 HOH A O   1 
HETATM 1308 O  O   . HOH F 4 .   ? 14.499  3.760   5.048   1.00 21.52 ? 225 HOH A O   1 
HETATM 1309 O  O   . HOH F 4 .   ? 13.806  7.807   4.996   1.00 22.89 ? 226 HOH A O   1 
HETATM 1310 O  O   . HOH F 4 .   ? 9.727   -17.568 -4.312  1.00 21.69 ? 227 HOH A O   1 
HETATM 1311 O  O   . HOH F 4 .   ? 18.843  -6.025  -5.474  1.00 23.65 ? 228 HOH A O   1 
HETATM 1312 O  O   . HOH F 4 .   ? -2.570  -7.026  -16.937 1.00 27.11 ? 229 HOH A O   1 
HETATM 1313 O  O   . HOH F 4 .   ? 10.496  -10.590 -5.890  1.00 21.07 ? 230 HOH A O   1 
HETATM 1314 O  O   . HOH F 4 .   ? -1.110  16.932  3.025   1.00 23.82 ? 231 HOH A O   1 
HETATM 1315 O  O   . HOH F 4 .   ? -12.398 6.488   10.668  1.00 26.67 ? 232 HOH A O   1 
HETATM 1316 O  O   . HOH F 4 .   ? 16.861  5.963   -11.155 1.00 25.53 ? 233 HOH A O   1 
HETATM 1317 O  O   . HOH F 4 .   ? 13.209  9.734   -6.765  1.00 27.27 ? 234 HOH A O   1 
HETATM 1318 O  O   . HOH F 4 .   ? -9.647  -6.790  -13.421 1.00 27.22 ? 235 HOH A O   1 
HETATM 1319 O  O   . HOH F 4 .   ? -1.791  -0.785  -18.972 1.00 28.83 ? 236 HOH A O   1 
HETATM 1320 O  O   . HOH F 4 .   ? 8.964   12.648  12.264  1.00 31.97 ? 237 HOH A O   1 
HETATM 1321 O  O   . HOH F 4 .   ? 16.890  -4.834  -1.659  1.00 28.56 ? 238 HOH A O   1 
HETATM 1322 O  O   . HOH F 4 .   ? -0.741  -13.438 -9.856  1.00 24.98 ? 239 HOH A O   1 
HETATM 1323 O  O   . HOH F 4 .   ? -22.452 -11.793 -6.882  1.00 28.63 ? 240 HOH A O   1 
HETATM 1324 O  O   . HOH F 4 .   ? -8.384  19.196  11.384  1.00 22.24 ? 241 HOH A O   1 
HETATM 1325 O  O   . HOH F 4 .   ? -4.152  14.435  8.346   1.00 26.31 ? 242 HOH A O   1 
HETATM 1326 O  O   . HOH F 4 .   ? 2.249   -15.963 -11.921 1.00 26.82 ? 243 HOH A O   1 
HETATM 1327 O  O   . HOH F 4 .   ? -10.288 10.652  -1.947  1.00 25.59 ? 244 HOH A O   1 
HETATM 1328 O  O   . HOH F 4 .   ? -14.861 0.851   5.042   1.00 29.63 ? 245 HOH A O   1 
HETATM 1329 O  O   . HOH F 4 .   ? -15.609 2.084   1.496   1.00 27.11 ? 246 HOH A O   1 
HETATM 1330 O  O   . HOH F 4 .   ? -17.304 -8.032  -3.561  1.00 37.05 ? 247 HOH A O   1 
HETATM 1331 O  O   . HOH F 4 .   ? 14.513  -6.293  -10.434 1.00 30.75 ? 248 HOH A O   1 
HETATM 1332 O  O   . HOH F 4 .   ? 16.593  6.909   -1.340  1.00 24.38 ? 249 HOH A O   1 
HETATM 1333 O  O   . HOH F 4 .   ? -15.127 -0.354  2.502   1.00 29.70 ? 250 HOH A O   1 
HETATM 1334 O  O   . HOH F 4 .   ? -7.223  21.507  10.406  1.00 29.18 ? 251 HOH A O   1 
HETATM 1335 O  O   . HOH F 4 .   ? 13.950  18.211  2.898   1.00 25.85 ? 252 HOH A O   1 
HETATM 1336 O  O   . HOH F 4 .   ? 14.253  12.066  -5.467  1.00 25.11 ? 253 HOH A O   1 
HETATM 1337 O  O   . HOH F 4 .   ? -3.459  6.013   -10.043 1.00 30.10 ? 254 HOH A O   1 
HETATM 1338 O  O   . HOH F 4 .   ? 13.910  13.233  -2.921  1.00 29.61 ? 255 HOH A O   1 
HETATM 1339 O  O   . HOH F 4 .   ? 9.010   -13.536 -8.637  1.00 22.64 ? 256 HOH A O   1 
HETATM 1340 O  O   . HOH F 4 .   ? 0.918   7.579   -11.001 1.00 31.80 ? 257 HOH A O   1 
HETATM 1341 O  O   . HOH F 4 .   ? 7.248   15.352  0.209   1.00 27.01 ? 258 HOH A O   1 
HETATM 1342 O  O   . HOH F 4 .   ? 2.373   -12.454 4.189   1.00 30.87 ? 259 HOH A O   1 
HETATM 1343 O  O   . HOH F 4 .   ? 14.768  -10.080 3.957   1.00 26.87 ? 260 HOH A O   1 
HETATM 1344 O  O   . HOH F 4 .   ? 17.381  1.294   -4.637  1.00 35.03 ? 261 HOH A O   1 
HETATM 1345 O  O   . HOH F 4 .   ? -7.266  7.331   -4.801  1.00 31.90 ? 262 HOH A O   1 
HETATM 1346 O  O   . HOH F 4 .   ? 15.537  1.141   -11.104 1.00 28.07 ? 263 HOH A O   1 
HETATM 1347 O  O   . HOH F 4 .   ? -3.639  18.309  11.586  1.00 41.18 ? 264 HOH A O   1 
HETATM 1348 O  O   . HOH F 4 .   ? 10.840  4.616   10.982  1.00 35.05 ? 265 HOH A O   1 
HETATM 1349 O  O   . HOH F 4 .   ? 11.240  10.435  -4.028  1.00 26.35 ? 266 HOH A O   1 
HETATM 1350 O  O   . HOH F 4 .   ? 21.127  -2.370  -7.738  1.00 38.32 ? 267 HOH A O   1 
HETATM 1351 O  O   . HOH F 4 .   ? 18.450  -4.707  -8.307  1.00 27.14 ? 268 HOH A O   1 
HETATM 1352 O  O   . HOH F 4 .   ? 13.708  -12.272 7.625   1.00 33.46 ? 269 HOH A O   1 
HETATM 1353 O  O   . HOH F 4 .   ? 10.530  10.443  -11.021 1.00 28.35 ? 270 HOH A O   1 
HETATM 1354 O  O   . HOH F 4 .   ? -10.452 3.547   12.011  1.00 28.33 ? 271 HOH A O   1 
HETATM 1355 O  O   . HOH F 4 .   ? -4.866  20.874  6.433   1.00 32.07 ? 272 HOH A O   1 
HETATM 1356 O  O   . HOH F 4 .   ? -18.109 -3.296  -2.972  1.00 37.61 ? 273 HOH A O   1 
HETATM 1357 O  O   . HOH F 4 .   ? 3.966   8.854   14.507  1.00 31.18 ? 274 HOH A O   1 
HETATM 1358 O  O   . HOH F 4 .   ? -10.556 -3.404  -9.798  1.00 31.79 ? 275 HOH A O   1 
HETATM 1359 O  O   . HOH F 4 .   ? -12.140 -14.948 -9.221  1.00 44.24 ? 276 HOH A O   1 
HETATM 1360 O  O   . HOH F 4 .   ? -5.463  -15.323 -9.392  1.00 33.17 ? 277 HOH A O   1 
HETATM 1361 O  O   . HOH F 4 .   ? 7.587   -9.576  -13.711 1.00 39.44 ? 278 HOH A O   1 
HETATM 1362 O  O   . HOH F 4 .   ? -10.719 10.068  -5.768  1.00 31.14 ? 279 HOH A O   1 
HETATM 1363 O  O   . HOH F 4 .   ? -3.565  9.455   12.487  1.00 31.00 ? 280 HOH A O   1 
HETATM 1364 O  O   . HOH F 4 .   ? -3.935  -10.029 16.866  1.00 38.27 ? 281 HOH A O   1 
HETATM 1365 O  O   . HOH F 4 .   ? 4.289   14.391  9.720   1.00 33.42 ? 282 HOH A O   1 
HETATM 1366 O  O   . HOH F 4 .   ? 8.431   -12.947 -6.221  1.00 31.51 ? 283 HOH A O   1 
HETATM 1367 O  O   . HOH F 4 .   ? 1.418   17.084  4.000   1.00 33.90 ? 284 HOH A O   1 
HETATM 1368 O  O   . HOH F 4 .   ? -9.138  -0.905  -14.691 1.00 35.28 ? 285 HOH A O   1 
HETATM 1369 O  O   . HOH F 4 .   ? 6.733   -0.968  13.202  1.00 34.19 ? 286 HOH A O   1 
HETATM 1370 O  O   . HOH F 4 .   ? -13.327 0.484   -8.746  1.00 31.72 ? 287 HOH A O   1 
HETATM 1371 O  O   . HOH F 4 .   ? -13.506 -2.778  6.593   1.00 40.38 ? 288 HOH A O   1 
HETATM 1372 O  O   . HOH F 4 .   ? 0.321   0.510   -16.847 1.00 47.62 ? 289 HOH A O   1 
HETATM 1373 O  O   . HOH F 4 .   ? 0.101   -11.977 10.998  1.00 35.71 ? 290 HOH A O   1 
HETATM 1374 O  O   . HOH F 4 .   ? 10.559  15.193  6.098   1.00 38.96 ? 291 HOH A O   1 
HETATM 1375 O  O   . HOH F 4 .   ? 12.705  -8.625  4.554   1.00 35.28 ? 292 HOH A O   1 
HETATM 1376 O  O   . HOH F 4 .   ? -1.036  8.229   12.973  1.00 27.64 ? 293 HOH A O   1 
HETATM 1377 O  O   . HOH F 4 .   ? -1.187  12.124  13.270  1.00 43.82 ? 294 HOH A O   1 
HETATM 1378 O  O   . HOH F 4 .   ? 8.352   4.287   -11.354 1.00 33.89 ? 295 HOH A O   1 
HETATM 1379 O  O   . HOH F 4 .   ? 9.502   2.911   -13.209 1.00 42.78 ? 296 HOH A O   1 
HETATM 1380 O  O   . HOH F 4 .   ? 12.629  6.681   9.868   1.00 38.18 ? 297 HOH A O   1 
HETATM 1381 O  O   . HOH F 4 .   ? -6.046  15.288  10.338  1.00 46.02 ? 298 HOH A O   1 
HETATM 1382 O  O   . HOH F 4 .   ? 3.030   -0.661  13.113  1.00 28.43 ? 299 HOH A O   1 
HETATM 1383 O  O   . HOH F 4 .   ? 5.853   -9.382  6.285   1.00 33.55 ? 300 HOH A O   1 
HETATM 1384 O  O   . HOH F 4 .   ? 13.812  3.348   -2.360  1.00 36.57 ? 301 HOH A O   1 
HETATM 1385 O  O   . HOH F 4 .   ? -6.326  -8.636  -18.709 1.00 50.11 ? 302 HOH A O   1 
HETATM 1386 O  O   . HOH F 4 .   ? 16.306  17.641  3.703   1.00 42.36 ? 303 HOH A O   1 
HETATM 1387 O  O   . HOH F 4 .   ? 14.897  1.995   6.983   1.00 48.85 ? 304 HOH A O   1 
HETATM 1388 O  O   . HOH F 4 .   ? -13.849 11.767  -8.104  1.00 41.56 ? 305 HOH A O   1 
HETATM 1389 O  O   . HOH F 4 .   ? 12.099  -7.789  8.248   1.00 59.14 ? 306 HOH A O   1 
HETATM 1390 O  O   . HOH F 4 .   ? -12.162 -6.330  -6.779  1.00 35.01 ? 307 HOH A O   1 
HETATM 1391 O  O   . HOH F 4 .   ? -7.361  -13.919 1.917   1.00 46.83 ? 308 HOH A O   1 
HETATM 1392 O  O   . HOH F 4 .   ? 7.718   6.302   -12.442 1.00 39.98 ? 309 HOH A O   1 
HETATM 1393 O  O   . HOH F 4 .   ? 16.550  3.441   -3.825  1.00 42.83 ? 310 HOH A O   1 
HETATM 1394 O  O   . HOH F 4 .   ? -16.986 2.599   -2.601  1.00 49.57 ? 311 HOH A O   1 
HETATM 1395 O  O   . HOH F 4 .   ? 15.770  1.292   0.891   1.00 36.01 ? 312 HOH A O   1 
HETATM 1396 O  O   . HOH F 4 .   ? -16.593 5.099   -1.576  1.00 41.36 ? 313 HOH A O   1 
HETATM 1397 O  O   . HOH F 4 .   ? -12.947 -8.072  -8.507  1.00 38.54 ? 314 HOH A O   1 
HETATM 1398 O  O   . HOH F 4 .   ? 0.023   4.293   -13.632 1.00 37.50 ? 315 HOH A O   1 
HETATM 1399 O  O   . HOH F 4 .   ? 13.169  1.692   9.150   1.00 47.31 ? 316 HOH A O   1 
HETATM 1400 O  O   . HOH F 4 .   ? -7.247  15.604  13.642  1.00 45.96 ? 317 HOH A O   1 
HETATM 1401 O  O   . HOH F 4 .   ? 16.106  -0.964  5.679   1.00 47.35 ? 318 HOH A O   1 
HETATM 1402 O  O   . HOH F 4 .   ? 10.256  6.158   13.131  1.00 42.12 ? 319 HOH A O   1 
HETATM 1403 O  O   . HOH F 4 .   ? -10.962 -0.527  9.040   1.00 44.72 ? 320 HOH A O   1 
HETATM 1404 O  O   . HOH F 4 .   ? 6.189   -6.676  11.387  1.00 38.99 ? 321 HOH A O   1 
HETATM 1405 O  O   . HOH F 4 .   ? -13.356 -0.236  7.558   1.00 44.69 ? 322 HOH A O   1 
HETATM 1406 O  O   . HOH F 4 .   ? -16.387 -7.809  0.658   1.00 44.16 ? 323 HOH A O   1 
HETATM 1407 O  O   . HOH F 4 .   ? 17.680  -2.647  -0.729  1.00 38.68 ? 324 HOH A O   1 
HETATM 1408 O  O   . HOH F 4 .   ? -4.201  0.357   13.804  1.00 37.67 ? 325 HOH A O   1 
HETATM 1409 O  O   . HOH F 4 .   ? 1.907   -12.050 -14.533 1.00 37.95 ? 326 HOH A O   1 
HETATM 1410 O  O   . HOH F 4 .   ? 10.436  -7.924  11.912  1.00 52.64 ? 327 HOH A O   1 
HETATM 1411 O  O   . HOH F 4 .   ? -3.392  4.165   -11.504 1.00 40.49 ? 328 HOH A O   1 
HETATM 1412 O  O   . HOH F 4 .   ? 6.141   10.419  14.743  1.00 41.38 ? 329 HOH A O   1 
HETATM 1413 O  O   . HOH F 4 .   ? -14.261 7.940   -5.995  1.00 46.47 ? 330 HOH A O   1 
HETATM 1414 O  O   . HOH F 4 .   ? -17.840 -3.842  2.265   1.00 45.94 ? 331 HOH A O   1 
HETATM 1415 O  O   . HOH F 4 .   ? 13.825  -1.886  7.371   1.00 39.24 ? 332 HOH A O   1 
HETATM 1416 O  O   . HOH F 4 .   ? 9.682   -6.868  -11.333 1.00 39.93 ? 333 HOH A O   1 
HETATM 1417 O  O   . HOH F 4 .   ? 14.335  11.225  6.998   1.00 40.22 ? 334 HOH A O   1 
HETATM 1418 O  O   . HOH F 4 .   ? 15.346  13.302  -7.473  1.00 15.02 ? 335 HOH A O   1 
HETATM 1419 O  O   . HOH F 4 .   ? 15.060  6.056   6.264   1.00 19.26 ? 336 HOH A O   1 
HETATM 1420 O  O   . HOH F 4 .   ? -12.689 10.543  -3.537  1.00 25.61 ? 337 HOH A O   1 
HETATM 1421 O  O   . HOH F 4 .   ? -9.096  11.095  -4.273  1.00 27.35 ? 338 HOH A O   1 
HETATM 1422 O  O   . HOH F 4 .   ? -2.526  19.292  3.094   1.00 28.09 ? 339 HOH A O   1 
HETATM 1423 O  O   . HOH F 4 .   ? 6.219   15.139  6.493   1.00 29.92 ? 340 HOH A O   1 
HETATM 1424 O  O   . HOH F 4 .   ? -1.732  7.016   -8.766  1.00 27.27 ? 341 HOH A O   1 
HETATM 1425 O  O   . HOH F 4 .   ? 14.018  5.785   -1.382  1.00 29.66 ? 342 HOH A O   1 
HETATM 1426 O  O   . HOH F 4 .   ? -10.800 -4.532  -12.237 1.00 30.00 ? 343 HOH A O   1 
HETATM 1427 O  O   . HOH F 4 .   ? 15.779  -10.728 6.384   1.00 32.98 ? 344 HOH A O   1 
HETATM 1428 O  O   . HOH F 4 .   ? 14.301  3.618   -11.805 1.00 35.72 ? 345 HOH A O   1 
HETATM 1429 O  O   . HOH F 4 .   ? 3.855   -14.890 4.749   1.00 38.48 ? 346 HOH A O   1 
HETATM 1430 O  O   . HOH F 4 .   ? 11.917  4.262   -12.823 1.00 36.53 ? 347 HOH A O   1 
HETATM 1431 O  O   . HOH F 4 .   ? 10.727  -6.019  -13.402 1.00 44.97 ? 348 HOH A O   1 
HETATM 1432 O  O   . HOH F 4 .   ? 21.835  -3.309  -4.807  1.00 36.56 ? 349 HOH A O   1 
HETATM 1433 O  O   . HOH F 4 .   ? 8.365   -5.996  -14.431 1.00 46.24 ? 350 HOH A O   1 
HETATM 1434 O  O   . HOH F 4 .   ? -5.615  8.313   -8.406  1.00 40.00 ? 351 HOH A O   1 
HETATM 1435 O  O   . HOH F 4 .   ? 0.454   10.138  13.438  1.00 50.58 ? 352 HOH A O   1 
HETATM 1436 O  O   . HOH F 4 .   ? -5.622  7.560   -11.094 1.00 39.76 ? 353 HOH A O   1 
HETATM 1437 O  O   . HOH F 4 .   ? -10.738 -3.002  -14.564 1.00 40.99 ? 354 HOH A O   1 
HETATM 1438 O  O   . HOH F 4 .   ? -3.625  -15.399 0.657   1.00 40.62 ? 355 HOH A O   1 
HETATM 1439 O  O   . HOH F 4 .   ? 2.886   9.405   -11.639 1.00 38.61 ? 356 HOH A O   1 
HETATM 1440 O  O   . HOH F 4 .   ? 2.364   1.719   14.277  1.00 39.28 ? 357 HOH A O   1 
HETATM 1441 O  O   . HOH F 4 .   ? 16.433  19.665  2.287   1.00 44.15 ? 358 HOH A O   1 
HETATM 1442 O  O   . HOH F 4 .   ? 8.340   2.669   -15.630 1.00 46.83 ? 359 HOH A O   1 
HETATM 1443 O  O   . HOH F 4 .   ? -10.324 0.816   -16.856 1.00 43.39 ? 360 HOH A O   1 
HETATM 1444 O  O   . HOH F 4 .   ? -5.569  -14.383 -0.545  1.00 37.91 ? 361 HOH A O   1 
HETATM 1445 O  O   . HOH F 4 .   ? 16.280  -5.376  4.111   1.00 37.99 ? 362 HOH A O   1 
HETATM 1446 O  O   . HOH F 4 .   ? -1.642  -14.623 2.671   1.00 52.26 ? 363 HOH A O   1 
HETATM 1447 O  O   . HOH F 4 .   ? 4.011   -9.945  -14.875 1.00 39.54 ? 364 HOH A O   1 
HETATM 1448 O  O   . HOH F 4 .   ? -15.585 3.937   3.106   1.00 44.22 ? 365 HOH A O   1 
HETATM 1449 O  O   . HOH F 4 .   ? -18.502 -1.154  -4.480  1.00 45.33 ? 366 HOH A O   1 
HETATM 1450 O  O   . HOH F 4 .   ? 11.735  -3.561  -12.797 1.00 44.23 ? 367 HOH A O   1 
HETATM 1451 O  O   . HOH F 4 .   ? 1.699   18.904  1.904   1.00 43.07 ? 368 HOH A O   1 
HETATM 1452 O  O   . HOH F 4 .   ? -6.209  17.569  11.494  1.00 50.52 ? 369 HOH A O   1 
HETATM 1453 O  O   . HOH F 4 .   ? -11.123 7.674   12.916  1.00 44.34 ? 370 HOH A O   1 
HETATM 1454 O  O   . HOH F 4 .   ? 0.733   -13.325 -12.335 1.00 44.75 ? 371 HOH A O   1 
HETATM 1455 O  O   . HOH F 4 .   ? -12.574 -10.285 -10.119 1.00 49.97 ? 372 HOH A O   1 
HETATM 1456 O  O   . HOH F 4 .   ? -11.634 1.081   10.981  1.00 51.37 ? 373 HOH A O   1 
HETATM 1457 O  O   . HOH F 4 .   ? -0.487  3.780   -16.219 1.00 43.55 ? 374 HOH A O   1 
HETATM 1458 O  O   . HOH F 4 .   ? 13.694  18.380  5.331   1.00 48.07 ? 375 HOH A O   1 
HETATM 1459 O  O   . HOH F 4 .   ? -2.870  15.687  11.650  1.00 48.11 ? 376 HOH A O   1 
HETATM 1460 O  O   . HOH F 4 .   ? -9.588  -4.853  -17.118 1.00 50.76 ? 377 HOH A O   1 
HETATM 1461 O  O   . HOH F 4 .   ? -15.714 7.157   -3.098  1.00 47.34 ? 378 HOH A O   1 
HETATM 1462 O  O   . HOH F 4 .   ? 3.540   -10.475 5.582   1.00 47.50 ? 379 HOH A O   1 
HETATM 1463 O  O   . HOH F 4 .   ? 6.756   2.422   -12.737 1.00 54.27 ? 380 HOH A O   1 
HETATM 1464 O  O   . HOH F 4 .   ? 13.869  3.075   0.157   1.00 48.06 ? 381 HOH A O   1 
HETATM 1465 O  O   . HOH F 4 .   ? 3.723   -11.041 7.974   1.00 50.89 ? 382 HOH A O   1 
HETATM 1466 O  O   . HOH F 4 .   ? 11.462  11.357  12.255  1.00 49.29 ? 383 HOH A O   1 
HETATM 1467 O  O   . HOH F 4 .   ? 2.238   5.433   -12.999 1.00 43.69 ? 384 HOH A O   1 
HETATM 1468 O  O   . HOH F 4 .   ? 14.154  11.093  9.786   1.00 48.81 ? 385 HOH A O   1 
HETATM 1469 O  O   . HOH F 4 .   ? -1.909  1.499   14.931  1.00 48.32 ? 386 HOH A O   1 
HETATM 1470 O  O   . HOH F 4 .   ? -4.973  -9.807  9.566   1.00 45.17 ? 387 HOH A O   1 
HETATM 1471 O  O   . HOH F 4 .   ? -4.248  -12.804 8.897   1.00 48.83 ? 388 HOH A O   1 
HETATM 1472 O  O   . HOH F 4 .   ? -3.544  -2.236  14.962  1.00 51.65 ? 389 HOH A O   1 
HETATM 1473 O  O   . HOH F 4 .   ? 6.951   -12.470 18.548  1.00 52.23 ? 390 HOH A O   1 
HETATM 1474 O  O   . HOH F 4 .   ? -0.905  7.659   16.102  1.00 50.74 ? 391 HOH A O   1 
HETATM 1475 O  O   . HOH F 4 .   ? 17.001  2.275   -1.137  1.00 59.14 ? 392 HOH A O   1 
HETATM 1476 O  O   . HOH F 4 .   ? -5.095  12.827  13.003  1.00 46.47 ? 393 HOH A O   1 
HETATM 1477 O  O   . HOH F 4 .   ? -9.710  -6.447  12.128  1.00 39.00 ? 394 HOH A O   1 
HETATM 1478 O  O   . HOH F 4 .   ? -3.913  4.070   -16.492 1.00 45.13 ? 395 HOH A O   1 
HETATM 1479 O  O   . HOH F 4 .   ? 17.423  8.354   -12.595 1.00 41.55 ? 396 HOH A O   1 
HETATM 1480 O  O   . HOH F 4 .   ? 15.756  -8.567  7.999   1.00 55.65 ? 397 HOH A O   1 
HETATM 1481 O  O   . HOH F 4 .   ? -17.817 6.416   0.150   1.00 47.76 ? 398 HOH A O   1 
HETATM 1482 O  O   . HOH F 4 .   ? -9.407  -2.356  10.454  1.00 49.89 ? 399 HOH A O   1 
HETATM 1483 O  O   . HOH F 4 .   ? -4.845  -17.257 3.664   1.00 52.83 ? 400 HOH A O   1 
HETATM 1484 O  O   . HOH F 4 .   ? -18.851 3.298   -12.555 1.00 55.84 ? 401 HOH A O   1 
HETATM 1485 O  O   . HOH F 4 .   ? -13.994 4.538   -14.371 1.00 50.14 ? 402 HOH A O   1 
HETATM 1486 O  O   . HOH F 4 .   ? -10.178 5.130   -13.802 1.00 46.27 ? 403 HOH A O   1 
HETATM 1487 O  O   . HOH F 4 .   ? -17.103 1.419   6.384   1.00 58.13 ? 404 HOH A O   1 
HETATM 1488 O  O   . HOH F 4 .   ? 1.048   0.526   16.881  1.00 48.62 ? 405 HOH A O   1 
HETATM 1489 O  O   . HOH F 4 .   ? 12.106  4.300   13.534  1.00 52.55 ? 406 HOH A O   1 
HETATM 1490 O  O   . HOH F 4 .   ? 13.930  11.558  -11.519 1.00 13.36 ? 407 HOH A O   1 
HETATM 1491 O  O   . HOH F 4 .   ? 15.201  14.785  -10.445 1.00 17.21 ? 408 HOH A O   1 
HETATM 1492 O  O   . HOH F 4 .   ? -12.159 -15.755 -15.662 1.00 20.24 ? 409 HOH A O   1 
# 
